data_1WGV
#
_entry.id   1WGV
#
_entity_poly.entity_id   1
_entity_poly.type   'polypeptide(L)'
_entity_poly.pdbx_seq_one_letter_code
;GSSGSSGQKNPDSYNGAVRENYTWSQDYTDLEVRVPVPKHVVKGKQVSVALSSSSIRVAMLEENGERVLMEGKLTHKINT
ESSLWSLEPGKCVLVNLSKVGEYWWNAILEGEEPIDIDSGPSSG
;
_entity_poly.pdbx_strand_id   A
#
# COMPACT_ATOMS: atom_id res chain seq x y z
N GLY A 1 28.79 -17.46 -3.12
CA GLY A 1 29.03 -17.93 -4.48
C GLY A 1 27.86 -17.56 -5.41
N SER A 2 28.07 -16.50 -6.17
CA SER A 2 27.06 -16.03 -7.10
C SER A 2 26.65 -17.16 -8.04
N SER A 3 25.34 -17.42 -8.07
CA SER A 3 24.81 -18.48 -8.92
C SER A 3 23.36 -18.16 -9.28
N GLY A 4 23.19 -17.66 -10.49
CA GLY A 4 21.86 -17.31 -10.98
C GLY A 4 21.73 -15.81 -11.18
N SER A 5 20.48 -15.36 -11.27
CA SER A 5 20.21 -13.94 -11.46
C SER A 5 20.79 -13.13 -10.30
N SER A 6 21.74 -12.28 -10.65
CA SER A 6 22.39 -11.44 -9.65
C SER A 6 22.28 -9.97 -10.04
N GLY A 7 22.48 -9.10 -9.06
CA GLY A 7 22.40 -7.68 -9.29
C GLY A 7 21.48 -7.00 -8.28
N GLN A 8 20.67 -6.08 -8.78
CA GLN A 8 19.73 -5.36 -7.93
C GLN A 8 18.47 -5.01 -8.72
N LYS A 9 17.52 -5.94 -8.71
CA LYS A 9 16.26 -5.74 -9.41
C LYS A 9 15.25 -5.09 -8.46
N ASN A 10 15.36 -5.46 -7.19
CA ASN A 10 14.47 -4.92 -6.18
C ASN A 10 14.83 -5.50 -4.81
N PRO A 11 14.51 -4.72 -3.75
CA PRO A 11 14.81 -5.14 -2.39
C PRO A 11 13.83 -6.22 -1.93
N ASP A 12 12.55 -5.94 -2.12
CA ASP A 12 11.51 -6.87 -1.73
C ASP A 12 10.30 -6.70 -2.65
N SER A 13 9.86 -5.46 -2.77
CA SER A 13 8.72 -5.16 -3.63
C SER A 13 9.13 -5.23 -5.09
N TYR A 14 8.49 -6.15 -5.81
CA TYR A 14 8.77 -6.34 -7.22
C TYR A 14 8.55 -5.03 -8.00
N ASN A 15 9.63 -4.26 -8.11
CA ASN A 15 9.57 -3.00 -8.83
C ASN A 15 8.55 -2.09 -8.16
N GLY A 16 9.06 -1.00 -7.58
CA GLY A 16 8.20 -0.06 -6.90
C GLY A 16 9.02 0.86 -5.99
N ALA A 17 8.30 1.54 -5.10
CA ALA A 17 8.95 2.44 -4.15
C ALA A 17 8.93 1.81 -2.76
N VAL A 18 9.92 2.18 -1.96
CA VAL A 18 10.03 1.67 -0.61
C VAL A 18 10.27 2.82 0.35
N ARG A 19 9.65 2.73 1.52
CA ARG A 19 9.80 3.75 2.53
C ARG A 19 9.57 3.16 3.93
N GLU A 20 9.88 3.97 4.93
CA GLU A 20 9.72 3.54 6.31
C GLU A 20 8.36 4.00 6.85
N ASN A 21 7.32 3.41 6.31
CA ASN A 21 5.97 3.75 6.73
C ASN A 21 4.98 2.73 6.14
N TYR A 22 4.99 2.65 4.82
CA TYR A 22 4.10 1.72 4.14
C TYR A 22 4.53 1.53 2.68
N THR A 23 4.72 0.28 2.30
CA THR A 23 5.13 -0.04 0.94
C THR A 23 3.90 -0.17 0.04
N TRP A 24 4.15 0.01 -1.25
CA TRP A 24 3.08 -0.08 -2.24
C TRP A 24 3.72 -0.26 -3.61
N SER A 25 2.90 -0.68 -4.56
CA SER A 25 3.36 -0.90 -5.91
C SER A 25 2.23 -0.69 -6.91
N GLN A 26 2.60 -0.38 -8.14
CA GLN A 26 1.62 -0.15 -9.19
C GLN A 26 1.64 -1.28 -10.22
N ASP A 27 0.46 -1.76 -10.55
CA ASP A 27 0.34 -2.85 -11.51
C ASP A 27 -0.62 -2.43 -12.62
N TYR A 28 -0.83 -3.34 -13.56
CA TYR A 28 -1.72 -3.08 -14.68
C TYR A 28 -2.94 -2.28 -14.23
N THR A 29 -3.86 -2.97 -13.57
CA THR A 29 -5.07 -2.34 -13.08
C THR A 29 -5.36 -2.78 -11.64
N ASP A 30 -4.51 -2.33 -10.74
CA ASP A 30 -4.67 -2.67 -9.33
C ASP A 30 -3.38 -2.31 -8.58
N LEU A 31 -3.55 -1.91 -7.33
CA LEU A 31 -2.42 -1.55 -6.50
C LEU A 31 -2.37 -2.46 -5.27
N GLU A 32 -1.18 -2.58 -4.71
CA GLU A 32 -0.99 -3.41 -3.53
C GLU A 32 -0.09 -2.70 -2.52
N VAL A 33 -0.65 -2.41 -1.36
CA VAL A 33 0.09 -1.74 -0.32
C VAL A 33 0.13 -2.63 0.93
N ARG A 34 1.34 -2.84 1.42
CA ARG A 34 1.54 -3.67 2.60
C ARG A 34 2.10 -2.84 3.75
N VAL A 35 1.41 -2.91 4.88
CA VAL A 35 1.82 -2.17 6.06
C VAL A 35 2.30 -3.15 7.14
N PRO A 36 3.52 -2.87 7.68
CA PRO A 36 4.08 -3.72 8.71
C PRO A 36 3.39 -3.49 10.06
N VAL A 37 3.19 -4.58 10.77
CA VAL A 37 2.53 -4.53 12.07
C VAL A 37 3.42 -5.20 13.11
N PRO A 38 3.17 -4.83 14.40
CA PRO A 38 3.94 -5.38 15.50
C PRO A 38 3.53 -6.82 15.79
N LYS A 39 4.22 -7.43 16.75
CA LYS A 39 3.93 -8.80 17.13
C LYS A 39 2.81 -8.80 18.18
N HIS A 40 2.18 -7.65 18.33
CA HIS A 40 1.10 -7.51 19.28
C HIS A 40 -0.21 -7.25 18.54
N VAL A 41 -0.10 -7.15 17.23
CA VAL A 41 -1.26 -6.89 16.40
C VAL A 41 -1.68 -8.19 15.70
N VAL A 42 -2.83 -8.71 16.11
CA VAL A 42 -3.34 -9.94 15.53
C VAL A 42 -4.80 -9.73 15.13
N LYS A 43 -5.54 -9.04 15.98
CA LYS A 43 -6.93 -8.76 15.72
C LYS A 43 -7.04 -7.57 14.78
N GLY A 44 -8.09 -7.59 13.97
CA GLY A 44 -8.32 -6.51 13.02
C GLY A 44 -8.91 -5.28 13.73
N LYS A 45 -9.37 -5.50 14.94
CA LYS A 45 -9.96 -4.42 15.72
C LYS A 45 -8.84 -3.54 16.29
N GLN A 46 -7.62 -4.06 16.21
CA GLN A 46 -6.46 -3.34 16.70
C GLN A 46 -5.97 -2.34 15.65
N VAL A 47 -6.47 -2.51 14.44
CA VAL A 47 -6.10 -1.64 13.35
C VAL A 47 -7.36 -1.02 12.75
N SER A 48 -7.19 0.18 12.19
CA SER A 48 -8.30 0.88 11.59
C SER A 48 -8.07 1.01 10.07
N VAL A 49 -9.11 0.65 9.33
CA VAL A 49 -9.03 0.72 7.88
C VAL A 49 -10.28 1.43 7.34
N ALA A 50 -10.07 2.65 6.88
CA ALA A 50 -11.16 3.44 6.34
C ALA A 50 -11.06 3.47 4.80
N LEU A 51 -12.13 3.05 4.16
CA LEU A 51 -12.18 3.02 2.71
C LEU A 51 -13.37 3.84 2.22
N SER A 52 -13.08 4.80 1.36
CA SER A 52 -14.11 5.66 0.81
C SER A 52 -14.05 5.65 -0.72
N SER A 53 -12.94 6.17 -1.24
CA SER A 53 -12.74 6.23 -2.67
C SER A 53 -11.41 6.93 -2.98
N SER A 54 -11.25 8.12 -2.44
CA SER A 54 -10.04 8.89 -2.65
C SER A 54 -9.36 9.19 -1.31
N SER A 55 -9.51 8.23 -0.40
CA SER A 55 -8.92 8.38 0.93
C SER A 55 -8.68 6.99 1.54
N ILE A 56 -7.62 6.90 2.33
CA ILE A 56 -7.27 5.65 2.97
C ILE A 56 -6.78 5.94 4.39
N ARG A 57 -6.98 4.97 5.27
CA ARG A 57 -6.58 5.11 6.66
C ARG A 57 -5.99 3.78 7.17
N VAL A 58 -4.83 3.89 7.79
CA VAL A 58 -4.17 2.72 8.33
C VAL A 58 -3.56 3.07 9.69
N ALA A 59 -4.19 2.56 10.74
CA ALA A 59 -3.73 2.81 12.09
C ALA A 59 -3.68 1.49 12.86
N MET A 60 -2.91 1.49 13.93
CA MET A 60 -2.77 0.30 14.76
C MET A 60 -2.73 0.68 16.25
N LEU A 61 -3.34 -0.18 17.05
CA LEU A 61 -3.37 0.04 18.49
C LEU A 61 -2.03 -0.36 19.09
N GLU A 62 -1.49 0.55 19.91
CA GLU A 62 -0.21 0.31 20.55
C GLU A 62 -0.43 -0.30 21.94
N GLU A 63 -0.99 0.50 22.82
CA GLU A 63 -1.25 0.07 24.18
C GLU A 63 -2.20 1.04 24.88
N ASN A 64 -1.70 2.25 25.08
CA ASN A 64 -2.49 3.28 25.74
C ASN A 64 -3.19 4.14 24.67
N GLY A 65 -2.84 3.87 23.42
CA GLY A 65 -3.44 4.61 22.31
C GLY A 65 -3.25 3.84 21.00
N GLU A 66 -2.86 4.58 19.98
CA GLU A 66 -2.63 3.99 18.67
C GLU A 66 -1.72 4.88 17.82
N ARG A 67 -1.44 4.41 16.61
CA ARG A 67 -0.59 5.16 15.71
C ARG A 67 -1.07 4.98 14.26
N VAL A 68 -0.96 6.05 13.49
CA VAL A 68 -1.37 6.03 12.10
C VAL A 68 -0.17 5.63 11.23
N LEU A 69 -0.12 4.35 10.90
CA LEU A 69 0.95 3.83 10.08
C LEU A 69 0.93 4.53 8.71
N MET A 70 -0.22 4.43 8.06
CA MET A 70 -0.39 5.04 6.76
C MET A 70 -1.78 5.67 6.62
N GLU A 71 -1.79 6.92 6.16
CA GLU A 71 -3.03 7.65 5.99
C GLU A 71 -2.81 8.85 5.07
N GLY A 72 -3.89 9.27 4.42
CA GLY A 72 -3.83 10.39 3.51
C GLY A 72 -4.81 10.22 2.35
N LYS A 73 -5.17 11.34 1.74
CA LYS A 73 -6.09 11.32 0.62
C LYS A 73 -5.41 10.65 -0.58
N LEU A 74 -6.13 9.70 -1.17
CA LEU A 74 -5.62 8.98 -2.31
C LEU A 74 -5.50 9.93 -3.51
N THR A 75 -4.75 9.49 -4.51
CA THR A 75 -4.56 10.29 -5.70
C THR A 75 -5.86 10.44 -6.47
N HIS A 76 -6.54 9.31 -6.63
CA HIS A 76 -7.80 9.30 -7.35
C HIS A 76 -8.82 8.46 -6.57
N LYS A 77 -9.94 8.17 -7.24
CA LYS A 77 -10.99 7.40 -6.62
C LYS A 77 -10.77 5.91 -6.94
N ILE A 78 -11.46 5.06 -6.19
CA ILE A 78 -11.35 3.63 -6.38
C ILE A 78 -12.72 2.98 -6.20
N ASN A 79 -12.73 1.66 -6.19
CA ASN A 79 -13.96 0.92 -6.04
C ASN A 79 -13.93 0.16 -4.71
N THR A 80 -14.14 0.91 -3.64
CA THR A 80 -14.14 0.32 -2.31
C THR A 80 -14.81 -1.05 -2.32
N GLU A 81 -15.90 -1.12 -3.08
CA GLU A 81 -16.65 -2.37 -3.18
C GLU A 81 -15.73 -3.49 -3.65
N SER A 82 -15.07 -3.25 -4.78
CA SER A 82 -14.17 -4.24 -5.34
C SER A 82 -12.89 -4.33 -4.48
N SER A 83 -12.58 -3.22 -3.84
CA SER A 83 -11.39 -3.16 -2.99
C SER A 83 -11.62 -4.00 -1.73
N LEU A 84 -10.51 -4.43 -1.14
CA LEU A 84 -10.58 -5.24 0.07
C LEU A 84 -9.36 -4.94 0.94
N TRP A 85 -9.30 -5.61 2.08
CA TRP A 85 -8.19 -5.42 3.01
C TRP A 85 -8.21 -6.58 4.00
N SER A 86 -7.04 -7.17 4.20
CA SER A 86 -6.91 -8.28 5.13
C SER A 86 -5.78 -8.01 6.13
N LEU A 87 -6.08 -8.27 7.39
CA LEU A 87 -5.11 -8.06 8.45
C LEU A 87 -4.43 -9.39 8.79
N GLU A 88 -3.11 -9.31 8.99
CA GLU A 88 -2.34 -10.49 9.32
C GLU A 88 -1.69 -10.34 10.70
N PRO A 89 -1.84 -11.41 11.52
CA PRO A 89 -1.28 -11.40 12.87
C PRO A 89 0.24 -11.59 12.83
N GLY A 90 0.94 -10.65 13.44
CA GLY A 90 2.39 -10.71 13.48
C GLY A 90 2.98 -10.78 12.07
N LYS A 91 2.46 -9.91 11.21
CA LYS A 91 2.93 -9.87 9.83
C LYS A 91 2.80 -8.44 9.30
N CYS A 92 1.74 -8.20 8.54
CA CYS A 92 1.51 -6.88 7.98
C CYS A 92 0.05 -6.82 7.52
N VAL A 93 -0.35 -5.62 7.10
CA VAL A 93 -1.71 -5.41 6.64
C VAL A 93 -1.73 -5.41 5.12
N LEU A 94 -2.77 -6.01 4.56
CA LEU A 94 -2.92 -6.09 3.12
C LEU A 94 -4.15 -5.29 2.70
N VAL A 95 -3.94 -4.43 1.70
CA VAL A 95 -5.03 -3.60 1.20
C VAL A 95 -5.00 -3.62 -0.34
N ASN A 96 -6.11 -4.07 -0.90
CA ASN A 96 -6.23 -4.15 -2.34
C ASN A 96 -7.12 -3.00 -2.84
N LEU A 97 -6.56 -2.23 -3.77
CA LEU A 97 -7.29 -1.10 -4.33
C LEU A 97 -7.69 -1.43 -5.77
N SER A 98 -8.98 -1.26 -6.04
CA SER A 98 -9.51 -1.54 -7.36
C SER A 98 -9.72 -0.22 -8.11
N LYS A 99 -8.94 -0.06 -9.18
CA LYS A 99 -9.03 1.14 -10.00
C LYS A 99 -10.43 1.22 -10.63
N VAL A 100 -10.90 2.44 -10.78
CA VAL A 100 -12.21 2.67 -11.37
C VAL A 100 -12.05 3.01 -12.86
N GLY A 101 -11.15 2.28 -13.49
CA GLY A 101 -10.90 2.49 -14.91
C GLY A 101 -9.40 2.41 -15.22
N GLU A 102 -9.02 2.98 -16.34
CA GLU A 102 -7.63 2.99 -16.76
C GLU A 102 -6.96 4.31 -16.35
N TYR A 103 -6.32 4.27 -15.20
CA TYR A 103 -5.63 5.44 -14.68
C TYR A 103 -4.19 5.11 -14.29
N TRP A 104 -3.36 6.14 -14.31
CA TRP A 104 -1.96 5.97 -13.97
C TRP A 104 -1.75 6.50 -12.54
N TRP A 105 -1.64 5.56 -11.62
CA TRP A 105 -1.44 5.92 -10.22
C TRP A 105 0.06 6.17 -10.00
N ASN A 106 0.44 7.42 -10.13
CA ASN A 106 1.83 7.81 -9.96
C ASN A 106 2.19 7.74 -8.47
N ALA A 107 1.16 7.63 -7.65
CA ALA A 107 1.34 7.55 -6.21
C ALA A 107 0.05 7.05 -5.56
N ILE A 108 0.14 6.85 -4.25
CA ILE A 108 -1.01 6.37 -3.50
C ILE A 108 -1.80 7.56 -2.97
N LEU A 109 -1.10 8.42 -2.22
CA LEU A 109 -1.72 9.59 -1.65
C LEU A 109 -1.41 10.81 -2.53
N GLU A 110 -2.23 11.84 -2.36
CA GLU A 110 -2.05 13.06 -3.13
C GLU A 110 -0.95 13.93 -2.52
N GLY A 111 0.24 13.34 -2.43
CA GLY A 111 1.37 14.04 -1.86
C GLY A 111 2.55 13.08 -1.63
N GLU A 112 2.74 12.19 -2.59
CA GLU A 112 3.81 11.22 -2.50
C GLU A 112 4.64 11.22 -3.79
N GLU A 113 5.95 11.16 -3.61
CA GLU A 113 6.86 11.15 -4.75
C GLU A 113 6.31 10.26 -5.86
N PRO A 114 6.44 10.76 -7.12
CA PRO A 114 5.97 10.01 -8.27
C PRO A 114 6.92 8.85 -8.59
N ILE A 115 6.32 7.67 -8.71
CA ILE A 115 7.09 6.47 -9.02
C ILE A 115 8.04 6.77 -10.18
N ASP A 116 9.01 5.88 -10.35
CA ASP A 116 9.98 6.04 -11.43
C ASP A 116 9.35 5.57 -12.75
N ILE A 117 8.80 4.37 -12.71
CA ILE A 117 8.17 3.80 -13.89
C ILE A 117 7.36 4.88 -14.60
N ASP A 118 7.52 4.94 -15.91
CA ASP A 118 6.81 5.91 -16.71
C ASP A 118 6.58 5.35 -18.12
N SER A 119 5.73 6.04 -18.87
CA SER A 119 5.42 5.62 -20.23
C SER A 119 5.65 6.78 -21.20
N GLY A 120 5.50 6.48 -22.48
CA GLY A 120 5.69 7.48 -23.51
C GLY A 120 4.69 8.63 -23.34
N PRO A 121 4.01 8.98 -24.47
CA PRO A 121 3.03 10.06 -24.45
C PRO A 121 1.75 9.62 -23.76
N SER A 122 1.23 10.52 -22.93
CA SER A 122 0.00 10.24 -22.20
C SER A 122 -0.93 11.45 -22.27
N SER A 123 -0.40 12.60 -21.85
CA SER A 123 -1.18 13.82 -21.86
C SER A 123 -1.95 13.95 -23.17
N GLY A 124 -1.19 13.94 -24.26
CA GLY A 124 -1.79 14.06 -25.58
C GLY A 124 -2.55 12.79 -25.96
N GLY A 1 37.13 5.18 -14.78
CA GLY A 1 35.77 4.90 -14.37
C GLY A 1 35.06 6.18 -13.92
N SER A 2 35.38 6.59 -12.71
CA SER A 2 34.79 7.80 -12.15
C SER A 2 33.29 7.62 -11.99
N SER A 3 32.68 8.53 -11.23
CA SER A 3 31.25 8.48 -11.00
C SER A 3 30.82 7.03 -10.69
N GLY A 4 30.98 6.66 -9.43
CA GLY A 4 30.61 5.32 -9.01
C GLY A 4 29.46 5.37 -8.00
N SER A 5 29.81 5.70 -6.77
CA SER A 5 28.81 5.78 -5.71
C SER A 5 27.92 4.54 -5.73
N SER A 6 28.40 3.50 -5.04
CA SER A 6 27.66 2.25 -4.97
C SER A 6 27.82 1.63 -3.58
N GLY A 7 26.70 1.53 -2.88
CA GLY A 7 26.70 0.95 -1.54
C GLY A 7 25.68 -0.18 -1.43
N GLN A 8 25.64 -0.78 -0.25
CA GLN A 8 24.72 -1.87 0.00
C GLN A 8 23.28 -1.36 -0.05
N LYS A 9 22.42 -2.16 -0.69
CA LYS A 9 21.02 -1.81 -0.82
C LYS A 9 20.16 -3.06 -0.64
N ASN A 10 19.02 -2.88 0.01
CA ASN A 10 18.12 -3.98 0.26
C ASN A 10 16.77 -3.68 -0.40
N PRO A 11 16.08 -4.78 -0.82
CA PRO A 11 14.79 -4.65 -1.47
C PRO A 11 13.70 -4.30 -0.45
N ASP A 12 13.70 -5.04 0.65
CA ASP A 12 12.72 -4.82 1.70
C ASP A 12 11.37 -5.42 1.27
N SER A 13 10.82 -4.84 0.21
CA SER A 13 9.55 -5.29 -0.32
C SER A 13 9.65 -5.56 -1.82
N TYR A 14 9.96 -4.50 -2.55
CA TYR A 14 10.09 -4.60 -4.00
C TYR A 14 10.90 -3.44 -4.55
N ASN A 15 11.92 -3.79 -5.33
CA ASN A 15 12.79 -2.78 -5.93
C ASN A 15 11.94 -1.82 -6.76
N GLY A 16 11.58 -0.70 -6.14
CA GLY A 16 10.77 0.30 -6.81
C GLY A 16 10.46 1.47 -5.87
N ALA A 17 9.46 1.26 -5.03
CA ALA A 17 9.06 2.28 -4.08
C ALA A 17 8.99 1.68 -2.68
N VAL A 18 9.91 2.11 -1.83
CA VAL A 18 9.96 1.61 -0.46
C VAL A 18 10.34 2.76 0.48
N ARG A 19 9.42 3.09 1.36
CA ARG A 19 9.63 4.16 2.32
C ARG A 19 9.43 3.64 3.75
N GLU A 20 9.64 4.55 4.70
CA GLU A 20 9.48 4.20 6.10
C GLU A 20 8.09 4.60 6.59
N ASN A 21 7.09 3.86 6.13
CA ASN A 21 5.72 4.12 6.50
C ASN A 21 4.82 3.00 5.98
N TYR A 22 4.82 2.85 4.66
CA TYR A 22 4.02 1.83 4.01
C TYR A 22 4.48 1.59 2.58
N THR A 23 4.67 0.32 2.25
CA THR A 23 5.11 -0.05 0.93
C THR A 23 3.91 -0.25 -0.01
N TRP A 24 4.15 -0.01 -1.29
CA TRP A 24 3.10 -0.15 -2.28
C TRP A 24 3.76 -0.33 -3.65
N SER A 25 2.98 -0.82 -4.59
CA SER A 25 3.48 -1.05 -5.94
C SER A 25 2.35 -0.82 -6.96
N GLN A 26 2.77 -0.57 -8.19
CA GLN A 26 1.81 -0.33 -9.26
C GLN A 26 1.80 -1.51 -10.24
N ASP A 27 0.63 -2.12 -10.36
CA ASP A 27 0.48 -3.26 -11.24
C ASP A 27 -0.40 -2.86 -12.44
N TYR A 28 -0.63 -3.83 -13.31
CA TYR A 28 -1.45 -3.59 -14.49
C TYR A 28 -2.61 -2.65 -14.16
N THR A 29 -3.50 -3.15 -13.31
CA THR A 29 -4.66 -2.37 -12.92
C THR A 29 -5.06 -2.69 -11.47
N ASP A 30 -4.27 -2.16 -10.54
CA ASP A 30 -4.51 -2.39 -9.14
C ASP A 30 -3.28 -1.97 -8.32
N LEU A 31 -3.55 -1.43 -7.15
CA LEU A 31 -2.48 -0.97 -6.28
C LEU A 31 -2.45 -1.85 -5.02
N GLU A 32 -1.29 -2.45 -4.78
CA GLU A 32 -1.12 -3.30 -3.62
C GLU A 32 -0.18 -2.65 -2.60
N VAL A 33 -0.75 -2.28 -1.47
CA VAL A 33 0.03 -1.64 -0.42
C VAL A 33 0.03 -2.54 0.82
N ARG A 34 1.22 -2.71 1.39
CA ARG A 34 1.37 -3.53 2.58
C ARG A 34 1.90 -2.69 3.74
N VAL A 35 1.26 -2.86 4.89
CA VAL A 35 1.66 -2.13 6.07
C VAL A 35 2.14 -3.12 7.14
N PRO A 36 3.38 -2.84 7.66
CA PRO A 36 3.96 -3.70 8.68
C PRO A 36 3.30 -3.47 10.03
N VAL A 37 3.11 -4.57 10.75
CA VAL A 37 2.50 -4.51 12.07
C VAL A 37 3.43 -5.16 13.09
N PRO A 38 3.20 -4.79 14.39
CA PRO A 38 4.01 -5.32 15.47
C PRO A 38 3.61 -6.77 15.78
N LYS A 39 4.33 -7.35 16.72
CA LYS A 39 4.07 -8.73 17.13
C LYS A 39 3.00 -8.74 18.21
N HIS A 40 2.33 -7.61 18.35
CA HIS A 40 1.28 -7.47 19.35
C HIS A 40 -0.06 -7.24 18.65
N VAL A 41 0.00 -7.13 17.34
CA VAL A 41 -1.20 -6.92 16.54
C VAL A 41 -1.60 -8.23 15.86
N VAL A 42 -2.71 -8.78 16.30
CA VAL A 42 -3.21 -10.02 15.75
C VAL A 42 -4.68 -9.85 15.35
N LYS A 43 -5.41 -9.17 16.22
CA LYS A 43 -6.83 -8.92 15.97
C LYS A 43 -6.97 -7.79 14.95
N GLY A 44 -8.16 -7.72 14.36
CA GLY A 44 -8.44 -6.70 13.38
C GLY A 44 -8.93 -5.41 14.04
N LYS A 45 -9.32 -5.53 15.30
CA LYS A 45 -9.80 -4.39 16.06
C LYS A 45 -8.60 -3.57 16.53
N GLN A 46 -7.43 -4.17 16.45
CA GLN A 46 -6.21 -3.50 16.87
C GLN A 46 -5.66 -2.63 15.74
N VAL A 47 -6.41 -2.62 14.63
CA VAL A 47 -6.01 -1.84 13.47
C VAL A 47 -7.25 -1.22 12.82
N SER A 48 -7.19 0.09 12.63
CA SER A 48 -8.30 0.80 12.03
C SER A 48 -8.00 1.06 10.54
N VAL A 49 -8.96 0.68 9.71
CA VAL A 49 -8.82 0.88 8.28
C VAL A 49 -10.08 1.54 7.73
N ALA A 50 -9.89 2.68 7.08
CA ALA A 50 -11.00 3.43 6.51
C ALA A 50 -10.89 3.39 4.98
N LEU A 51 -11.77 2.60 4.38
CA LEU A 51 -11.78 2.48 2.93
C LEU A 51 -12.67 3.57 2.34
N SER A 52 -12.05 4.45 1.55
CA SER A 52 -12.78 5.54 0.92
C SER A 52 -12.51 5.53 -0.58
N SER A 53 -13.55 5.87 -1.33
CA SER A 53 -13.45 5.91 -2.78
C SER A 53 -12.25 6.75 -3.20
N SER A 54 -11.89 7.68 -2.32
CA SER A 54 -10.76 8.57 -2.58
C SER A 54 -10.09 8.95 -1.26
N SER A 55 -9.73 7.94 -0.50
CA SER A 55 -9.07 8.16 0.78
C SER A 55 -8.92 6.82 1.52
N ILE A 56 -7.72 6.62 2.06
CA ILE A 56 -7.43 5.40 2.80
C ILE A 56 -6.84 5.77 4.16
N ARG A 57 -7.01 4.85 5.11
CA ARG A 57 -6.51 5.06 6.45
C ARG A 57 -5.99 3.75 7.04
N VAL A 58 -4.87 3.83 7.74
CA VAL A 58 -4.27 2.66 8.35
C VAL A 58 -3.69 3.05 9.71
N ALA A 59 -4.21 2.39 10.74
CA ALA A 59 -3.75 2.66 12.10
C ALA A 59 -3.68 1.34 12.87
N MET A 60 -2.90 1.36 13.95
CA MET A 60 -2.74 0.17 14.77
C MET A 60 -2.66 0.56 16.26
N LEU A 61 -3.27 -0.29 17.08
CA LEU A 61 -3.28 -0.05 18.51
C LEU A 61 -1.91 -0.41 19.10
N GLU A 62 -1.40 0.48 19.93
CA GLU A 62 -0.11 0.27 20.56
C GLU A 62 -0.29 -0.17 22.01
N GLU A 63 -0.45 0.82 22.88
CA GLU A 63 -0.62 0.54 24.30
C GLU A 63 -1.15 1.79 25.01
N ASN A 64 -0.52 2.92 24.71
CA ASN A 64 -0.91 4.18 25.32
C ASN A 64 -1.41 5.13 24.22
N GLY A 65 -1.79 4.54 23.11
CA GLY A 65 -2.30 5.32 21.99
C GLY A 65 -1.91 4.68 20.65
N GLU A 66 -2.91 4.47 19.81
CA GLU A 66 -2.68 3.87 18.51
C GLU A 66 -1.82 4.80 17.64
N ARG A 67 -1.48 4.30 16.47
CA ARG A 67 -0.66 5.07 15.54
C ARG A 67 -1.14 4.85 14.10
N VAL A 68 -1.12 5.93 13.33
CA VAL A 68 -1.54 5.87 11.95
C VAL A 68 -0.35 5.52 11.06
N LEU A 69 -0.26 4.24 10.71
CA LEU A 69 0.82 3.76 9.87
C LEU A 69 0.77 4.47 8.52
N MET A 70 -0.42 4.46 7.92
CA MET A 70 -0.62 5.10 6.63
C MET A 70 -1.99 5.77 6.57
N GLU A 71 -2.03 6.86 5.81
CA GLU A 71 -3.27 7.61 5.64
C GLU A 71 -3.06 8.78 4.67
N GLY A 72 -4.16 9.27 4.15
CA GLY A 72 -4.12 10.38 3.21
C GLY A 72 -5.15 10.20 2.09
N LYS A 73 -5.45 11.30 1.41
CA LYS A 73 -6.42 11.27 0.34
C LYS A 73 -5.73 10.78 -0.94
N LEU A 74 -6.36 9.80 -1.57
CA LEU A 74 -5.82 9.23 -2.80
C LEU A 74 -5.84 10.29 -3.89
N THR A 75 -4.90 10.14 -4.83
CA THR A 75 -4.80 11.09 -5.93
C THR A 75 -5.88 10.81 -6.97
N HIS A 76 -6.62 9.74 -6.74
CA HIS A 76 -7.69 9.37 -7.65
C HIS A 76 -8.76 8.58 -6.88
N LYS A 77 -9.83 8.24 -7.59
CA LYS A 77 -10.92 7.50 -6.99
C LYS A 77 -10.61 6.00 -7.05
N ILE A 78 -11.43 5.22 -6.36
CA ILE A 78 -11.25 3.78 -6.34
C ILE A 78 -12.60 3.12 -6.04
N ASN A 79 -12.67 1.83 -6.34
CA ASN A 79 -13.88 1.06 -6.11
C ASN A 79 -13.78 0.36 -4.76
N THR A 80 -13.93 1.13 -3.71
CA THR A 80 -13.86 0.59 -2.36
C THR A 80 -14.51 -0.79 -2.30
N GLU A 81 -15.71 -0.86 -2.86
CA GLU A 81 -16.46 -2.11 -2.89
C GLU A 81 -15.52 -3.27 -3.25
N SER A 82 -14.85 -3.12 -4.38
CA SER A 82 -13.92 -4.15 -4.84
C SER A 82 -12.68 -4.16 -3.95
N SER A 83 -12.32 -3.00 -3.45
CA SER A 83 -11.16 -2.88 -2.59
C SER A 83 -11.38 -3.65 -1.29
N LEU A 84 -10.41 -4.48 -0.96
CA LEU A 84 -10.49 -5.29 0.25
C LEU A 84 -9.38 -4.87 1.20
N TRP A 85 -9.36 -5.51 2.36
CA TRP A 85 -8.36 -5.23 3.37
C TRP A 85 -8.37 -6.36 4.40
N SER A 86 -7.23 -7.02 4.52
CA SER A 86 -7.09 -8.13 5.46
C SER A 86 -5.95 -7.85 6.44
N LEU A 87 -6.18 -8.23 7.69
CA LEU A 87 -5.18 -8.03 8.72
C LEU A 87 -4.48 -9.36 9.02
N GLU A 88 -3.18 -9.27 9.22
CA GLU A 88 -2.38 -10.46 9.52
C GLU A 88 -1.71 -10.31 10.88
N PRO A 89 -1.80 -11.41 11.69
CA PRO A 89 -1.20 -11.42 13.01
C PRO A 89 0.32 -11.57 12.92
N GLY A 90 1.02 -10.62 13.52
CA GLY A 90 2.47 -10.64 13.51
C GLY A 90 3.01 -10.71 12.08
N LYS A 91 2.44 -9.88 11.22
CA LYS A 91 2.85 -9.84 9.83
C LYS A 91 2.72 -8.41 9.31
N CYS A 92 1.67 -8.18 8.54
CA CYS A 92 1.42 -6.88 7.97
C CYS A 92 -0.03 -6.82 7.51
N VAL A 93 -0.43 -5.65 7.01
CA VAL A 93 -1.78 -5.45 6.53
C VAL A 93 -1.78 -5.44 5.00
N LEU A 94 -2.76 -6.11 4.44
CA LEU A 94 -2.89 -6.19 2.98
C LEU A 94 -4.16 -5.45 2.55
N VAL A 95 -3.98 -4.55 1.58
CA VAL A 95 -5.10 -3.77 1.08
C VAL A 95 -5.02 -3.72 -0.45
N ASN A 96 -6.17 -3.84 -1.08
CA ASN A 96 -6.24 -3.79 -2.53
C ASN A 96 -7.12 -2.62 -2.97
N LEU A 97 -6.50 -1.68 -3.66
CA LEU A 97 -7.21 -0.51 -4.14
C LEU A 97 -7.64 -0.73 -5.60
N SER A 98 -8.94 -0.85 -5.80
CA SER A 98 -9.48 -1.05 -7.13
C SER A 98 -9.32 0.21 -7.97
N LYS A 99 -8.97 0.01 -9.22
CA LYS A 99 -8.77 1.12 -10.14
C LYS A 99 -10.13 1.55 -10.70
N VAL A 100 -10.36 2.86 -10.65
CA VAL A 100 -11.61 3.41 -11.15
C VAL A 100 -11.33 4.26 -12.40
N GLY A 101 -11.45 3.61 -13.55
CA GLY A 101 -11.22 4.30 -14.81
C GLY A 101 -9.72 4.45 -15.08
N GLU A 102 -9.38 4.42 -16.36
CA GLU A 102 -7.98 4.55 -16.76
C GLU A 102 -7.47 5.96 -16.43
N TYR A 103 -6.87 6.08 -15.26
CA TYR A 103 -6.32 7.35 -14.82
C TYR A 103 -4.87 7.20 -14.35
N TRP A 104 -4.14 8.29 -14.47
CA TRP A 104 -2.74 8.30 -14.06
C TRP A 104 -2.68 8.48 -12.55
N TRP A 105 -2.02 7.53 -11.90
CA TRP A 105 -1.88 7.58 -10.45
C TRP A 105 -0.48 8.09 -10.12
N ASN A 106 0.51 7.23 -10.38
CA ASN A 106 1.89 7.58 -10.13
C ASN A 106 2.19 7.39 -8.64
N ALA A 107 1.35 8.01 -7.81
CA ALA A 107 1.51 7.91 -6.37
C ALA A 107 0.19 7.45 -5.74
N ILE A 108 0.30 6.96 -4.52
CA ILE A 108 -0.87 6.49 -3.80
C ILE A 108 -1.67 7.70 -3.28
N LEU A 109 -1.03 8.45 -2.40
CA LEU A 109 -1.66 9.62 -1.82
C LEU A 109 -1.20 10.87 -2.58
N GLU A 110 -1.95 11.95 -2.39
CA GLU A 110 -1.63 13.20 -3.04
C GLU A 110 -0.35 13.81 -2.46
N GLY A 111 0.11 13.20 -1.38
CA GLY A 111 1.31 13.66 -0.71
C GLY A 111 2.42 12.60 -0.79
N GLU A 112 2.55 12.01 -1.97
CA GLU A 112 3.56 10.99 -2.18
C GLU A 112 4.23 11.18 -3.54
N GLU A 113 5.55 11.35 -3.49
CA GLU A 113 6.33 11.55 -4.71
C GLU A 113 5.84 10.60 -5.81
N PRO A 114 5.94 11.09 -7.08
CA PRO A 114 5.53 10.30 -8.22
C PRO A 114 6.54 9.20 -8.52
N ILE A 115 6.31 8.53 -9.65
CA ILE A 115 7.20 7.46 -10.07
C ILE A 115 7.61 7.67 -11.53
N ASP A 116 8.56 6.86 -11.97
CA ASP A 116 9.05 6.96 -13.33
C ASP A 116 8.55 5.75 -14.13
N ILE A 117 8.79 4.57 -13.58
CA ILE A 117 8.37 3.34 -14.23
C ILE A 117 6.88 3.42 -14.56
N ASP A 118 6.56 3.02 -15.78
CA ASP A 118 5.19 3.06 -16.24
C ASP A 118 4.98 1.94 -17.28
N SER A 119 3.91 1.19 -17.09
CA SER A 119 3.59 0.10 -17.99
C SER A 119 2.67 0.59 -19.11
N GLY A 120 3.30 1.16 -20.14
CA GLY A 120 2.56 1.68 -21.27
C GLY A 120 2.87 0.89 -22.54
N PRO A 121 2.91 1.61 -23.68
CA PRO A 121 3.19 0.99 -24.96
C PRO A 121 4.67 0.65 -25.08
N SER A 122 5.09 -0.31 -24.28
CA SER A 122 6.49 -0.75 -24.29
C SER A 122 6.66 -1.95 -23.35
N SER A 123 7.33 -2.96 -23.87
CA SER A 123 7.59 -4.16 -23.10
C SER A 123 8.57 -3.86 -21.96
N GLY A 124 8.02 -3.74 -20.76
CA GLY A 124 8.83 -3.46 -19.59
C GLY A 124 8.47 -4.39 -18.43
N GLY A 1 14.14 -9.56 -28.49
CA GLY A 1 13.14 -9.77 -27.46
C GLY A 1 11.97 -8.81 -27.60
N SER A 2 11.43 -8.40 -26.47
CA SER A 2 10.30 -7.48 -26.46
C SER A 2 9.94 -7.11 -25.02
N SER A 3 10.64 -6.11 -24.50
CA SER A 3 10.39 -5.64 -23.15
C SER A 3 10.81 -6.73 -22.15
N GLY A 4 12.02 -6.58 -21.65
CA GLY A 4 12.55 -7.54 -20.68
C GLY A 4 14.05 -7.34 -20.48
N SER A 5 14.39 -6.36 -19.67
CA SER A 5 15.79 -6.06 -19.39
C SER A 5 15.89 -5.18 -18.14
N SER A 6 16.53 -5.74 -17.12
CA SER A 6 16.71 -5.03 -15.87
C SER A 6 17.58 -5.86 -14.92
N GLY A 7 17.10 -7.06 -14.62
CA GLY A 7 17.82 -7.95 -13.73
C GLY A 7 18.36 -7.18 -12.51
N GLN A 8 19.58 -7.53 -12.14
CA GLN A 8 20.23 -6.89 -11.00
C GLN A 8 19.42 -7.13 -9.73
N LYS A 9 20.06 -6.88 -8.60
CA LYS A 9 19.42 -7.08 -7.31
C LYS A 9 18.15 -6.23 -7.25
N ASN A 10 17.25 -6.63 -6.37
CA ASN A 10 15.99 -5.92 -6.21
C ASN A 10 15.65 -5.83 -4.72
N PRO A 11 15.00 -4.70 -4.34
CA PRO A 11 14.61 -4.48 -2.95
C PRO A 11 13.41 -5.35 -2.58
N ASP A 12 12.99 -5.22 -1.32
CA ASP A 12 11.86 -5.98 -0.83
C ASP A 12 10.77 -6.03 -1.90
N SER A 13 10.37 -4.84 -2.33
CA SER A 13 9.33 -4.74 -3.34
C SER A 13 9.89 -5.16 -4.70
N TYR A 14 9.35 -6.26 -5.21
CA TYR A 14 9.78 -6.78 -6.49
C TYR A 14 10.07 -5.64 -7.47
N ASN A 15 9.10 -4.76 -7.62
CA ASN A 15 9.25 -3.63 -8.51
C ASN A 15 8.09 -2.65 -8.29
N GLY A 16 8.40 -1.57 -7.59
CA GLY A 16 7.40 -0.55 -7.30
C GLY A 16 8.04 0.68 -6.67
N ALA A 17 7.81 0.83 -5.37
CA ALA A 17 8.35 1.97 -4.64
C ALA A 17 7.98 1.84 -3.16
N VAL A 18 9.01 1.82 -2.32
CA VAL A 18 8.81 1.70 -0.89
C VAL A 18 8.90 3.09 -0.26
N ARG A 19 8.91 3.10 1.07
CA ARG A 19 9.00 4.34 1.81
C ARG A 19 8.84 4.09 3.31
N GLU A 20 9.35 5.02 4.10
CA GLU A 20 9.26 4.91 5.54
C GLU A 20 7.85 5.24 6.03
N ASN A 21 6.96 4.27 5.88
CA ASN A 21 5.58 4.45 6.29
C ASN A 21 4.76 3.24 5.86
N TYR A 22 4.69 3.05 4.54
CA TYR A 22 3.95 1.93 3.98
C TYR A 22 4.41 1.63 2.56
N THR A 23 4.62 0.33 2.31
CA THR A 23 5.07 -0.11 1.00
C THR A 23 3.87 -0.32 0.07
N TRP A 24 4.09 -0.04 -1.21
CA TRP A 24 3.05 -0.20 -2.20
C TRP A 24 3.71 -0.35 -3.57
N SER A 25 2.92 -0.80 -4.53
CA SER A 25 3.41 -1.00 -5.88
C SER A 25 2.27 -0.84 -6.89
N GLN A 26 2.65 -0.49 -8.11
CA GLN A 26 1.67 -0.29 -9.17
C GLN A 26 1.76 -1.42 -10.19
N ASP A 27 0.60 -1.97 -10.52
CA ASP A 27 0.54 -3.07 -11.48
C ASP A 27 -0.30 -2.63 -12.68
N TYR A 28 -0.41 -3.54 -13.64
CA TYR A 28 -1.17 -3.26 -14.85
C TYR A 28 -2.45 -2.48 -14.52
N THR A 29 -3.28 -3.08 -13.68
CA THR A 29 -4.54 -2.46 -13.28
C THR A 29 -4.92 -2.89 -11.87
N ASP A 30 -4.12 -2.47 -10.91
CA ASP A 30 -4.36 -2.81 -9.52
C ASP A 30 -3.18 -2.34 -8.67
N LEU A 31 -3.48 -2.08 -7.40
CA LEU A 31 -2.45 -1.63 -6.48
C LEU A 31 -2.41 -2.57 -5.26
N GLU A 32 -1.27 -2.58 -4.61
CA GLU A 32 -1.08 -3.43 -3.43
C GLU A 32 -0.15 -2.75 -2.43
N VAL A 33 -0.74 -2.31 -1.34
CA VAL A 33 0.02 -1.64 -0.29
C VAL A 33 0.01 -2.51 0.97
N ARG A 34 1.21 -2.83 1.42
CA ARG A 34 1.36 -3.65 2.61
C ARG A 34 1.99 -2.83 3.74
N VAL A 35 1.29 -2.81 4.86
CA VAL A 35 1.75 -2.07 6.03
C VAL A 35 2.27 -3.06 7.08
N PRO A 36 3.48 -2.74 7.62
CA PRO A 36 4.09 -3.59 8.63
C PRO A 36 3.40 -3.42 9.98
N VAL A 37 3.18 -4.54 10.65
CA VAL A 37 2.53 -4.53 11.95
C VAL A 37 3.44 -5.22 12.97
N PRO A 38 3.19 -4.89 14.27
CA PRO A 38 3.97 -5.47 15.35
C PRO A 38 3.57 -6.92 15.60
N LYS A 39 4.26 -7.54 16.54
CA LYS A 39 3.99 -8.93 16.89
C LYS A 39 2.86 -8.97 17.93
N HIS A 40 2.21 -7.83 18.10
CA HIS A 40 1.12 -7.72 19.05
C HIS A 40 -0.20 -7.47 18.29
N VAL A 41 -0.07 -7.32 16.99
CA VAL A 41 -1.23 -7.08 16.16
C VAL A 41 -1.62 -8.38 15.43
N VAL A 42 -2.75 -8.92 15.86
CA VAL A 42 -3.24 -10.16 15.27
C VAL A 42 -4.69 -9.97 14.84
N LYS A 43 -5.45 -9.29 15.69
CA LYS A 43 -6.84 -9.03 15.41
C LYS A 43 -6.96 -7.83 14.47
N GLY A 44 -8.05 -7.82 13.72
CA GLY A 44 -8.29 -6.74 12.77
C GLY A 44 -8.91 -5.52 13.47
N LYS A 45 -9.34 -5.75 14.70
CA LYS A 45 -9.95 -4.69 15.48
C LYS A 45 -8.85 -3.80 16.07
N GLN A 46 -7.62 -4.30 16.01
CA GLN A 46 -6.49 -3.58 16.53
C GLN A 46 -5.97 -2.59 15.49
N VAL A 47 -6.44 -2.76 14.26
CA VAL A 47 -6.04 -1.89 13.17
C VAL A 47 -7.27 -1.22 12.57
N SER A 48 -7.11 0.04 12.21
CA SER A 48 -8.20 0.81 11.63
C SER A 48 -8.01 0.94 10.12
N VAL A 49 -9.10 0.74 9.40
CA VAL A 49 -9.05 0.82 7.95
C VAL A 49 -10.32 1.53 7.45
N ALA A 50 -10.11 2.71 6.88
CA ALA A 50 -11.21 3.50 6.37
C ALA A 50 -11.11 3.57 4.84
N LEU A 51 -12.09 2.98 4.19
CA LEU A 51 -12.12 2.96 2.74
C LEU A 51 -13.32 3.78 2.25
N SER A 52 -13.03 4.77 1.43
CA SER A 52 -14.08 5.62 0.89
C SER A 52 -14.03 5.61 -0.64
N SER A 53 -12.94 6.14 -1.17
CA SER A 53 -12.76 6.20 -2.61
C SER A 53 -11.43 6.90 -2.95
N SER A 54 -11.30 8.10 -2.44
CA SER A 54 -10.09 8.88 -2.68
C SER A 54 -9.41 9.21 -1.35
N SER A 55 -9.58 8.31 -0.39
CA SER A 55 -8.98 8.49 0.93
C SER A 55 -8.71 7.12 1.56
N ILE A 56 -7.65 7.08 2.36
CA ILE A 56 -7.27 5.86 3.03
C ILE A 56 -6.80 6.19 4.45
N ARG A 57 -7.00 5.23 5.34
CA ARG A 57 -6.60 5.40 6.73
C ARG A 57 -6.09 4.09 7.31
N VAL A 58 -4.88 4.13 7.85
CA VAL A 58 -4.27 2.96 8.43
C VAL A 58 -3.66 3.32 9.79
N ALA A 59 -4.13 2.62 10.82
CA ALA A 59 -3.65 2.86 12.16
C ALA A 59 -3.71 1.56 12.97
N MET A 60 -2.70 1.34 13.77
CA MET A 60 -2.63 0.15 14.59
C MET A 60 -2.65 0.50 16.09
N LEU A 61 -3.40 -0.29 16.84
CA LEU A 61 -3.51 -0.06 18.27
C LEU A 61 -2.17 -0.33 18.93
N GLU A 62 -1.83 0.52 19.88
CA GLU A 62 -0.57 0.38 20.59
C GLU A 62 -0.80 -0.20 21.99
N GLU A 63 0.27 -0.26 22.77
CA GLU A 63 0.18 -0.79 24.12
C GLU A 63 -0.53 0.21 25.03
N ASN A 64 -0.58 1.45 24.59
CA ASN A 64 -1.23 2.49 25.36
C ASN A 64 -1.77 3.56 24.41
N GLY A 65 -2.49 3.09 23.40
CA GLY A 65 -3.07 4.00 22.42
C GLY A 65 -3.06 3.37 21.02
N GLU A 66 -2.65 4.17 20.05
CA GLU A 66 -2.59 3.71 18.67
C GLU A 66 -1.67 4.61 17.85
N ARG A 67 -1.39 4.16 16.64
CA ARG A 67 -0.53 4.93 15.74
C ARG A 67 -1.00 4.78 14.29
N VAL A 68 -0.92 5.87 13.55
CA VAL A 68 -1.34 5.88 12.16
C VAL A 68 -0.14 5.55 11.28
N LEU A 69 -0.07 4.29 10.87
CA LEU A 69 1.01 3.83 10.02
C LEU A 69 0.94 4.56 8.68
N MET A 70 -0.24 4.51 8.08
CA MET A 70 -0.44 5.16 6.79
C MET A 70 -1.80 5.88 6.75
N GLU A 71 -1.80 7.03 6.11
CA GLU A 71 -3.02 7.82 6.00
C GLU A 71 -2.80 9.00 5.05
N GLY A 72 -3.90 9.46 4.46
CA GLY A 72 -3.84 10.58 3.53
C GLY A 72 -4.82 10.37 2.38
N LYS A 73 -5.22 11.49 1.78
CA LYS A 73 -6.16 11.45 0.67
C LYS A 73 -5.44 10.89 -0.57
N LEU A 74 -6.13 9.96 -1.23
CA LEU A 74 -5.59 9.33 -2.42
C LEU A 74 -5.56 10.36 -3.55
N THR A 75 -4.79 10.02 -4.59
CA THR A 75 -4.67 10.89 -5.74
C THR A 75 -5.84 10.66 -6.71
N HIS A 76 -6.46 9.50 -6.56
CA HIS A 76 -7.59 9.15 -7.41
C HIS A 76 -8.62 8.37 -6.60
N LYS A 77 -9.70 8.01 -7.27
CA LYS A 77 -10.77 7.26 -6.63
C LYS A 77 -10.58 5.77 -6.89
N ILE A 78 -11.39 4.97 -6.22
CA ILE A 78 -11.33 3.53 -6.37
C ILE A 78 -12.72 2.93 -6.18
N ASN A 79 -12.76 1.61 -6.12
CA ASN A 79 -14.02 0.91 -5.93
C ASN A 79 -13.98 0.14 -4.61
N THR A 80 -14.15 0.88 -3.52
CA THR A 80 -14.14 0.29 -2.20
C THR A 80 -14.83 -1.08 -2.22
N GLU A 81 -16.00 -1.10 -2.86
CA GLU A 81 -16.76 -2.34 -2.96
C GLU A 81 -15.90 -3.45 -3.53
N SER A 82 -15.27 -3.15 -4.66
CA SER A 82 -14.42 -4.13 -5.32
C SER A 82 -13.10 -4.28 -4.54
N SER A 83 -12.74 -3.20 -3.85
CA SER A 83 -11.51 -3.20 -3.07
C SER A 83 -11.70 -4.01 -1.79
N LEU A 84 -10.58 -4.35 -1.17
CA LEU A 84 -10.62 -5.13 0.06
C LEU A 84 -9.33 -4.86 0.86
N TRP A 85 -9.26 -5.50 2.01
CA TRP A 85 -8.10 -5.35 2.87
C TRP A 85 -8.11 -6.48 3.89
N SER A 86 -7.01 -7.22 3.93
CA SER A 86 -6.88 -8.34 4.85
C SER A 86 -5.76 -8.06 5.86
N LEU A 87 -6.05 -8.37 7.12
CA LEU A 87 -5.07 -8.17 8.17
C LEU A 87 -4.37 -9.50 8.48
N GLU A 88 -3.08 -9.41 8.71
CA GLU A 88 -2.28 -10.59 9.02
C GLU A 88 -1.64 -10.45 10.40
N PRO A 89 -1.76 -11.54 11.21
CA PRO A 89 -1.19 -11.54 12.54
C PRO A 89 0.33 -11.70 12.50
N GLY A 90 1.01 -10.77 13.15
CA GLY A 90 2.46 -10.80 13.18
C GLY A 90 3.05 -10.82 11.77
N LYS A 91 2.63 -9.85 10.98
CA LYS A 91 3.11 -9.76 9.60
C LYS A 91 2.93 -8.31 9.10
N CYS A 92 1.84 -8.10 8.40
CA CYS A 92 1.55 -6.77 7.86
C CYS A 92 0.07 -6.72 7.48
N VAL A 93 -0.35 -5.55 7.03
CA VAL A 93 -1.74 -5.35 6.63
C VAL A 93 -1.82 -5.34 5.11
N LEU A 94 -2.80 -6.08 4.60
CA LEU A 94 -3.01 -6.17 3.17
C LEU A 94 -4.20 -5.29 2.77
N VAL A 95 -3.98 -4.45 1.78
CA VAL A 95 -5.03 -3.57 1.30
C VAL A 95 -5.04 -3.57 -0.24
N ASN A 96 -6.07 -4.20 -0.78
CA ASN A 96 -6.22 -4.30 -2.22
C ASN A 96 -7.09 -3.14 -2.72
N LEU A 97 -6.59 -2.46 -3.73
CA LEU A 97 -7.31 -1.33 -4.30
C LEU A 97 -7.73 -1.67 -5.74
N SER A 98 -9.00 -1.46 -6.01
CA SER A 98 -9.54 -1.74 -7.33
C SER A 98 -9.82 -0.43 -8.08
N LYS A 99 -9.00 -0.17 -9.08
CA LYS A 99 -9.14 1.03 -9.88
C LYS A 99 -10.54 1.09 -10.48
N VAL A 100 -11.00 2.30 -10.73
CA VAL A 100 -12.32 2.49 -11.30
C VAL A 100 -12.18 2.83 -12.79
N GLY A 101 -11.33 2.07 -13.45
CA GLY A 101 -11.09 2.27 -14.87
C GLY A 101 -9.60 2.28 -15.19
N GLU A 102 -9.29 2.56 -16.45
CA GLU A 102 -7.91 2.60 -16.89
C GLU A 102 -7.25 3.90 -16.42
N TYR A 103 -6.59 3.81 -15.27
CA TYR A 103 -5.91 4.95 -14.70
C TYR A 103 -4.46 4.62 -14.33
N TRP A 104 -3.64 5.66 -14.28
CA TRP A 104 -2.23 5.48 -13.95
C TRP A 104 -2.04 5.93 -12.50
N TRP A 105 -1.58 4.99 -11.68
CA TRP A 105 -1.35 5.29 -10.28
C TRP A 105 0.17 5.40 -10.07
N ASN A 106 0.65 6.64 -10.12
CA ASN A 106 2.07 6.91 -9.94
C ASN A 106 2.31 7.39 -8.51
N ALA A 107 1.27 7.27 -7.69
CA ALA A 107 1.37 7.69 -6.30
C ALA A 107 0.04 7.39 -5.59
N ILE A 108 0.16 6.79 -4.42
CA ILE A 108 -1.01 6.45 -3.64
C ILE A 108 -1.66 7.72 -3.09
N LEU A 109 -0.89 8.44 -2.29
CA LEU A 109 -1.36 9.69 -1.71
C LEU A 109 -0.87 10.87 -2.55
N GLU A 110 -1.47 12.02 -2.29
CA GLU A 110 -1.10 13.23 -3.01
C GLU A 110 0.27 13.73 -2.54
N GLY A 111 0.85 14.59 -3.36
CA GLY A 111 2.15 15.15 -3.05
C GLY A 111 3.28 14.17 -3.41
N GLU A 112 3.13 12.95 -2.93
CA GLU A 112 4.11 11.91 -3.19
C GLU A 112 4.49 11.91 -4.67
N GLU A 113 5.74 12.26 -4.94
CA GLU A 113 6.24 12.30 -6.30
C GLU A 113 5.80 11.05 -7.06
N PRO A 114 5.93 11.12 -8.41
CA PRO A 114 5.55 10.01 -9.26
C PRO A 114 6.59 8.89 -9.20
N ILE A 115 6.11 7.69 -8.87
CA ILE A 115 6.98 6.54 -8.76
C ILE A 115 7.87 6.46 -10.01
N ASP A 116 8.79 5.52 -9.98
CA ASP A 116 9.70 5.32 -11.09
C ASP A 116 10.39 3.96 -10.95
N ILE A 117 10.11 3.09 -11.91
CA ILE A 117 10.69 1.76 -11.91
C ILE A 117 12.16 1.85 -11.53
N ASP A 118 12.68 0.74 -11.04
CA ASP A 118 14.07 0.68 -10.62
C ASP A 118 14.97 0.80 -11.86
N SER A 119 16.07 1.53 -11.69
CA SER A 119 17.01 1.73 -12.77
C SER A 119 18.44 1.61 -12.25
N GLY A 120 19.08 0.52 -12.64
CA GLY A 120 20.45 0.26 -12.22
C GLY A 120 20.51 -0.11 -10.74
N PRO A 121 21.65 0.27 -10.09
CA PRO A 121 21.85 -0.02 -8.68
C PRO A 121 21.00 0.92 -7.82
N SER A 122 20.61 0.40 -6.66
CA SER A 122 19.81 1.18 -5.73
C SER A 122 20.13 0.78 -4.29
N SER A 123 20.85 1.65 -3.62
CA SER A 123 21.24 1.40 -2.24
C SER A 123 21.72 2.70 -1.58
N GLY A 124 21.32 2.88 -0.34
CA GLY A 124 21.70 4.06 0.41
C GLY A 124 20.53 5.04 0.53
N GLY A 1 34.89 -7.40 -3.73
CA GLY A 1 34.14 -7.85 -2.56
C GLY A 1 33.11 -8.91 -2.94
N SER A 2 32.83 -9.80 -2.00
CA SER A 2 31.86 -10.85 -2.24
C SER A 2 31.70 -11.70 -0.98
N SER A 3 30.45 -11.93 -0.60
CA SER A 3 30.15 -12.72 0.58
C SER A 3 30.72 -12.04 1.82
N GLY A 4 29.84 -11.32 2.51
CA GLY A 4 30.23 -10.61 3.72
C GLY A 4 29.25 -10.88 4.86
N SER A 5 29.25 -12.13 5.32
CA SER A 5 28.37 -12.51 6.40
C SER A 5 26.93 -12.61 5.90
N SER A 6 26.41 -11.47 5.49
CA SER A 6 25.05 -11.40 4.98
C SER A 6 24.05 -11.73 6.10
N GLY A 7 23.73 -10.71 6.87
CA GLY A 7 22.81 -10.87 7.98
C GLY A 7 22.86 -9.67 8.93
N GLN A 8 22.02 -8.69 8.63
CA GLN A 8 21.96 -7.48 9.44
C GLN A 8 20.92 -6.52 8.89
N LYS A 9 21.12 -6.13 7.63
CA LYS A 9 20.21 -5.22 6.97
C LYS A 9 18.81 -5.83 6.95
N ASN A 10 17.81 -4.95 6.99
CA ASN A 10 16.42 -5.40 6.97
C ASN A 10 15.95 -5.49 5.51
N PRO A 11 14.91 -6.35 5.31
CA PRO A 11 14.35 -6.54 3.99
C PRO A 11 13.48 -5.34 3.58
N ASP A 12 12.99 -5.40 2.34
CA ASP A 12 12.15 -4.34 1.82
C ASP A 12 11.28 -4.89 0.70
N SER A 13 10.15 -4.21 0.48
CA SER A 13 9.23 -4.62 -0.55
C SER A 13 9.98 -4.90 -1.86
N TYR A 14 10.79 -3.93 -2.24
CA TYR A 14 11.58 -4.06 -3.46
C TYR A 14 10.72 -4.58 -4.62
N ASN A 15 10.18 -3.64 -5.38
CA ASN A 15 9.35 -4.00 -6.51
C ASN A 15 8.99 -2.73 -7.29
N GLY A 16 8.40 -1.78 -6.59
CA GLY A 16 8.01 -0.52 -7.19
C GLY A 16 8.66 0.67 -6.48
N ALA A 17 8.02 1.09 -5.39
CA ALA A 17 8.52 2.19 -4.61
C ALA A 17 8.18 1.97 -3.14
N VAL A 18 9.23 1.97 -2.32
CA VAL A 18 9.06 1.76 -0.89
C VAL A 18 9.26 3.09 -0.16
N ARG A 19 9.34 3.00 1.16
CA ARG A 19 9.54 4.18 1.98
C ARG A 19 9.57 3.80 3.46
N GLU A 20 9.52 4.82 4.31
CA GLU A 20 9.53 4.60 5.74
C GLU A 20 8.17 4.94 6.34
N ASN A 21 7.17 4.19 5.92
CA ASN A 21 5.82 4.38 6.41
C ASN A 21 4.92 3.25 5.90
N TYR A 22 4.83 3.15 4.59
CA TYR A 22 4.02 2.12 3.97
C TYR A 22 4.47 1.85 2.53
N THR A 23 4.71 0.57 2.25
CA THR A 23 5.15 0.17 0.92
C THR A 23 3.95 -0.06 0.01
N TRP A 24 4.18 0.08 -1.28
CA TRP A 24 3.13 -0.12 -2.27
C TRP A 24 3.79 -0.29 -3.64
N SER A 25 3.00 -0.77 -4.58
CA SER A 25 3.49 -1.00 -5.93
C SER A 25 2.33 -0.93 -6.93
N GLN A 26 2.68 -0.98 -8.20
CA GLN A 26 1.68 -0.93 -9.26
C GLN A 26 1.63 -2.26 -10.00
N ASP A 27 0.41 -2.77 -10.16
CA ASP A 27 0.21 -4.03 -10.85
C ASP A 27 -0.54 -3.77 -12.16
N TYR A 28 -0.78 -4.85 -12.89
CA TYR A 28 -1.48 -4.76 -14.16
C TYR A 28 -2.60 -3.72 -14.09
N THR A 29 -3.45 -3.87 -13.08
CA THR A 29 -4.56 -2.95 -12.90
C THR A 29 -5.05 -2.99 -11.44
N ASP A 30 -4.21 -2.49 -10.55
CA ASP A 30 -4.53 -2.46 -9.14
C ASP A 30 -3.31 -2.00 -8.34
N LEU A 31 -3.58 -1.51 -7.14
CA LEU A 31 -2.51 -1.03 -6.28
C LEU A 31 -2.48 -1.88 -5.00
N GLU A 32 -1.30 -2.43 -4.72
CA GLU A 32 -1.13 -3.25 -3.54
C GLU A 32 -0.18 -2.57 -2.55
N VAL A 33 -0.73 -2.17 -1.42
CA VAL A 33 0.06 -1.50 -0.40
C VAL A 33 0.05 -2.36 0.88
N ARG A 34 1.25 -2.72 1.31
CA ARG A 34 1.39 -3.54 2.50
C ARG A 34 1.95 -2.70 3.66
N VAL A 35 1.31 -2.82 4.81
CA VAL A 35 1.74 -2.07 5.98
C VAL A 35 2.28 -3.06 7.03
N PRO A 36 3.48 -2.71 7.57
CA PRO A 36 4.12 -3.54 8.57
C PRO A 36 3.41 -3.40 9.93
N VAL A 37 3.31 -4.52 10.63
CA VAL A 37 2.66 -4.54 11.92
C VAL A 37 3.59 -5.21 12.94
N PRO A 38 3.35 -4.90 14.24
CA PRO A 38 4.15 -5.47 15.31
C PRO A 38 3.79 -6.93 15.56
N LYS A 39 4.48 -7.53 16.51
CA LYS A 39 4.24 -8.92 16.86
C LYS A 39 3.11 -9.00 17.90
N HIS A 40 2.43 -7.88 18.07
CA HIS A 40 1.33 -7.80 19.01
C HIS A 40 0.02 -7.54 18.27
N VAL A 41 0.14 -7.38 16.96
CA VAL A 41 -1.01 -7.13 16.13
C VAL A 41 -1.45 -8.44 15.46
N VAL A 42 -2.58 -8.95 15.92
CA VAL A 42 -3.11 -10.19 15.38
C VAL A 42 -4.59 -10.00 15.05
N LYS A 43 -5.28 -9.32 15.94
CA LYS A 43 -6.70 -9.05 15.76
C LYS A 43 -6.88 -7.85 14.84
N GLY A 44 -7.78 -8.01 13.88
CA GLY A 44 -8.06 -6.94 12.93
C GLY A 44 -8.38 -5.64 13.65
N LYS A 45 -9.05 -5.78 14.79
CA LYS A 45 -9.43 -4.62 15.58
C LYS A 45 -8.17 -3.86 16.00
N GLN A 46 -7.04 -4.53 15.86
CA GLN A 46 -5.76 -3.94 16.22
C GLN A 46 -5.30 -2.97 15.12
N VAL A 47 -6.04 -2.98 14.03
CA VAL A 47 -5.71 -2.13 12.90
C VAL A 47 -7.01 -1.56 12.30
N SER A 48 -7.01 -0.26 12.10
CA SER A 48 -8.17 0.41 11.53
C SER A 48 -7.98 0.61 10.03
N VAL A 49 -9.09 0.50 9.31
CA VAL A 49 -9.07 0.66 7.87
C VAL A 49 -10.29 1.47 7.42
N ALA A 50 -10.00 2.66 6.89
CA ALA A 50 -11.06 3.53 6.43
C ALA A 50 -10.99 3.66 4.90
N LEU A 51 -11.96 3.05 4.24
CA LEU A 51 -12.02 3.09 2.80
C LEU A 51 -13.17 3.98 2.35
N SER A 52 -12.86 4.93 1.47
CA SER A 52 -13.86 5.85 0.97
C SER A 52 -13.89 5.79 -0.56
N SER A 53 -12.79 6.24 -1.16
CA SER A 53 -12.69 6.25 -2.61
C SER A 53 -11.40 6.96 -3.03
N SER A 54 -11.17 8.12 -2.44
CA SER A 54 -9.97 8.90 -2.74
C SER A 54 -9.19 9.15 -1.46
N SER A 55 -9.25 8.19 -0.55
CA SER A 55 -8.55 8.30 0.71
C SER A 55 -8.37 6.91 1.33
N ILE A 56 -7.60 6.88 2.41
CA ILE A 56 -7.34 5.62 3.10
C ILE A 56 -6.73 5.92 4.48
N ARG A 57 -6.92 4.97 5.39
CA ARG A 57 -6.41 5.12 6.74
C ARG A 57 -5.94 3.77 7.28
N VAL A 58 -4.75 3.79 7.88
CA VAL A 58 -4.19 2.58 8.44
C VAL A 58 -3.56 2.90 9.80
N ALA A 59 -4.32 2.61 10.85
CA ALA A 59 -3.85 2.86 12.20
C ALA A 59 -3.89 1.57 13.00
N MET A 60 -2.78 1.28 13.67
CA MET A 60 -2.68 0.08 14.47
C MET A 60 -2.70 0.40 15.96
N LEU A 61 -3.46 -0.38 16.70
CA LEU A 61 -3.59 -0.18 18.13
C LEU A 61 -2.24 -0.47 18.79
N GLU A 62 -1.89 0.38 19.75
CA GLU A 62 -0.63 0.23 20.47
C GLU A 62 -0.88 -0.39 21.83
N GLU A 63 0.20 -0.46 22.62
CA GLU A 63 0.11 -1.03 23.95
C GLU A 63 -0.60 -0.06 24.90
N ASN A 64 -0.65 1.20 24.49
CA ASN A 64 -1.29 2.22 25.29
C ASN A 64 -1.82 3.31 24.37
N GLY A 65 -2.54 2.88 23.34
CA GLY A 65 -3.12 3.81 22.38
C GLY A 65 -3.11 3.21 20.97
N GLU A 66 -2.75 4.05 20.00
CA GLU A 66 -2.70 3.62 18.62
C GLU A 66 -1.84 4.58 17.80
N ARG A 67 -1.50 4.13 16.60
CA ARG A 67 -0.68 4.93 15.71
C ARG A 67 -1.16 4.79 14.27
N VAL A 68 -1.15 5.91 13.56
CA VAL A 68 -1.58 5.92 12.17
C VAL A 68 -0.40 5.59 11.26
N LEU A 69 -0.34 4.34 10.84
CA LEU A 69 0.73 3.89 9.97
C LEU A 69 0.67 4.66 8.65
N MET A 70 -0.46 4.52 7.97
CA MET A 70 -0.66 5.19 6.69
C MET A 70 -2.02 5.89 6.65
N GLU A 71 -2.05 7.00 5.93
CA GLU A 71 -3.27 7.77 5.80
C GLU A 71 -3.05 8.97 4.87
N GLY A 72 -4.14 9.43 4.30
CA GLY A 72 -4.08 10.57 3.39
C GLY A 72 -5.01 10.38 2.19
N LYS A 73 -5.38 11.49 1.58
CA LYS A 73 -6.26 11.45 0.43
C LYS A 73 -5.48 10.96 -0.79
N LEU A 74 -6.02 9.94 -1.44
CA LEU A 74 -5.39 9.38 -2.62
C LEU A 74 -5.42 10.40 -3.75
N THR A 75 -4.76 10.06 -4.84
CA THR A 75 -4.70 10.93 -6.00
C THR A 75 -5.95 10.75 -6.87
N HIS A 76 -6.42 9.51 -6.92
CA HIS A 76 -7.59 9.19 -7.71
C HIS A 76 -8.57 8.37 -6.86
N LYS A 77 -9.76 8.17 -7.43
CA LYS A 77 -10.79 7.41 -6.72
C LYS A 77 -10.52 5.92 -6.89
N ILE A 78 -11.31 5.13 -6.18
CA ILE A 78 -11.17 3.68 -6.24
C ILE A 78 -12.53 3.03 -5.96
N ASN A 79 -12.59 1.73 -6.25
CA ASN A 79 -13.82 0.99 -6.03
C ASN A 79 -13.75 0.29 -4.67
N THR A 80 -14.03 1.06 -3.63
CA THR A 80 -14.00 0.53 -2.27
C THR A 80 -14.66 -0.85 -2.23
N GLU A 81 -15.69 -1.00 -3.03
CA GLU A 81 -16.41 -2.27 -3.10
C GLU A 81 -15.47 -3.39 -3.51
N SER A 82 -14.75 -3.16 -4.60
CA SER A 82 -13.81 -4.14 -5.11
C SER A 82 -12.55 -4.15 -4.24
N SER A 83 -12.38 -3.09 -3.49
CA SER A 83 -11.22 -2.96 -2.61
C SER A 83 -11.47 -3.71 -1.30
N LEU A 84 -10.41 -4.32 -0.79
CA LEU A 84 -10.49 -5.07 0.45
C LEU A 84 -9.26 -4.78 1.30
N TRP A 85 -9.24 -5.39 2.47
CA TRP A 85 -8.13 -5.22 3.39
C TRP A 85 -8.11 -6.40 4.36
N SER A 86 -6.99 -7.12 4.34
CA SER A 86 -6.84 -8.28 5.21
C SER A 86 -5.66 -8.06 6.17
N LEU A 87 -5.94 -8.26 7.45
CA LEU A 87 -4.91 -8.09 8.46
C LEU A 87 -4.25 -9.45 8.74
N GLU A 88 -2.95 -9.40 9.01
CA GLU A 88 -2.20 -10.60 9.30
C GLU A 88 -1.51 -10.49 10.65
N PRO A 89 -1.60 -11.59 11.44
CA PRO A 89 -0.99 -11.63 12.76
C PRO A 89 0.53 -11.78 12.66
N GLY A 90 1.23 -10.81 13.22
CA GLY A 90 2.68 -10.83 13.20
C GLY A 90 3.21 -10.88 11.76
N LYS A 91 2.78 -9.90 10.98
CA LYS A 91 3.20 -9.83 9.59
C LYS A 91 3.03 -8.39 9.10
N CYS A 92 1.94 -8.17 8.36
CA CYS A 92 1.65 -6.85 7.83
C CYS A 92 0.19 -6.81 7.40
N VAL A 93 -0.24 -5.65 6.94
CA VAL A 93 -1.61 -5.48 6.49
C VAL A 93 -1.64 -5.45 4.96
N LEU A 94 -2.62 -6.17 4.42
CA LEU A 94 -2.77 -6.24 2.98
C LEU A 94 -4.04 -5.49 2.56
N VAL A 95 -3.90 -4.65 1.55
CA VAL A 95 -5.03 -3.87 1.06
C VAL A 95 -5.01 -3.89 -0.48
N ASN A 96 -6.21 -3.98 -1.05
CA ASN A 96 -6.34 -4.00 -2.50
C ASN A 96 -7.17 -2.79 -2.94
N LEU A 97 -6.51 -1.90 -3.66
CA LEU A 97 -7.17 -0.70 -4.15
C LEU A 97 -7.59 -0.91 -5.61
N SER A 98 -8.89 -0.84 -5.82
CA SER A 98 -9.44 -1.03 -7.15
C SER A 98 -9.32 0.26 -7.96
N LYS A 99 -9.03 0.10 -9.24
CA LYS A 99 -8.88 1.24 -10.13
C LYS A 99 -10.26 1.71 -10.58
N VAL A 100 -10.44 3.03 -10.58
CA VAL A 100 -11.70 3.61 -11.00
C VAL A 100 -11.47 4.53 -12.20
N GLY A 101 -11.67 3.95 -13.38
CA GLY A 101 -11.49 4.71 -14.61
C GLY A 101 -10.03 4.68 -15.05
N GLU A 102 -9.77 5.33 -16.18
CA GLU A 102 -8.42 5.39 -16.72
C GLU A 102 -7.63 6.52 -16.07
N TYR A 103 -6.89 6.17 -15.02
CA TYR A 103 -6.09 7.14 -14.31
C TYR A 103 -4.65 6.66 -14.16
N TRP A 104 -3.75 7.63 -13.99
CA TRP A 104 -2.34 7.32 -13.84
C TRP A 104 -1.98 7.47 -12.36
N TRP A 105 -1.86 6.32 -11.69
CA TRP A 105 -1.51 6.32 -10.28
C TRP A 105 -0.01 6.52 -10.15
N ASN A 106 0.40 7.77 -10.14
CA ASN A 106 1.81 8.12 -10.02
C ASN A 106 2.17 8.28 -8.54
N ALA A 107 1.20 7.98 -7.70
CA ALA A 107 1.40 8.09 -6.26
C ALA A 107 0.10 7.75 -5.54
N ILE A 108 0.22 6.92 -4.52
CA ILE A 108 -0.94 6.50 -3.74
C ILE A 108 -1.63 7.74 -3.18
N LEU A 109 -0.85 8.58 -2.52
CA LEU A 109 -1.37 9.80 -1.93
C LEU A 109 -0.94 11.00 -2.77
N GLU A 110 -1.58 12.13 -2.51
CA GLU A 110 -1.26 13.35 -3.24
C GLU A 110 0.01 13.99 -2.67
N GLY A 111 0.65 14.78 -3.52
CA GLY A 111 1.87 15.46 -3.13
C GLY A 111 3.09 14.58 -3.38
N GLU A 112 2.99 13.33 -2.95
CA GLU A 112 4.07 12.38 -3.13
C GLU A 112 4.58 12.42 -4.57
N GLU A 113 5.82 12.84 -4.73
CA GLU A 113 6.44 12.93 -6.03
C GLU A 113 6.00 11.74 -6.90
N PRO A 114 5.97 11.98 -8.24
CA PRO A 114 5.59 10.95 -9.18
C PRO A 114 6.70 9.91 -9.35
N ILE A 115 6.34 8.65 -9.17
CA ILE A 115 7.30 7.56 -9.30
C ILE A 115 8.09 7.74 -10.60
N ASP A 116 9.21 7.04 -10.67
CA ASP A 116 10.06 7.12 -11.84
C ASP A 116 10.33 5.70 -12.35
N ILE A 117 9.25 4.97 -12.59
CA ILE A 117 9.37 3.60 -13.06
C ILE A 117 10.28 3.57 -14.29
N ASP A 118 10.50 2.38 -14.81
CA ASP A 118 11.35 2.20 -15.97
C ASP A 118 11.29 0.73 -16.42
N SER A 119 11.44 0.54 -17.73
CA SER A 119 11.41 -0.80 -18.29
C SER A 119 12.56 -0.97 -19.27
N GLY A 120 12.98 -2.23 -19.42
CA GLY A 120 14.07 -2.54 -20.33
C GLY A 120 15.39 -1.93 -19.82
N PRO A 121 16.48 -2.26 -20.56
CA PRO A 121 17.80 -1.75 -20.20
C PRO A 121 17.94 -0.28 -20.58
N SER A 122 17.66 0.00 -21.84
CA SER A 122 17.74 1.37 -22.34
C SER A 122 16.36 1.86 -22.77
N SER A 123 15.87 2.87 -22.07
CA SER A 123 14.58 3.44 -22.38
C SER A 123 13.49 2.36 -22.27
N GLY A 124 12.26 2.81 -22.09
CA GLY A 124 11.13 1.89 -21.97
C GLY A 124 9.85 2.65 -21.60
N GLY A 1 17.93 -6.56 -26.05
CA GLY A 1 19.31 -6.89 -25.77
C GLY A 1 19.44 -8.35 -25.32
N SER A 2 20.68 -8.74 -25.05
CA SER A 2 20.96 -10.09 -24.59
C SER A 2 22.12 -10.08 -23.61
N SER A 3 21.78 -10.06 -22.33
CA SER A 3 22.78 -10.06 -21.27
C SER A 3 22.59 -11.27 -20.37
N GLY A 4 23.64 -12.09 -20.30
CA GLY A 4 23.61 -13.28 -19.48
C GLY A 4 24.98 -13.56 -18.86
N SER A 5 25.23 -12.90 -17.74
CA SER A 5 26.49 -13.06 -17.04
C SER A 5 26.34 -12.64 -15.59
N SER A 6 25.96 -11.38 -15.41
CA SER A 6 25.77 -10.84 -14.07
C SER A 6 24.34 -11.10 -13.59
N GLY A 7 23.40 -10.59 -14.36
CA GLY A 7 21.99 -10.76 -14.02
C GLY A 7 21.35 -9.41 -13.66
N GLN A 8 20.66 -9.41 -12.53
CA GLN A 8 20.00 -8.21 -12.07
C GLN A 8 19.82 -8.25 -10.55
N LYS A 9 19.09 -9.27 -10.10
CA LYS A 9 18.84 -9.44 -8.68
C LYS A 9 18.19 -8.17 -8.12
N ASN A 10 16.94 -7.96 -8.53
CA ASN A 10 16.20 -6.80 -8.07
C ASN A 10 15.44 -7.14 -6.79
N PRO A 11 15.51 -6.20 -5.82
CA PRO A 11 14.84 -6.40 -4.54
C PRO A 11 13.33 -6.19 -4.68
N ASP A 12 12.63 -6.40 -3.57
CA ASP A 12 11.19 -6.23 -3.56
C ASP A 12 10.85 -4.75 -3.71
N SER A 13 11.41 -3.94 -2.83
CA SER A 13 11.18 -2.51 -2.86
C SER A 13 12.12 -1.84 -3.86
N TYR A 14 11.71 -1.87 -5.11
CA TYR A 14 12.51 -1.27 -6.18
C TYR A 14 11.62 -0.53 -7.18
N ASN A 15 10.66 -1.26 -7.71
CA ASN A 15 9.74 -0.70 -8.69
C ASN A 15 8.62 0.04 -7.95
N GLY A 16 8.02 1.01 -8.65
CA GLY A 16 6.95 1.79 -8.07
C GLY A 16 7.48 2.89 -7.16
N ALA A 17 6.86 3.03 -6.01
CA ALA A 17 7.27 4.04 -5.05
C ALA A 17 7.17 3.46 -3.63
N VAL A 18 8.21 3.71 -2.86
CA VAL A 18 8.25 3.23 -1.48
C VAL A 18 9.17 4.12 -0.65
N ARG A 19 8.84 4.22 0.63
CA ARG A 19 9.63 5.04 1.53
C ARG A 19 10.08 4.22 2.74
N GLU A 20 9.11 3.94 3.62
CA GLU A 20 9.39 3.17 4.82
C GLU A 20 8.11 2.98 5.64
N ASN A 21 7.30 4.03 5.65
CA ASN A 21 6.05 4.00 6.39
C ASN A 21 5.18 2.86 5.86
N TYR A 22 4.95 2.88 4.56
CA TYR A 22 4.14 1.87 3.92
C TYR A 22 4.58 1.64 2.48
N THR A 23 4.79 0.37 2.15
CA THR A 23 5.22 0.00 0.81
C THR A 23 4.01 -0.18 -0.11
N TRP A 24 4.22 0.10 -1.38
CA TRP A 24 3.16 -0.03 -2.36
C TRP A 24 3.81 -0.25 -3.73
N SER A 25 2.98 -0.62 -4.70
CA SER A 25 3.46 -0.86 -6.04
C SER A 25 2.33 -0.62 -7.05
N GLN A 26 2.71 -0.54 -8.32
CA GLN A 26 1.74 -0.32 -9.38
C GLN A 26 1.76 -1.49 -10.38
N ASP A 27 0.60 -2.10 -10.53
CA ASP A 27 0.47 -3.24 -11.43
C ASP A 27 -0.33 -2.80 -12.66
N TYR A 28 -0.49 -3.75 -13.58
CA TYR A 28 -1.22 -3.47 -14.80
C TYR A 28 -2.46 -2.62 -14.53
N THR A 29 -3.29 -3.10 -13.62
CA THR A 29 -4.51 -2.40 -13.26
C THR A 29 -4.92 -2.75 -11.82
N ASP A 30 -4.15 -2.23 -10.88
CA ASP A 30 -4.41 -2.49 -9.47
C ASP A 30 -3.23 -1.99 -8.64
N LEU A 31 -3.51 -1.75 -7.36
CA LEU A 31 -2.48 -1.28 -6.45
C LEU A 31 -2.39 -2.25 -5.26
N GLU A 32 -1.16 -2.44 -4.80
CA GLU A 32 -0.91 -3.32 -3.67
C GLU A 32 0.00 -2.64 -2.66
N VAL A 33 -0.58 -2.28 -1.52
CA VAL A 33 0.18 -1.64 -0.47
C VAL A 33 0.07 -2.47 0.81
N ARG A 34 1.23 -2.78 1.37
CA ARG A 34 1.29 -3.57 2.59
C ARG A 34 1.95 -2.76 3.72
N VAL A 35 1.27 -2.74 4.85
CA VAL A 35 1.77 -2.01 6.00
C VAL A 35 2.31 -3.00 7.04
N PRO A 36 3.54 -2.72 7.53
CA PRO A 36 4.16 -3.58 8.52
C PRO A 36 3.53 -3.38 9.90
N VAL A 37 3.33 -4.50 10.59
CA VAL A 37 2.73 -4.46 11.91
C VAL A 37 3.68 -5.12 12.92
N PRO A 38 3.48 -4.78 14.21
CA PRO A 38 4.31 -5.33 15.27
C PRO A 38 3.92 -6.78 15.56
N LYS A 39 4.67 -7.39 16.47
CA LYS A 39 4.41 -8.77 16.86
C LYS A 39 3.32 -8.81 17.93
N HIS A 40 2.71 -7.64 18.14
CA HIS A 40 1.65 -7.53 19.13
C HIS A 40 0.31 -7.34 18.43
N VAL A 41 0.38 -7.23 17.11
CA VAL A 41 -0.82 -7.04 16.31
C VAL A 41 -1.21 -8.36 15.66
N VAL A 42 -2.32 -8.92 16.13
CA VAL A 42 -2.82 -10.18 15.61
C VAL A 42 -4.32 -10.06 15.36
N LYS A 43 -5.00 -9.42 16.29
CA LYS A 43 -6.44 -9.24 16.18
C LYS A 43 -6.73 -8.10 15.21
N GLY A 44 -7.85 -8.23 14.51
CA GLY A 44 -8.26 -7.23 13.54
C GLY A 44 -8.81 -5.98 14.25
N LYS A 45 -8.81 -6.04 15.57
CA LYS A 45 -9.30 -4.93 16.36
C LYS A 45 -8.13 -4.00 16.71
N GLN A 46 -6.93 -4.48 16.44
CA GLN A 46 -5.73 -3.71 16.71
C GLN A 46 -5.30 -2.94 15.46
N VAL A 47 -6.26 -2.69 14.59
CA VAL A 47 -5.98 -1.97 13.36
C VAL A 47 -7.28 -1.30 12.87
N SER A 48 -7.12 -0.09 12.36
CA SER A 48 -8.25 0.66 11.86
C SER A 48 -8.06 0.96 10.37
N VAL A 49 -9.09 0.67 9.60
CA VAL A 49 -9.05 0.90 8.17
C VAL A 49 -10.31 1.68 7.74
N ALA A 50 -10.10 2.63 6.86
CA ALA A 50 -11.20 3.44 6.36
C ALA A 50 -11.14 3.51 4.83
N LEU A 51 -12.09 2.84 4.21
CA LEU A 51 -12.15 2.81 2.76
C LEU A 51 -13.33 3.67 2.29
N SER A 52 -13.01 4.64 1.44
CA SER A 52 -14.02 5.54 0.91
C SER A 52 -14.00 5.51 -0.62
N SER A 53 -12.90 6.02 -1.17
CA SER A 53 -12.75 6.07 -2.62
C SER A 53 -11.44 6.78 -2.97
N SER A 54 -11.29 7.98 -2.43
CA SER A 54 -10.10 8.77 -2.69
C SER A 54 -9.38 9.06 -1.36
N SER A 55 -9.56 8.16 -0.41
CA SER A 55 -8.93 8.30 0.89
C SER A 55 -8.58 6.93 1.46
N ILE A 56 -7.57 6.92 2.32
CA ILE A 56 -7.13 5.69 2.94
C ILE A 56 -6.61 5.98 4.35
N ARG A 57 -6.83 5.02 5.24
CA ARG A 57 -6.40 5.17 6.62
C ARG A 57 -5.90 3.84 7.17
N VAL A 58 -4.72 3.87 7.77
CA VAL A 58 -4.13 2.68 8.34
C VAL A 58 -3.53 3.01 9.70
N ALA A 59 -4.13 2.42 10.72
CA ALA A 59 -3.67 2.64 12.09
C ALA A 59 -3.63 1.30 12.83
N MET A 60 -2.91 1.31 13.94
CA MET A 60 -2.77 0.10 14.75
C MET A 60 -2.77 0.45 16.24
N LEU A 61 -3.54 -0.35 16.99
CA LEU A 61 -3.63 -0.14 18.42
C LEU A 61 -2.31 -0.52 19.08
N GLU A 62 -1.82 0.38 19.93
CA GLU A 62 -0.57 0.15 20.63
C GLU A 62 -0.84 -0.39 22.03
N GLU A 63 -1.42 0.47 22.87
CA GLU A 63 -1.74 0.09 24.23
C GLU A 63 -2.68 1.11 24.86
N ASN A 64 -2.16 2.31 25.08
CA ASN A 64 -2.95 3.38 25.67
C ASN A 64 -3.65 4.16 24.55
N GLY A 65 -3.31 3.81 23.32
CA GLY A 65 -3.89 4.48 22.16
C GLY A 65 -3.63 3.68 20.89
N GLU A 66 -3.23 4.40 19.85
CA GLU A 66 -2.95 3.78 18.57
C GLU A 66 -1.99 4.66 17.75
N ARG A 67 -1.62 4.16 16.59
CA ARG A 67 -0.73 4.88 15.70
C ARG A 67 -1.16 4.71 14.25
N VAL A 68 -1.11 5.83 13.52
CA VAL A 68 -1.50 5.80 12.12
C VAL A 68 -0.27 5.50 11.26
N LEU A 69 -0.17 4.24 10.86
CA LEU A 69 0.95 3.80 10.04
C LEU A 69 0.92 4.54 8.70
N MET A 70 -0.22 4.43 8.03
CA MET A 70 -0.39 5.08 6.74
C MET A 70 -1.75 5.79 6.66
N GLU A 71 -1.75 6.93 6.00
CA GLU A 71 -2.97 7.71 5.84
C GLU A 71 -2.74 8.87 4.87
N GLY A 72 -3.84 9.30 4.26
CA GLY A 72 -3.77 10.40 3.31
C GLY A 72 -4.77 10.20 2.17
N LYS A 73 -5.21 11.32 1.61
CA LYS A 73 -6.18 11.28 0.53
C LYS A 73 -5.50 10.70 -0.72
N LEU A 74 -6.18 9.76 -1.35
CA LEU A 74 -5.66 9.12 -2.55
C LEU A 74 -5.64 10.14 -3.69
N THR A 75 -4.84 9.83 -4.70
CA THR A 75 -4.71 10.71 -5.85
C THR A 75 -5.94 10.57 -6.75
N HIS A 76 -6.57 9.42 -6.69
CA HIS A 76 -7.76 9.15 -7.48
C HIS A 76 -8.76 8.34 -6.67
N LYS A 77 -9.83 7.94 -7.33
CA LYS A 77 -10.87 7.16 -6.68
C LYS A 77 -10.61 5.67 -6.92
N ILE A 78 -11.28 4.85 -6.13
CA ILE A 78 -11.12 3.41 -6.25
C ILE A 78 -12.49 2.74 -6.09
N ASN A 79 -12.48 1.42 -6.08
CA ASN A 79 -13.70 0.65 -5.94
C ASN A 79 -13.73 -0.02 -4.56
N THR A 80 -14.20 0.73 -3.58
CA THR A 80 -14.28 0.22 -2.22
C THR A 80 -14.99 -1.13 -2.20
N GLU A 81 -15.77 -1.37 -3.24
CA GLU A 81 -16.51 -2.62 -3.36
C GLU A 81 -15.56 -3.77 -3.70
N SER A 82 -14.75 -3.55 -4.73
CA SER A 82 -13.80 -4.56 -5.16
C SER A 82 -12.57 -4.55 -4.24
N SER A 83 -12.36 -3.41 -3.61
CA SER A 83 -11.24 -3.26 -2.69
C SER A 83 -11.54 -3.96 -1.37
N LEU A 84 -10.49 -4.55 -0.81
CA LEU A 84 -10.63 -5.26 0.45
C LEU A 84 -9.50 -4.83 1.40
N TRP A 85 -9.53 -5.41 2.59
CA TRP A 85 -8.52 -5.09 3.59
C TRP A 85 -8.50 -6.23 4.62
N SER A 86 -7.33 -6.84 4.75
CA SER A 86 -7.16 -7.93 5.68
C SER A 86 -6.02 -7.63 6.65
N LEU A 87 -6.05 -8.31 7.79
CA LEU A 87 -5.03 -8.12 8.81
C LEU A 87 -4.30 -9.45 9.04
N GLU A 88 -2.99 -9.33 9.25
CA GLU A 88 -2.18 -10.51 9.49
C GLU A 88 -1.42 -10.37 10.82
N PRO A 89 -1.43 -11.49 11.59
CA PRO A 89 -0.76 -11.50 12.89
C PRO A 89 0.76 -11.59 12.71
N GLY A 90 1.45 -10.62 13.29
CA GLY A 90 2.90 -10.58 13.21
C GLY A 90 3.36 -10.66 11.75
N LYS A 91 2.92 -9.68 10.97
CA LYS A 91 3.29 -9.62 9.57
C LYS A 91 3.09 -8.20 9.05
N CYS A 92 1.95 -8.00 8.39
CA CYS A 92 1.63 -6.69 7.84
C CYS A 92 0.14 -6.68 7.49
N VAL A 93 -0.30 -5.52 7.02
CA VAL A 93 -1.70 -5.35 6.65
C VAL A 93 -1.82 -5.35 5.13
N LEU A 94 -2.76 -6.16 4.64
CA LEU A 94 -2.99 -6.27 3.21
C LEU A 94 -4.17 -5.39 2.83
N VAL A 95 -4.02 -4.70 1.70
CA VAL A 95 -5.07 -3.82 1.22
C VAL A 95 -5.04 -3.80 -0.32
N ASN A 96 -6.21 -4.06 -0.91
CA ASN A 96 -6.32 -4.07 -2.35
C ASN A 96 -7.16 -2.87 -2.80
N LEU A 97 -6.62 -2.15 -3.77
CA LEU A 97 -7.30 -0.98 -4.30
C LEU A 97 -7.63 -1.21 -5.77
N SER A 98 -8.93 -1.26 -6.06
CA SER A 98 -9.39 -1.47 -7.42
C SER A 98 -9.44 -0.14 -8.16
N LYS A 99 -9.03 -0.19 -9.42
CA LYS A 99 -9.04 1.00 -10.26
C LYS A 99 -10.41 1.15 -10.92
N VAL A 100 -10.94 2.35 -10.84
CA VAL A 100 -12.25 2.64 -11.43
C VAL A 100 -12.03 3.17 -12.86
N GLY A 101 -11.09 2.55 -13.55
CA GLY A 101 -10.79 2.95 -14.92
C GLY A 101 -9.30 2.82 -15.21
N GLU A 102 -8.94 3.19 -16.43
CA GLU A 102 -7.55 3.12 -16.85
C GLU A 102 -6.82 4.41 -16.47
N TYR A 103 -6.18 4.38 -15.31
CA TYR A 103 -5.45 5.53 -14.82
C TYR A 103 -4.03 5.14 -14.42
N TRP A 104 -3.14 6.13 -14.44
CA TRP A 104 -1.76 5.91 -14.07
C TRP A 104 -1.54 6.47 -12.66
N TRP A 105 -1.69 5.59 -11.69
CA TRP A 105 -1.51 5.98 -10.30
C TRP A 105 -0.04 6.34 -10.09
N ASN A 106 0.28 7.59 -10.38
CA ASN A 106 1.65 8.06 -10.23
C ASN A 106 2.06 7.96 -8.76
N ALA A 107 1.06 7.79 -7.91
CA ALA A 107 1.29 7.68 -6.48
C ALA A 107 0.00 7.28 -5.78
N ILE A 108 0.15 6.82 -4.55
CA ILE A 108 -0.99 6.40 -3.76
C ILE A 108 -1.70 7.63 -3.20
N LEU A 109 -0.95 8.40 -2.41
CA LEU A 109 -1.50 9.61 -1.82
C LEU A 109 -1.03 10.83 -2.61
N GLU A 110 -1.60 11.97 -2.28
CA GLU A 110 -1.25 13.21 -2.95
C GLU A 110 0.05 13.77 -2.38
N GLY A 111 0.48 13.18 -1.27
CA GLY A 111 1.70 13.61 -0.61
C GLY A 111 2.93 12.97 -1.27
N GLU A 112 2.76 11.71 -1.66
CA GLU A 112 3.84 10.97 -2.30
C GLU A 112 4.10 11.53 -3.70
N GLU A 113 5.28 12.13 -3.84
CA GLU A 113 5.67 12.70 -5.12
C GLU A 113 5.35 11.73 -6.25
N PRO A 114 5.30 12.29 -7.49
CA PRO A 114 5.00 11.49 -8.67
C PRO A 114 6.22 10.65 -9.07
N ILE A 115 5.95 9.62 -9.86
CA ILE A 115 7.01 8.73 -10.32
C ILE A 115 7.32 9.03 -11.79
N ASP A 116 8.46 8.54 -12.23
CA ASP A 116 8.89 8.75 -13.61
C ASP A 116 8.54 7.50 -14.43
N ILE A 117 7.26 7.38 -14.75
CA ILE A 117 6.78 6.25 -15.53
C ILE A 117 6.28 6.75 -16.89
N ASP A 118 6.38 5.87 -17.87
CA ASP A 118 5.93 6.21 -19.22
C ASP A 118 6.58 7.52 -19.64
N SER A 119 7.75 7.41 -20.26
CA SER A 119 8.48 8.57 -20.71
C SER A 119 9.73 8.14 -21.48
N GLY A 120 9.51 7.69 -22.71
CA GLY A 120 10.60 7.24 -23.55
C GLY A 120 10.14 6.14 -24.51
N PRO A 121 11.08 5.74 -25.41
CA PRO A 121 10.78 4.70 -26.39
C PRO A 121 10.77 3.32 -25.73
N SER A 122 11.91 2.95 -25.18
CA SER A 122 12.05 1.66 -24.53
C SER A 122 10.80 1.38 -23.67
N SER A 123 10.59 2.25 -22.70
CA SER A 123 9.45 2.11 -21.81
C SER A 123 9.56 0.79 -21.04
N GLY A 124 8.93 0.79 -19.87
CA GLY A 124 8.94 -0.40 -19.02
C GLY A 124 9.19 -0.04 -17.56
N GLY A 1 9.29 -12.09 -23.75
CA GLY A 1 10.63 -12.03 -24.31
C GLY A 1 11.69 -12.13 -23.21
N SER A 2 12.93 -12.31 -23.64
CA SER A 2 14.04 -12.42 -22.70
C SER A 2 13.87 -13.67 -21.85
N SER A 3 15.01 -14.21 -21.42
CA SER A 3 15.01 -15.40 -20.59
C SER A 3 14.99 -15.00 -19.11
N GLY A 4 13.96 -15.49 -18.42
CA GLY A 4 13.82 -15.20 -17.00
C GLY A 4 12.36 -14.83 -16.67
N SER A 5 12.20 -13.61 -16.20
CA SER A 5 10.87 -13.12 -15.83
C SER A 5 10.43 -13.75 -14.50
N SER A 6 10.20 -15.05 -14.54
CA SER A 6 9.78 -15.76 -13.36
C SER A 6 10.99 -16.41 -12.67
N GLY A 7 10.95 -16.39 -11.35
CA GLY A 7 12.04 -16.97 -10.57
C GLY A 7 12.98 -15.87 -10.07
N GLN A 8 14.18 -16.30 -9.70
CA GLN A 8 15.19 -15.38 -9.20
C GLN A 8 14.74 -14.76 -7.88
N LYS A 9 15.72 -14.45 -7.05
CA LYS A 9 15.44 -13.85 -5.75
C LYS A 9 14.96 -12.41 -5.94
N ASN A 10 14.24 -11.93 -4.95
CA ASN A 10 13.71 -10.58 -4.99
C ASN A 10 13.62 -10.02 -3.57
N PRO A 11 13.74 -8.67 -3.46
CA PRO A 11 13.67 -8.01 -2.18
C PRO A 11 12.23 -7.95 -1.67
N ASP A 12 12.03 -7.13 -0.63
CA ASP A 12 10.71 -6.97 -0.05
C ASP A 12 9.71 -6.61 -1.15
N SER A 13 9.96 -5.47 -1.77
CA SER A 13 9.08 -5.00 -2.85
C SER A 13 9.93 -4.43 -3.99
N TYR A 14 9.54 -4.80 -5.21
CA TYR A 14 10.24 -4.34 -6.39
C TYR A 14 9.27 -4.03 -7.52
N ASN A 15 9.47 -2.87 -8.12
CA ASN A 15 8.61 -2.45 -9.23
C ASN A 15 8.93 -0.99 -9.58
N GLY A 16 8.90 -0.14 -8.56
CA GLY A 16 9.18 1.26 -8.74
C GLY A 16 9.75 1.89 -7.46
N ALA A 17 8.91 2.64 -6.78
CA ALA A 17 9.30 3.29 -5.55
C ALA A 17 8.89 2.42 -4.36
N VAL A 18 9.53 2.69 -3.23
CA VAL A 18 9.25 1.93 -2.02
C VAL A 18 9.46 2.83 -0.80
N ARG A 19 8.37 3.06 -0.08
CA ARG A 19 8.42 3.91 1.11
C ARG A 19 8.65 3.05 2.35
N GLU A 20 9.11 3.71 3.41
CA GLU A 20 9.38 3.03 4.66
C GLU A 20 8.08 2.85 5.45
N ASN A 21 7.41 3.97 5.68
CA ASN A 21 6.16 3.95 6.43
C ASN A 21 5.27 2.83 5.89
N TYR A 22 4.97 2.93 4.60
CA TYR A 22 4.14 1.92 3.95
C TYR A 22 4.56 1.72 2.49
N THR A 23 4.71 0.46 2.12
CA THR A 23 5.10 0.11 0.77
C THR A 23 3.88 0.02 -0.14
N TRP A 24 4.12 0.14 -1.43
CA TRP A 24 3.05 0.08 -2.41
C TRP A 24 3.67 -0.19 -3.77
N SER A 25 2.84 -0.67 -4.68
CA SER A 25 3.29 -0.99 -6.03
C SER A 25 2.12 -0.89 -7.01
N GLN A 26 2.47 -0.70 -8.28
CA GLN A 26 1.47 -0.59 -9.32
C GLN A 26 1.51 -1.83 -10.23
N ASP A 27 0.32 -2.38 -10.47
CA ASP A 27 0.21 -3.55 -11.31
C ASP A 27 -0.60 -3.20 -12.57
N TYR A 28 -0.79 -4.21 -13.41
CA TYR A 28 -1.54 -4.02 -14.65
C TYR A 28 -2.75 -3.11 -14.42
N THR A 29 -3.54 -3.47 -13.42
CA THR A 29 -4.73 -2.70 -13.08
C THR A 29 -5.11 -2.90 -11.61
N ASP A 30 -4.26 -2.38 -10.74
CA ASP A 30 -4.49 -2.50 -9.31
C ASP A 30 -3.23 -2.07 -8.56
N LEU A 31 -3.37 -1.96 -7.25
CA LEU A 31 -2.26 -1.57 -6.40
C LEU A 31 -2.15 -2.53 -5.22
N GLU A 32 -0.97 -2.57 -4.64
CA GLU A 32 -0.72 -3.44 -3.50
C GLU A 32 0.15 -2.73 -2.46
N VAL A 33 -0.52 -2.25 -1.42
CA VAL A 33 0.17 -1.55 -0.36
C VAL A 33 0.17 -2.41 0.91
N ARG A 34 1.36 -2.79 1.34
CA ARG A 34 1.51 -3.62 2.53
C ARG A 34 2.12 -2.80 3.66
N VAL A 35 1.42 -2.78 4.79
CA VAL A 35 1.87 -2.04 5.95
C VAL A 35 2.38 -3.03 7.00
N PRO A 36 3.60 -2.74 7.53
CA PRO A 36 4.21 -3.59 8.53
C PRO A 36 3.53 -3.38 9.89
N VAL A 37 3.27 -4.50 10.56
CA VAL A 37 2.63 -4.45 11.87
C VAL A 37 3.55 -5.11 12.90
N PRO A 38 3.31 -4.76 14.19
CA PRO A 38 4.10 -5.32 15.28
C PRO A 38 3.71 -6.77 15.56
N LYS A 39 4.44 -7.37 16.49
CA LYS A 39 4.18 -8.75 16.85
C LYS A 39 3.08 -8.80 17.90
N HIS A 40 2.47 -7.63 18.13
CA HIS A 40 1.39 -7.53 19.10
C HIS A 40 0.06 -7.38 18.37
N VAL A 41 0.14 -7.29 17.05
CA VAL A 41 -1.05 -7.16 16.23
C VAL A 41 -1.36 -8.49 15.55
N VAL A 42 -2.45 -9.10 15.98
CA VAL A 42 -2.86 -10.37 15.43
C VAL A 42 -4.37 -10.37 15.19
N LYS A 43 -4.93 -9.16 15.22
CA LYS A 43 -6.36 -9.00 15.01
C LYS A 43 -6.60 -7.77 14.13
N GLY A 44 -7.77 -7.74 13.52
CA GLY A 44 -8.15 -6.63 12.66
C GLY A 44 -8.77 -5.50 13.47
N LYS A 45 -9.30 -5.86 14.63
CA LYS A 45 -9.93 -4.88 15.50
C LYS A 45 -8.85 -4.00 16.12
N GLN A 46 -7.62 -4.47 16.05
CA GLN A 46 -6.49 -3.74 16.61
C GLN A 46 -6.04 -2.65 15.62
N VAL A 47 -6.47 -2.80 14.39
CA VAL A 47 -6.11 -1.85 13.35
C VAL A 47 -7.39 -1.20 12.80
N SER A 48 -7.23 0.03 12.31
CA SER A 48 -8.35 0.76 11.76
C SER A 48 -8.15 0.98 10.26
N VAL A 49 -9.12 0.55 9.49
CA VAL A 49 -9.06 0.69 8.05
C VAL A 49 -10.25 1.51 7.56
N ALA A 50 -9.97 2.75 7.19
CA ALA A 50 -11.01 3.64 6.70
C ALA A 50 -10.86 3.82 5.19
N LEU A 51 -11.86 3.34 4.47
CA LEU A 51 -11.85 3.44 3.02
C LEU A 51 -13.06 4.27 2.57
N SER A 52 -12.81 5.10 1.56
CA SER A 52 -13.85 5.96 1.03
C SER A 52 -13.88 5.88 -0.49
N SER A 53 -12.79 6.34 -1.10
CA SER A 53 -12.66 6.33 -2.55
C SER A 53 -11.36 7.01 -2.97
N SER A 54 -11.16 8.21 -2.45
CA SER A 54 -9.96 8.97 -2.76
C SER A 54 -9.14 9.21 -1.49
N SER A 55 -9.20 8.22 -0.60
CA SER A 55 -8.48 8.30 0.66
C SER A 55 -8.37 6.93 1.29
N ILE A 56 -7.62 6.87 2.39
CA ILE A 56 -7.44 5.61 3.10
C ILE A 56 -6.88 5.91 4.50
N ARG A 57 -7.15 4.98 5.41
CA ARG A 57 -6.67 5.13 6.78
C ARG A 57 -6.09 3.80 7.28
N VAL A 58 -4.92 3.89 7.90
CA VAL A 58 -4.26 2.71 8.43
C VAL A 58 -3.67 3.04 9.80
N ALA A 59 -4.29 2.48 10.83
CA ALA A 59 -3.84 2.71 12.19
C ALA A 59 -3.83 1.37 12.95
N MET A 60 -3.01 1.33 13.98
CA MET A 60 -2.89 0.13 14.80
C MET A 60 -2.86 0.47 16.29
N LEU A 61 -3.52 -0.36 17.07
CA LEU A 61 -3.58 -0.17 18.51
C LEU A 61 -2.18 -0.32 19.10
N GLU A 62 -1.78 0.66 19.89
CA GLU A 62 -0.47 0.64 20.52
C GLU A 62 -0.62 0.48 22.04
N GLU A 63 0.51 0.60 22.72
CA GLU A 63 0.53 0.48 24.17
C GLU A 63 0.25 1.84 24.82
N ASN A 64 0.05 2.84 23.97
CA ASN A 64 -0.22 4.19 24.45
C ASN A 64 -0.92 4.98 23.35
N GLY A 65 -2.05 4.44 22.90
CA GLY A 65 -2.82 5.09 21.85
C GLY A 65 -2.38 4.60 20.46
N GLU A 66 -3.34 4.05 19.75
CA GLU A 66 -3.07 3.53 18.41
C GLU A 66 -2.21 4.53 17.63
N ARG A 67 -1.65 4.04 16.53
CA ARG A 67 -0.82 4.87 15.68
C ARG A 67 -1.20 4.71 14.22
N VAL A 68 -1.27 5.83 13.52
CA VAL A 68 -1.63 5.83 12.12
C VAL A 68 -0.40 5.51 11.28
N LEU A 69 -0.31 4.26 10.87
CA LEU A 69 0.82 3.80 10.06
C LEU A 69 0.78 4.52 8.71
N MET A 70 -0.38 4.47 8.08
CA MET A 70 -0.56 5.11 6.79
C MET A 70 -1.93 5.79 6.69
N GLU A 71 -1.92 6.96 6.08
CA GLU A 71 -3.15 7.72 5.92
C GLU A 71 -2.90 8.94 5.02
N GLY A 72 -3.95 9.32 4.30
CA GLY A 72 -3.85 10.47 3.41
C GLY A 72 -4.74 10.27 2.17
N LYS A 73 -5.13 11.39 1.59
CA LYS A 73 -5.98 11.36 0.40
C LYS A 73 -5.21 10.71 -0.75
N LEU A 74 -5.89 9.83 -1.46
CA LEU A 74 -5.29 9.13 -2.58
C LEU A 74 -5.22 10.08 -3.78
N THR A 75 -4.61 9.59 -4.85
CA THR A 75 -4.46 10.39 -6.06
C THR A 75 -5.74 10.33 -6.89
N HIS A 76 -6.33 9.15 -6.95
CA HIS A 76 -7.55 8.94 -7.70
C HIS A 76 -8.58 8.22 -6.83
N LYS A 77 -9.73 7.95 -7.42
CA LYS A 77 -10.80 7.26 -6.71
C LYS A 77 -10.64 5.75 -6.90
N ILE A 78 -11.40 5.01 -6.11
CA ILE A 78 -11.34 3.55 -6.18
C ILE A 78 -12.74 2.99 -5.89
N ASN A 79 -12.82 1.67 -5.90
CA ASN A 79 -14.08 1.00 -5.65
C ASN A 79 -14.00 0.27 -4.30
N THR A 80 -14.13 1.05 -3.24
CA THR A 80 -14.08 0.50 -1.90
C THR A 80 -14.78 -0.86 -1.85
N GLU A 81 -15.98 -0.88 -2.42
CA GLU A 81 -16.76 -2.11 -2.44
C GLU A 81 -15.95 -3.25 -3.07
N SER A 82 -15.41 -2.97 -4.23
CA SER A 82 -14.60 -3.96 -4.94
C SER A 82 -13.26 -4.15 -4.24
N SER A 83 -12.88 -3.12 -3.48
CA SER A 83 -11.62 -3.15 -2.76
C SER A 83 -11.77 -4.00 -1.49
N LEU A 84 -10.63 -4.36 -0.92
CA LEU A 84 -10.62 -5.17 0.29
C LEU A 84 -9.40 -4.80 1.13
N TRP A 85 -9.29 -5.46 2.27
CA TRP A 85 -8.18 -5.21 3.18
C TRP A 85 -8.10 -6.38 4.16
N SER A 86 -6.93 -7.03 4.16
CA SER A 86 -6.72 -8.17 5.04
C SER A 86 -5.64 -7.82 6.06
N LEU A 87 -5.72 -8.49 7.21
CA LEU A 87 -4.76 -8.26 8.28
C LEU A 87 -4.00 -9.57 8.55
N GLU A 88 -2.74 -9.41 8.92
CA GLU A 88 -1.90 -10.56 9.21
C GLU A 88 -1.23 -10.40 10.58
N PRO A 89 -1.25 -11.52 11.35
CA PRO A 89 -0.66 -11.51 12.68
C PRO A 89 0.87 -11.55 12.60
N GLY A 90 1.47 -10.52 13.17
CA GLY A 90 2.92 -10.43 13.17
C GLY A 90 3.48 -10.46 11.75
N LYS A 91 2.86 -9.67 10.88
CA LYS A 91 3.28 -9.60 9.50
C LYS A 91 3.09 -8.17 8.98
N CYS A 92 1.98 -7.97 8.27
CA CYS A 92 1.67 -6.67 7.73
C CYS A 92 0.19 -6.65 7.34
N VAL A 93 -0.26 -5.49 6.88
CA VAL A 93 -1.64 -5.32 6.48
C VAL A 93 -1.72 -5.26 4.95
N LEU A 94 -2.67 -6.00 4.41
CA LEU A 94 -2.86 -6.03 2.97
C LEU A 94 -4.09 -5.20 2.60
N VAL A 95 -3.88 -4.29 1.65
CA VAL A 95 -4.95 -3.42 1.19
C VAL A 95 -5.02 -3.45 -0.33
N ASN A 96 -6.03 -4.14 -0.84
CA ASN A 96 -6.21 -4.25 -2.28
C ASN A 96 -7.09 -3.10 -2.75
N LEU A 97 -6.55 -2.34 -3.69
CA LEU A 97 -7.27 -1.21 -4.25
C LEU A 97 -7.72 -1.54 -5.68
N SER A 98 -9.01 -1.40 -5.90
CA SER A 98 -9.57 -1.67 -7.22
C SER A 98 -9.85 -0.37 -7.95
N LYS A 99 -9.01 -0.08 -8.94
CA LYS A 99 -9.15 1.13 -9.72
C LYS A 99 -10.51 1.12 -10.42
N VAL A 100 -11.10 2.29 -10.52
CA VAL A 100 -12.39 2.43 -11.17
C VAL A 100 -12.19 2.70 -12.67
N GLY A 101 -11.29 1.93 -13.25
CA GLY A 101 -10.99 2.07 -14.67
C GLY A 101 -9.49 2.02 -14.92
N GLU A 102 -9.13 1.99 -16.20
CA GLU A 102 -7.73 1.93 -16.58
C GLU A 102 -7.04 3.26 -16.26
N TYR A 103 -6.43 3.30 -15.09
CA TYR A 103 -5.72 4.50 -14.65
C TYR A 103 -4.30 4.17 -14.20
N TRP A 104 -3.44 5.18 -14.26
CA TRP A 104 -2.06 5.01 -13.85
C TRP A 104 -1.85 5.77 -12.55
N TRP A 105 -1.71 5.01 -11.46
CA TRP A 105 -1.51 5.61 -10.16
C TRP A 105 -0.01 5.90 -10.00
N ASN A 106 0.38 7.09 -10.40
CA ASN A 106 1.77 7.51 -10.31
C ASN A 106 2.20 7.50 -8.84
N ALA A 107 1.20 7.44 -7.96
CA ALA A 107 1.47 7.43 -6.53
C ALA A 107 0.17 7.10 -5.79
N ILE A 108 0.33 6.72 -4.53
CA ILE A 108 -0.80 6.38 -3.69
C ILE A 108 -1.46 7.65 -3.17
N LEU A 109 -0.67 8.42 -2.43
CA LEU A 109 -1.16 9.67 -1.86
C LEU A 109 -0.66 10.84 -2.71
N GLU A 110 -1.23 12.01 -2.46
CA GLU A 110 -0.85 13.21 -3.19
C GLU A 110 0.50 13.71 -2.70
N GLY A 111 1.21 14.38 -3.60
CA GLY A 111 2.51 14.93 -3.27
C GLY A 111 3.62 13.90 -3.53
N GLU A 112 3.41 12.71 -2.99
CA GLU A 112 4.37 11.64 -3.15
C GLU A 112 4.97 11.66 -4.57
N GLU A 113 6.26 11.90 -4.63
CA GLU A 113 6.96 11.95 -5.90
C GLU A 113 6.42 10.88 -6.85
N PRO A 114 6.39 11.22 -8.16
CA PRO A 114 5.90 10.30 -9.17
C PRO A 114 6.92 9.20 -9.45
N ILE A 115 6.44 7.96 -9.41
CA ILE A 115 7.29 6.81 -9.65
C ILE A 115 8.05 7.02 -10.96
N ASP A 116 8.86 6.03 -11.31
CA ASP A 116 9.64 6.09 -12.53
C ASP A 116 8.75 6.61 -13.66
N ILE A 117 7.70 5.84 -13.94
CA ILE A 117 6.77 6.22 -14.99
C ILE A 117 5.78 7.25 -14.46
N ASP A 118 5.34 8.12 -15.36
CA ASP A 118 4.40 9.16 -15.00
C ASP A 118 4.14 10.06 -16.21
N SER A 119 3.11 10.89 -16.09
CA SER A 119 2.75 11.79 -17.16
C SER A 119 3.92 12.69 -17.51
N GLY A 120 4.38 13.43 -16.50
CA GLY A 120 5.49 14.34 -16.69
C GLY A 120 5.05 15.62 -17.41
N PRO A 121 6.01 16.24 -18.13
CA PRO A 121 5.73 17.47 -18.86
C PRO A 121 4.91 17.19 -20.12
N SER A 122 3.65 16.84 -19.90
CA SER A 122 2.75 16.54 -21.01
C SER A 122 1.66 17.60 -21.09
N SER A 123 0.93 17.75 -20.00
CA SER A 123 -0.15 18.72 -19.94
C SER A 123 -0.44 19.10 -18.48
N GLY A 124 0.13 20.23 -18.07
CA GLY A 124 -0.06 20.70 -16.71
C GLY A 124 1.26 21.21 -16.12
N GLY A 1 -10.42 -9.65 -18.84
CA GLY A 1 -9.14 -9.98 -18.23
C GLY A 1 -9.29 -10.10 -16.71
N SER A 2 -8.15 -10.33 -16.06
CA SER A 2 -8.14 -10.47 -14.61
C SER A 2 -6.70 -10.39 -14.10
N SER A 3 -5.87 -11.31 -14.59
CA SER A 3 -4.48 -11.36 -14.20
C SER A 3 -3.62 -11.86 -15.36
N GLY A 4 -2.47 -11.24 -15.50
CA GLY A 4 -1.54 -11.61 -16.56
C GLY A 4 -0.09 -11.52 -16.09
N SER A 5 0.82 -11.65 -17.04
CA SER A 5 2.24 -11.57 -16.74
C SER A 5 2.60 -12.62 -15.68
N SER A 6 3.23 -13.69 -16.14
CA SER A 6 3.63 -14.77 -15.25
C SER A 6 4.95 -14.40 -14.56
N GLY A 7 5.17 -15.03 -13.42
CA GLY A 7 6.38 -14.79 -12.65
C GLY A 7 6.19 -13.60 -11.70
N GLN A 8 6.35 -13.88 -10.41
CA GLN A 8 6.20 -12.84 -9.41
C GLN A 8 6.83 -13.30 -8.09
N LYS A 9 7.62 -12.39 -7.51
CA LYS A 9 8.29 -12.69 -6.25
C LYS A 9 8.86 -11.40 -5.67
N ASN A 10 9.16 -11.45 -4.38
CA ASN A 10 9.71 -10.29 -3.69
C ASN A 10 10.00 -10.67 -2.23
N PRO A 11 11.05 -10.01 -1.68
CA PRO A 11 11.44 -10.25 -0.30
C PRO A 11 10.46 -9.61 0.68
N ASP A 12 10.09 -8.37 0.36
CA ASP A 12 9.16 -7.63 1.20
C ASP A 12 8.53 -6.50 0.38
N SER A 13 9.38 -5.71 -0.25
CA SER A 13 8.93 -4.61 -1.06
C SER A 13 9.92 -4.35 -2.20
N TYR A 14 9.51 -4.73 -3.40
CA TYR A 14 10.34 -4.54 -4.57
C TYR A 14 9.50 -4.47 -5.84
N ASN A 15 9.28 -3.24 -6.30
CA ASN A 15 8.50 -3.02 -7.50
C ASN A 15 8.54 -1.54 -7.87
N GLY A 16 8.11 -0.71 -6.93
CA GLY A 16 8.09 0.72 -7.15
C GLY A 16 8.71 1.46 -5.96
N ALA A 17 8.16 2.63 -5.67
CA ALA A 17 8.64 3.44 -4.57
C ALA A 17 8.20 2.81 -3.24
N VAL A 18 9.18 2.40 -2.46
CA VAL A 18 8.91 1.78 -1.18
C VAL A 18 9.01 2.84 -0.07
N ARG A 19 8.90 2.37 1.16
CA ARG A 19 8.98 3.27 2.30
C ARG A 19 8.68 2.51 3.60
N GLU A 20 9.24 3.00 4.68
CA GLU A 20 9.05 2.38 5.98
C GLU A 20 7.60 2.54 6.44
N ASN A 21 7.04 3.71 6.13
CA ASN A 21 5.66 3.99 6.49
C ASN A 21 4.75 2.90 5.95
N TYR A 22 4.73 2.79 4.63
CA TYR A 22 3.91 1.78 3.98
C TYR A 22 4.37 1.55 2.54
N THR A 23 4.60 0.28 2.23
CA THR A 23 5.04 -0.09 0.89
C THR A 23 3.84 -0.29 -0.03
N TRP A 24 4.08 -0.05 -1.31
CA TRP A 24 3.03 -0.20 -2.31
C TRP A 24 3.69 -0.40 -3.67
N SER A 25 2.88 -0.77 -4.65
CA SER A 25 3.37 -1.00 -6.00
C SER A 25 2.24 -0.78 -7.01
N GLN A 26 2.65 -0.40 -8.21
CA GLN A 26 1.69 -0.16 -9.28
C GLN A 26 1.76 -1.28 -10.33
N ASP A 27 0.59 -1.82 -10.64
CA ASP A 27 0.51 -2.89 -11.62
C ASP A 27 -0.62 -2.59 -12.60
N TYR A 28 -0.77 -3.48 -13.57
CA TYR A 28 -1.81 -3.32 -14.58
C TYR A 28 -3.08 -4.09 -14.20
N THR A 29 -3.45 -3.96 -12.93
CA THR A 29 -4.63 -4.64 -12.43
C THR A 29 -5.21 -3.88 -11.23
N ASP A 30 -4.36 -3.67 -10.23
CA ASP A 30 -4.77 -2.97 -9.03
C ASP A 30 -3.53 -2.55 -8.24
N LEU A 31 -3.77 -1.73 -7.22
CA LEU A 31 -2.69 -1.25 -6.38
C LEU A 31 -2.57 -2.14 -5.14
N GLU A 32 -1.35 -2.56 -4.87
CA GLU A 32 -1.10 -3.41 -3.71
C GLU A 32 -0.20 -2.69 -2.71
N VAL A 33 -0.75 -2.47 -1.52
CA VAL A 33 -0.01 -1.79 -0.47
C VAL A 33 -0.06 -2.64 0.80
N ARG A 34 1.11 -2.80 1.41
CA ARG A 34 1.22 -3.58 2.63
C ARG A 34 1.89 -2.76 3.73
N VAL A 35 1.30 -2.80 4.92
CA VAL A 35 1.83 -2.08 6.05
C VAL A 35 2.36 -3.07 7.09
N PRO A 36 3.57 -2.74 7.62
CA PRO A 36 4.20 -3.60 8.62
C PRO A 36 3.52 -3.44 9.98
N VAL A 37 3.37 -4.56 10.66
CA VAL A 37 2.74 -4.55 11.98
C VAL A 37 3.67 -5.25 12.98
N PRO A 38 3.44 -4.93 14.28
CA PRO A 38 4.24 -5.52 15.34
C PRO A 38 3.85 -6.97 15.59
N LYS A 39 4.57 -7.59 16.51
CA LYS A 39 4.30 -8.99 16.85
C LYS A 39 3.21 -9.05 17.93
N HIS A 40 2.56 -7.91 18.12
CA HIS A 40 1.50 -7.83 19.11
C HIS A 40 0.16 -7.57 18.41
N VAL A 41 0.24 -7.42 17.09
CA VAL A 41 -0.96 -7.17 16.30
C VAL A 41 -1.36 -8.46 15.58
N VAL A 42 -2.50 -9.00 15.99
CA VAL A 42 -3.00 -10.22 15.40
C VAL A 42 -4.47 -10.03 15.03
N LYS A 43 -5.20 -9.38 15.94
CA LYS A 43 -6.61 -9.14 15.72
C LYS A 43 -6.78 -7.98 14.74
N GLY A 44 -7.91 -7.98 14.06
CA GLY A 44 -8.21 -6.94 13.08
C GLY A 44 -8.70 -5.67 13.78
N LYS A 45 -9.11 -5.83 15.03
CA LYS A 45 -9.61 -4.72 15.81
C LYS A 45 -8.43 -3.88 16.31
N GLN A 46 -7.25 -4.47 16.22
CA GLN A 46 -6.03 -3.78 16.65
C GLN A 46 -5.57 -2.80 15.58
N VAL A 47 -6.29 -2.81 14.46
CA VAL A 47 -5.96 -1.93 13.35
C VAL A 47 -7.25 -1.33 12.78
N SER A 48 -7.13 -0.11 12.29
CA SER A 48 -8.28 0.57 11.70
C SER A 48 -8.09 0.72 10.19
N VAL A 49 -9.17 0.55 9.47
CA VAL A 49 -9.15 0.66 8.03
C VAL A 49 -10.38 1.44 7.55
N ALA A 50 -10.12 2.47 6.76
CA ALA A 50 -11.20 3.30 6.23
C ALA A 50 -10.98 3.49 4.73
N LEU A 51 -12.01 3.12 3.97
CA LEU A 51 -11.95 3.24 2.52
C LEU A 51 -13.13 4.09 2.05
N SER A 52 -12.83 5.03 1.16
CA SER A 52 -13.85 5.91 0.62
C SER A 52 -13.83 5.86 -0.91
N SER A 53 -12.72 6.33 -1.47
CA SER A 53 -12.55 6.35 -2.92
C SER A 53 -11.23 7.01 -3.28
N SER A 54 -11.04 8.21 -2.76
CA SER A 54 -9.83 8.96 -3.02
C SER A 54 -9.08 9.23 -1.71
N SER A 55 -9.18 8.28 -0.80
CA SER A 55 -8.52 8.40 0.49
C SER A 55 -8.45 7.02 1.16
N ILE A 56 -7.76 6.99 2.30
CA ILE A 56 -7.60 5.76 3.04
C ILE A 56 -7.10 6.09 4.46
N ARG A 57 -7.37 5.17 5.37
CA ARG A 57 -6.95 5.34 6.75
C ARG A 57 -6.40 4.03 7.31
N VAL A 58 -5.20 4.12 7.87
CA VAL A 58 -4.55 2.95 8.44
C VAL A 58 -3.96 3.31 9.80
N ALA A 59 -4.21 2.45 10.77
CA ALA A 59 -3.71 2.67 12.12
C ALA A 59 -3.68 1.34 12.87
N MET A 60 -2.85 1.30 13.91
CA MET A 60 -2.72 0.10 14.71
C MET A 60 -2.62 0.45 16.20
N LEU A 61 -3.25 -0.40 17.02
CA LEU A 61 -3.23 -0.19 18.45
C LEU A 61 -1.87 -0.57 19.00
N GLU A 62 -1.30 0.34 19.77
CA GLU A 62 0.01 0.12 20.38
C GLU A 62 -0.14 -0.47 21.77
N GLU A 63 -0.51 0.39 22.71
CA GLU A 63 -0.70 -0.03 24.09
C GLU A 63 -1.61 0.95 24.83
N ASN A 64 -1.09 2.16 25.02
CA ASN A 64 -1.85 3.19 25.71
C ASN A 64 -2.68 3.98 24.68
N GLY A 65 -2.43 3.68 23.41
CA GLY A 65 -3.14 4.34 22.33
C GLY A 65 -2.98 3.59 21.02
N GLU A 66 -2.70 4.34 19.97
CA GLU A 66 -2.51 3.74 18.65
C GLU A 66 -1.63 4.64 17.78
N ARG A 67 -1.41 4.19 16.56
CA ARG A 67 -0.59 4.93 15.63
C ARG A 67 -1.10 4.75 14.19
N VAL A 68 -1.03 5.84 13.43
CA VAL A 68 -1.48 5.80 12.05
C VAL A 68 -0.31 5.46 11.14
N LEU A 69 -0.23 4.18 10.78
CA LEU A 69 0.84 3.71 9.92
C LEU A 69 0.77 4.45 8.58
N MET A 70 -0.41 4.41 7.98
CA MET A 70 -0.63 5.07 6.70
C MET A 70 -1.98 5.79 6.68
N GLU A 71 -2.00 6.92 5.98
CA GLU A 71 -3.21 7.71 5.88
C GLU A 71 -2.97 8.93 4.99
N GLY A 72 -4.06 9.41 4.39
CA GLY A 72 -3.97 10.57 3.51
C GLY A 72 -4.86 10.39 2.28
N LYS A 73 -5.17 11.50 1.64
CA LYS A 73 -6.00 11.48 0.45
C LYS A 73 -5.21 10.88 -0.71
N LEU A 74 -5.88 10.01 -1.45
CA LEU A 74 -5.26 9.35 -2.58
C LEU A 74 -5.14 10.35 -3.74
N THR A 75 -4.52 9.88 -4.81
CA THR A 75 -4.33 10.72 -5.99
C THR A 75 -5.56 10.65 -6.90
N HIS A 76 -6.21 9.50 -6.86
CA HIS A 76 -7.39 9.29 -7.68
C HIS A 76 -8.44 8.52 -6.87
N LYS A 77 -9.49 8.11 -7.57
CA LYS A 77 -10.57 7.36 -6.93
C LYS A 77 -10.29 5.86 -7.08
N ILE A 78 -11.12 5.06 -6.42
CA ILE A 78 -10.97 3.62 -6.46
C ILE A 78 -12.35 2.97 -6.25
N ASN A 79 -12.36 1.65 -6.28
CA ASN A 79 -13.58 0.90 -6.11
C ASN A 79 -13.56 0.21 -4.74
N THR A 80 -13.90 0.99 -3.72
CA THR A 80 -13.92 0.48 -2.35
C THR A 80 -14.64 -0.88 -2.31
N GLU A 81 -15.75 -0.94 -3.03
CA GLU A 81 -16.53 -2.17 -3.07
C GLU A 81 -15.67 -3.33 -3.54
N SER A 82 -15.00 -3.11 -4.66
CA SER A 82 -14.13 -4.14 -5.23
C SER A 82 -12.84 -4.25 -4.42
N SER A 83 -12.54 -3.17 -3.70
CA SER A 83 -11.35 -3.13 -2.88
C SER A 83 -11.54 -3.99 -1.63
N LEU A 84 -10.43 -4.33 -1.01
CA LEU A 84 -10.47 -5.15 0.20
C LEU A 84 -9.24 -4.85 1.05
N TRP A 85 -9.16 -5.52 2.20
CA TRP A 85 -8.05 -5.33 3.11
C TRP A 85 -8.05 -6.50 4.10
N SER A 86 -6.89 -7.12 4.24
CA SER A 86 -6.74 -8.24 5.14
C SER A 86 -5.60 -7.98 6.12
N LEU A 87 -5.83 -8.36 7.37
CA LEU A 87 -4.84 -8.16 8.41
C LEU A 87 -4.16 -9.50 8.71
N GLU A 88 -2.85 -9.43 8.92
CA GLU A 88 -2.07 -10.61 9.21
C GLU A 88 -1.40 -10.49 10.58
N PRO A 89 -1.51 -11.58 11.39
CA PRO A 89 -0.93 -11.60 12.71
C PRO A 89 0.59 -11.77 12.64
N GLY A 90 1.29 -10.79 13.22
CA GLY A 90 2.74 -10.82 13.22
C GLY A 90 3.30 -10.85 11.80
N LYS A 91 2.80 -9.94 10.98
CA LYS A 91 3.22 -9.84 9.60
C LYS A 91 3.06 -8.40 9.11
N CYS A 92 1.95 -8.16 8.43
CA CYS A 92 1.67 -6.83 7.90
C CYS A 92 0.18 -6.77 7.55
N VAL A 93 -0.24 -5.59 7.11
CA VAL A 93 -1.63 -5.38 6.74
C VAL A 93 -1.74 -5.36 5.21
N LEU A 94 -2.70 -6.12 4.71
CA LEU A 94 -2.92 -6.20 3.27
C LEU A 94 -4.10 -5.30 2.90
N VAL A 95 -3.85 -4.46 1.91
CA VAL A 95 -4.88 -3.54 1.44
C VAL A 95 -4.88 -3.53 -0.09
N ASN A 96 -5.97 -4.03 -0.65
CA ASN A 96 -6.13 -4.08 -2.10
C ASN A 96 -7.00 -2.91 -2.57
N LEU A 97 -6.42 -2.08 -3.42
CA LEU A 97 -7.13 -0.93 -3.94
C LEU A 97 -7.46 -1.16 -5.41
N SER A 98 -8.74 -1.05 -5.74
CA SER A 98 -9.19 -1.24 -7.10
C SER A 98 -8.96 0.03 -7.92
N LYS A 99 -8.89 -0.15 -9.23
CA LYS A 99 -8.67 0.98 -10.13
C LYS A 99 -10.02 1.44 -10.70
N VAL A 100 -10.25 2.74 -10.61
CA VAL A 100 -11.47 3.32 -11.11
C VAL A 100 -11.18 4.15 -12.36
N GLY A 101 -11.43 3.56 -13.51
CA GLY A 101 -11.20 4.22 -14.77
C GLY A 101 -9.69 4.38 -15.04
N GLU A 102 -9.36 4.47 -16.32
CA GLU A 102 -7.97 4.62 -16.71
C GLU A 102 -7.44 5.99 -16.28
N TYR A 103 -6.82 6.00 -15.12
CA TYR A 103 -6.26 7.23 -14.57
C TYR A 103 -4.81 7.03 -14.13
N TRP A 104 -4.09 8.13 -14.10
CA TRP A 104 -2.69 8.08 -13.70
C TRP A 104 -2.63 8.02 -12.17
N TRP A 105 -1.54 7.46 -11.67
CA TRP A 105 -1.36 7.33 -10.23
C TRP A 105 0.07 7.75 -9.90
N ASN A 106 1.01 6.88 -10.25
CA ASN A 106 2.41 7.15 -10.00
C ASN A 106 2.60 7.54 -8.54
N ALA A 107 1.64 7.13 -7.72
CA ALA A 107 1.68 7.43 -6.30
C ALA A 107 0.31 7.17 -5.68
N ILE A 108 0.33 6.67 -4.46
CA ILE A 108 -0.90 6.37 -3.75
C ILE A 108 -1.51 7.67 -3.22
N LEU A 109 -0.73 8.34 -2.39
CA LEU A 109 -1.17 9.59 -1.79
C LEU A 109 -0.62 10.76 -2.62
N GLU A 110 -1.21 11.93 -2.39
CA GLU A 110 -0.79 13.13 -3.10
C GLU A 110 0.56 13.61 -2.58
N GLY A 111 1.26 14.35 -3.43
CA GLY A 111 2.56 14.88 -3.07
C GLY A 111 3.67 13.87 -3.35
N GLU A 112 3.44 12.63 -2.91
CA GLU A 112 4.40 11.57 -3.10
C GLU A 112 4.97 11.63 -4.52
N GLU A 113 6.26 11.93 -4.60
CA GLU A 113 6.93 12.01 -5.89
C GLU A 113 6.43 10.91 -6.82
N PRO A 114 6.44 11.23 -8.15
CA PRO A 114 5.99 10.27 -9.15
C PRO A 114 7.05 9.18 -9.37
N ILE A 115 6.58 7.95 -9.34
CA ILE A 115 7.47 6.81 -9.55
C ILE A 115 8.22 6.98 -10.86
N ASP A 116 8.90 5.92 -11.26
CA ASP A 116 9.66 5.94 -12.50
C ASP A 116 10.37 4.60 -12.67
N ILE A 117 10.13 3.97 -13.81
CA ILE A 117 10.75 2.69 -14.11
C ILE A 117 10.55 1.75 -12.92
N ASP A 118 11.08 0.54 -13.07
CA ASP A 118 10.97 -0.46 -12.02
C ASP A 118 9.50 -0.75 -11.74
N SER A 119 9.03 -1.86 -12.29
CA SER A 119 7.65 -2.27 -12.11
C SER A 119 7.42 -3.65 -12.72
N GLY A 120 7.35 -4.64 -11.84
CA GLY A 120 7.14 -6.01 -12.29
C GLY A 120 8.34 -6.89 -11.96
N PRO A 121 8.34 -8.12 -12.55
CA PRO A 121 9.43 -9.05 -12.32
C PRO A 121 10.67 -8.65 -13.09
N SER A 122 11.28 -7.56 -12.65
CA SER A 122 12.49 -7.05 -13.29
C SER A 122 13.72 -7.59 -12.58
N SER A 123 14.71 -7.97 -13.39
CA SER A 123 15.94 -8.51 -12.85
C SER A 123 16.87 -7.38 -12.41
N GLY A 124 17.65 -7.66 -11.39
CA GLY A 124 18.58 -6.67 -10.85
C GLY A 124 19.26 -7.19 -9.59
N GLY A 1 32.92 -5.69 3.47
CA GLY A 1 32.92 -7.02 4.05
C GLY A 1 34.31 -7.39 4.60
N SER A 2 34.38 -8.57 5.19
CA SER A 2 35.62 -9.04 5.75
C SER A 2 35.58 -10.56 5.93
N SER A 3 35.94 -11.27 4.87
CA SER A 3 35.93 -12.71 4.90
C SER A 3 34.51 -13.23 5.15
N GLY A 4 33.84 -13.58 4.06
CA GLY A 4 32.48 -14.09 4.16
C GLY A 4 31.74 -13.89 2.84
N SER A 5 30.44 -14.17 2.87
CA SER A 5 29.61 -14.04 1.69
C SER A 5 28.45 -13.08 1.97
N SER A 6 28.11 -12.30 0.95
CA SER A 6 27.03 -11.33 1.08
C SER A 6 26.54 -10.91 -0.31
N GLY A 7 25.49 -11.59 -0.76
CA GLY A 7 24.93 -11.30 -2.06
C GLY A 7 23.43 -11.05 -1.97
N GLN A 8 23.04 -9.79 -2.17
CA GLN A 8 21.64 -9.41 -2.11
C GLN A 8 20.96 -9.70 -3.44
N LYS A 9 19.86 -10.44 -3.35
CA LYS A 9 19.10 -10.79 -4.54
C LYS A 9 18.26 -9.59 -4.98
N ASN A 10 17.40 -9.15 -4.08
CA ASN A 10 16.54 -8.02 -4.36
C ASN A 10 16.25 -7.26 -3.06
N PRO A 11 16.01 -5.93 -3.20
CA PRO A 11 15.72 -5.09 -2.05
C PRO A 11 14.30 -5.33 -1.55
N ASP A 12 13.97 -4.65 -0.46
CA ASP A 12 12.65 -4.77 0.14
C ASP A 12 11.58 -4.64 -0.96
N SER A 13 11.78 -3.63 -1.80
CA SER A 13 10.85 -3.38 -2.89
C SER A 13 11.18 -4.29 -4.08
N TYR A 14 10.22 -5.13 -4.43
CA TYR A 14 10.39 -6.05 -5.54
C TYR A 14 10.38 -5.30 -6.87
N ASN A 15 9.36 -4.47 -7.04
CA ASN A 15 9.22 -3.70 -8.27
C ASN A 15 10.06 -2.42 -8.15
N GLY A 16 9.77 -1.65 -7.11
CA GLY A 16 10.48 -0.41 -6.88
C GLY A 16 9.50 0.75 -6.69
N ALA A 17 9.05 0.90 -5.45
CA ALA A 17 8.11 1.96 -5.12
C ALA A 17 7.64 1.80 -3.68
N VAL A 18 7.81 2.86 -2.91
CA VAL A 18 7.41 2.84 -1.51
C VAL A 18 7.34 4.28 -0.99
N ARG A 19 6.63 4.44 0.12
CA ARG A 19 6.47 5.76 0.73
C ARG A 19 7.56 5.98 1.77
N GLU A 20 7.43 5.28 2.88
CA GLU A 20 8.39 5.39 3.96
C GLU A 20 7.97 4.52 5.15
N ASN A 21 6.66 4.42 5.33
CA ASN A 21 6.12 3.62 6.42
C ASN A 21 5.35 2.45 5.84
N TYR A 22 4.72 2.69 4.70
CA TYR A 22 3.95 1.64 4.03
C TYR A 22 4.42 1.44 2.60
N THR A 23 4.62 0.19 2.25
CA THR A 23 5.08 -0.17 0.91
C THR A 23 3.89 -0.31 -0.04
N TRP A 24 4.13 0.00 -1.30
CA TRP A 24 3.09 -0.10 -2.32
C TRP A 24 3.77 -0.29 -3.67
N SER A 25 2.95 -0.61 -4.67
CA SER A 25 3.45 -0.82 -6.02
C SER A 25 2.35 -0.53 -7.04
N GLN A 26 2.78 -0.08 -8.21
CA GLN A 26 1.85 0.23 -9.28
C GLN A 26 1.94 -0.80 -10.38
N ASP A 27 0.81 -1.46 -10.64
CA ASP A 27 0.75 -2.47 -11.68
C ASP A 27 -0.46 -2.21 -12.57
N TYR A 28 -0.51 -2.94 -13.68
CA TYR A 28 -1.62 -2.81 -14.61
C TYR A 28 -2.78 -3.73 -14.23
N THR A 29 -3.10 -3.72 -12.95
CA THR A 29 -4.19 -4.54 -12.44
C THR A 29 -4.82 -3.88 -11.21
N ASP A 30 -3.97 -3.51 -10.27
CA ASP A 30 -4.43 -2.86 -9.05
C ASP A 30 -3.22 -2.39 -8.24
N LEU A 31 -3.51 -1.75 -7.13
CA LEU A 31 -2.47 -1.23 -6.26
C LEU A 31 -2.35 -2.11 -5.02
N GLU A 32 -1.15 -2.62 -4.81
CA GLU A 32 -0.90 -3.49 -3.67
C GLU A 32 0.00 -2.77 -2.65
N VAL A 33 -0.60 -2.44 -1.50
CA VAL A 33 0.13 -1.76 -0.45
C VAL A 33 0.01 -2.57 0.85
N ARG A 34 1.17 -2.90 1.41
CA ARG A 34 1.20 -3.67 2.64
C ARG A 34 1.88 -2.85 3.74
N VAL A 35 1.26 -2.87 4.91
CA VAL A 35 1.79 -2.14 6.06
C VAL A 35 2.28 -3.14 7.10
N PRO A 36 3.50 -2.86 7.63
CA PRO A 36 4.09 -3.72 8.64
C PRO A 36 3.43 -3.51 10.00
N VAL A 37 3.23 -4.61 10.70
CA VAL A 37 2.61 -4.56 12.01
C VAL A 37 3.52 -5.25 13.04
N PRO A 38 3.31 -4.89 14.33
CA PRO A 38 4.10 -5.46 15.40
C PRO A 38 3.67 -6.90 15.69
N LYS A 39 4.38 -7.51 16.64
CA LYS A 39 4.08 -8.88 17.01
C LYS A 39 2.99 -8.88 18.09
N HIS A 40 2.38 -7.72 18.26
CA HIS A 40 1.31 -7.58 19.25
C HIS A 40 0.00 -7.31 18.54
N VAL A 41 0.07 -7.20 17.22
CA VAL A 41 -1.11 -6.95 16.41
C VAL A 41 -1.53 -8.24 15.72
N VAL A 42 -2.69 -8.75 16.13
CA VAL A 42 -3.21 -9.97 15.56
C VAL A 42 -4.69 -9.78 15.21
N LYS A 43 -5.40 -9.12 16.11
CA LYS A 43 -6.82 -8.85 15.90
C LYS A 43 -6.97 -7.69 14.91
N GLY A 44 -8.06 -7.74 14.16
CA GLY A 44 -8.33 -6.71 13.18
C GLY A 44 -8.90 -5.46 13.85
N LYS A 45 -9.25 -5.61 15.12
CA LYS A 45 -9.80 -4.51 15.89
C LYS A 45 -8.65 -3.62 16.40
N GLN A 46 -7.44 -4.16 16.29
CA GLN A 46 -6.26 -3.44 16.73
C GLN A 46 -5.75 -2.53 15.62
N VAL A 47 -6.50 -2.50 14.53
CA VAL A 47 -6.13 -1.68 13.38
C VAL A 47 -7.39 -1.02 12.82
N SER A 48 -7.21 0.21 12.36
CA SER A 48 -8.31 0.97 11.79
C SER A 48 -8.10 1.15 10.29
N VAL A 49 -9.13 0.82 9.53
CA VAL A 49 -9.07 0.95 8.08
C VAL A 49 -10.33 1.65 7.57
N ALA A 50 -10.12 2.79 6.95
CA ALA A 50 -11.23 3.57 6.42
C ALA A 50 -11.12 3.64 4.90
N LEU A 51 -12.18 3.20 4.24
CA LEU A 51 -12.22 3.20 2.78
C LEU A 51 -13.47 3.95 2.32
N SER A 52 -13.25 4.84 1.36
CA SER A 52 -14.34 5.63 0.82
C SER A 52 -14.27 5.64 -0.72
N SER A 53 -13.14 6.10 -1.22
CA SER A 53 -12.93 6.16 -2.66
C SER A 53 -11.60 6.89 -2.97
N SER A 54 -11.46 8.06 -2.37
CA SER A 54 -10.26 8.85 -2.56
C SER A 54 -9.59 9.14 -1.22
N SER A 55 -9.62 8.14 -0.35
CA SER A 55 -9.03 8.27 0.96
C SER A 55 -8.79 6.90 1.58
N ILE A 56 -7.71 6.80 2.35
CA ILE A 56 -7.36 5.55 2.99
C ILE A 56 -6.75 5.84 4.37
N ARG A 57 -6.93 4.89 5.27
CA ARG A 57 -6.40 5.04 6.62
C ARG A 57 -5.88 3.69 7.13
N VAL A 58 -4.71 3.75 7.76
CA VAL A 58 -4.10 2.54 8.30
C VAL A 58 -3.46 2.87 9.64
N ALA A 59 -4.16 2.51 10.71
CA ALA A 59 -3.68 2.74 12.05
C ALA A 59 -3.66 1.44 12.83
N MET A 60 -2.84 1.41 13.87
CA MET A 60 -2.72 0.23 14.71
C MET A 60 -2.67 0.60 16.19
N LEU A 61 -3.29 -0.25 17.00
CA LEU A 61 -3.32 -0.03 18.43
C LEU A 61 -1.98 -0.42 19.04
N GLU A 62 -1.44 0.50 19.83
CA GLU A 62 -0.15 0.26 20.47
C GLU A 62 -0.37 -0.32 21.88
N GLU A 63 -0.84 0.54 22.77
CA GLU A 63 -1.08 0.13 24.14
C GLU A 63 -2.01 1.13 24.84
N ASN A 64 -1.49 2.33 25.04
CA ASN A 64 -2.25 3.38 25.68
C ASN A 64 -3.01 4.19 24.62
N GLY A 65 -2.71 3.88 23.37
CA GLY A 65 -3.34 4.56 22.25
C GLY A 65 -3.16 3.79 20.95
N GLU A 66 -2.80 4.52 19.91
CA GLU A 66 -2.59 3.92 18.59
C GLU A 66 -1.68 4.79 17.75
N ARG A 67 -1.46 4.36 16.51
CA ARG A 67 -0.62 5.09 15.60
C ARG A 67 -1.08 4.88 14.15
N VAL A 68 -1.05 5.96 13.39
CA VAL A 68 -1.47 5.90 12.00
C VAL A 68 -0.27 5.55 11.13
N LEU A 69 -0.16 4.27 10.81
CA LEU A 69 0.94 3.79 9.98
C LEU A 69 0.90 4.50 8.63
N MET A 70 -0.22 4.34 7.94
CA MET A 70 -0.40 4.96 6.63
C MET A 70 -1.76 5.65 6.54
N GLU A 71 -1.74 6.89 6.06
CA GLU A 71 -2.96 7.66 5.91
C GLU A 71 -2.73 8.83 4.96
N GLY A 72 -3.82 9.25 4.31
CA GLY A 72 -3.75 10.35 3.38
C GLY A 72 -4.78 10.19 2.26
N LYS A 73 -5.24 11.32 1.75
CA LYS A 73 -6.23 11.31 0.69
C LYS A 73 -5.60 10.77 -0.59
N LEU A 74 -6.25 9.76 -1.15
CA LEU A 74 -5.76 9.15 -2.37
C LEU A 74 -5.73 10.18 -3.49
N THR A 75 -4.92 9.91 -4.49
CA THR A 75 -4.79 10.81 -5.63
C THR A 75 -6.04 10.75 -6.50
N HIS A 76 -6.58 9.55 -6.62
CA HIS A 76 -7.78 9.35 -7.41
C HIS A 76 -8.79 8.50 -6.63
N LYS A 77 -9.87 8.15 -7.31
CA LYS A 77 -10.92 7.34 -6.68
C LYS A 77 -10.61 5.87 -6.93
N ILE A 78 -11.40 5.03 -6.27
CA ILE A 78 -11.24 3.59 -6.42
C ILE A 78 -12.61 2.91 -6.30
N ASN A 79 -12.57 1.59 -6.24
CA ASN A 79 -13.79 0.81 -6.13
C ASN A 79 -13.82 0.10 -4.77
N THR A 80 -14.09 0.88 -3.74
CA THR A 80 -14.15 0.34 -2.39
C THR A 80 -14.85 -1.03 -2.39
N GLU A 81 -15.88 -1.12 -3.21
CA GLU A 81 -16.64 -2.36 -3.33
C GLU A 81 -15.73 -3.51 -3.75
N SER A 82 -14.98 -3.26 -4.82
CA SER A 82 -14.06 -4.27 -5.32
C SER A 82 -12.80 -4.32 -4.46
N SER A 83 -12.56 -3.23 -3.77
CA SER A 83 -11.39 -3.14 -2.90
C SER A 83 -11.63 -3.96 -1.62
N LEU A 84 -10.53 -4.31 -0.97
CA LEU A 84 -10.60 -5.09 0.26
C LEU A 84 -9.39 -4.75 1.13
N TRP A 85 -9.35 -5.40 2.29
CA TRP A 85 -8.26 -5.19 3.23
C TRP A 85 -8.28 -6.32 4.25
N SER A 86 -7.14 -6.97 4.40
CA SER A 86 -7.02 -8.07 5.33
C SER A 86 -5.85 -7.81 6.30
N LEU A 87 -6.09 -8.15 7.56
CA LEU A 87 -5.09 -7.95 8.58
C LEU A 87 -4.40 -9.29 8.88
N GLU A 88 -3.09 -9.23 9.07
CA GLU A 88 -2.32 -10.42 9.37
C GLU A 88 -1.64 -10.29 10.73
N PRO A 89 -1.76 -11.38 11.54
CA PRO A 89 -1.16 -11.41 12.86
C PRO A 89 0.35 -11.59 12.78
N GLY A 90 1.07 -10.66 13.39
CA GLY A 90 2.52 -10.70 13.39
C GLY A 90 3.07 -10.75 11.96
N LYS A 91 2.52 -9.89 11.12
CA LYS A 91 2.94 -9.84 9.73
C LYS A 91 2.81 -8.40 9.21
N CYS A 92 1.74 -8.17 8.47
CA CYS A 92 1.49 -6.84 7.92
C CYS A 92 0.01 -6.76 7.53
N VAL A 93 -0.38 -5.58 7.08
CA VAL A 93 -1.76 -5.35 6.67
C VAL A 93 -1.86 -5.42 5.14
N LEU A 94 -2.87 -6.13 4.67
CA LEU A 94 -3.08 -6.29 3.24
C LEU A 94 -4.22 -5.35 2.80
N VAL A 95 -3.96 -4.63 1.72
CA VAL A 95 -4.94 -3.70 1.19
C VAL A 95 -4.95 -3.80 -0.34
N ASN A 96 -6.13 -4.05 -0.88
CA ASN A 96 -6.28 -4.17 -2.32
C ASN A 96 -7.12 -3.00 -2.83
N LEU A 97 -6.59 -2.30 -3.82
CA LEU A 97 -7.27 -1.16 -4.40
C LEU A 97 -7.61 -1.47 -5.87
N SER A 98 -8.89 -1.47 -6.16
CA SER A 98 -9.35 -1.75 -7.51
C SER A 98 -9.60 -0.44 -8.26
N LYS A 99 -8.75 -0.18 -9.25
CA LYS A 99 -8.87 1.03 -10.04
C LYS A 99 -10.25 1.08 -10.69
N VAL A 100 -10.79 2.28 -10.75
CA VAL A 100 -12.10 2.49 -11.34
C VAL A 100 -11.95 2.73 -12.84
N GLY A 101 -11.12 1.91 -13.46
CA GLY A 101 -10.88 2.02 -14.89
C GLY A 101 -9.38 2.09 -15.19
N GLU A 102 -9.07 2.10 -16.48
CA GLU A 102 -7.69 2.17 -16.91
C GLU A 102 -7.08 3.53 -16.55
N TYR A 103 -6.42 3.57 -15.40
CA TYR A 103 -5.79 4.79 -14.93
C TYR A 103 -4.33 4.55 -14.55
N TRP A 104 -3.55 5.62 -14.60
CA TRP A 104 -2.15 5.55 -14.27
C TRP A 104 -1.95 6.15 -12.89
N TRP A 105 -1.48 5.32 -11.96
CA TRP A 105 -1.24 5.76 -10.60
C TRP A 105 0.25 6.08 -10.46
N ASN A 106 0.53 7.28 -10.01
CA ASN A 106 1.90 7.72 -9.83
C ASN A 106 2.19 7.84 -8.32
N ALA A 107 1.17 7.56 -7.53
CA ALA A 107 1.31 7.63 -6.09
C ALA A 107 0.01 7.15 -5.43
N ILE A 108 0.11 6.81 -4.16
CA ILE A 108 -1.04 6.34 -3.41
C ILE A 108 -1.79 7.54 -2.84
N LEU A 109 -1.03 8.46 -2.27
CA LEU A 109 -1.61 9.66 -1.68
C LEU A 109 -1.18 10.87 -2.49
N GLU A 110 -1.91 11.96 -2.31
CA GLU A 110 -1.62 13.19 -3.01
C GLU A 110 -0.34 13.83 -2.47
N GLY A 111 0.08 13.34 -1.29
CA GLY A 111 1.27 13.84 -0.65
C GLY A 111 2.53 13.26 -1.31
N GLU A 112 2.45 11.98 -1.66
CA GLU A 112 3.57 11.30 -2.29
C GLU A 112 3.75 11.81 -3.72
N GLU A 113 4.78 12.61 -3.90
CA GLU A 113 5.09 13.16 -5.21
C GLU A 113 4.88 12.09 -6.30
N PRO A 114 4.64 12.58 -7.54
CA PRO A 114 4.43 11.68 -8.67
C PRO A 114 5.75 11.07 -9.13
N ILE A 115 5.86 9.76 -8.93
CA ILE A 115 7.06 9.05 -9.32
C ILE A 115 7.45 9.46 -10.74
N ASP A 116 8.72 9.24 -11.05
CA ASP A 116 9.24 9.58 -12.37
C ASP A 116 9.91 8.34 -12.98
N ILE A 117 9.12 7.62 -13.77
CA ILE A 117 9.63 6.43 -14.42
C ILE A 117 10.55 6.83 -15.58
N ASP A 118 10.63 8.13 -15.80
CA ASP A 118 11.46 8.66 -16.87
C ASP A 118 11.10 7.96 -18.19
N SER A 119 10.28 8.66 -18.97
CA SER A 119 9.84 8.12 -20.25
C SER A 119 11.06 7.78 -21.11
N GLY A 120 11.45 6.52 -21.05
CA GLY A 120 12.59 6.05 -21.82
C GLY A 120 12.47 4.56 -22.11
N PRO A 121 13.32 4.10 -23.08
CA PRO A 121 13.32 2.69 -23.47
C PRO A 121 14.01 1.83 -22.40
N SER A 122 13.20 1.15 -21.61
CA SER A 122 13.71 0.30 -20.56
C SER A 122 14.62 1.10 -19.62
N SER A 123 14.99 0.47 -18.52
CA SER A 123 15.85 1.12 -17.55
C SER A 123 17.16 0.33 -17.40
N GLY A 124 18.22 1.04 -17.04
CA GLY A 124 19.51 0.42 -16.86
C GLY A 124 20.43 1.31 -16.01
N GLY A 1 0.24 -14.71 -4.77
CA GLY A 1 1.24 -14.60 -3.73
C GLY A 1 2.54 -15.28 -4.15
N SER A 2 3.37 -15.57 -3.16
CA SER A 2 4.65 -16.22 -3.41
C SER A 2 5.41 -16.42 -2.10
N SER A 3 6.38 -17.31 -2.14
CA SER A 3 7.18 -17.60 -0.96
C SER A 3 8.49 -18.26 -1.38
N GLY A 4 9.59 -17.57 -1.13
CA GLY A 4 10.91 -18.08 -1.47
C GLY A 4 11.91 -16.95 -1.65
N SER A 5 13.19 -17.31 -1.66
CA SER A 5 14.24 -16.34 -1.82
C SER A 5 14.94 -16.54 -3.17
N SER A 6 15.48 -17.74 -3.35
CA SER A 6 16.17 -18.07 -4.58
C SER A 6 17.11 -16.93 -4.98
N GLY A 7 18.26 -16.89 -4.32
CA GLY A 7 19.25 -15.86 -4.60
C GLY A 7 20.11 -15.59 -3.37
N GLN A 8 20.57 -14.35 -3.26
CA GLN A 8 21.41 -13.95 -2.14
C GLN A 8 20.78 -12.76 -1.42
N LYS A 9 20.61 -11.67 -2.15
CA LYS A 9 20.03 -10.47 -1.59
C LYS A 9 18.89 -9.99 -2.49
N ASN A 10 17.69 -9.96 -1.92
CA ASN A 10 16.51 -9.53 -2.66
C ASN A 10 15.84 -8.40 -1.90
N PRO A 11 15.22 -7.47 -2.69
CA PRO A 11 14.53 -6.33 -2.09
C PRO A 11 13.20 -6.75 -1.49
N ASP A 12 12.56 -5.80 -0.82
CA ASP A 12 11.28 -6.06 -0.19
C ASP A 12 10.18 -6.08 -1.26
N SER A 13 10.15 -5.01 -2.04
CA SER A 13 9.17 -4.89 -3.10
C SER A 13 9.86 -4.75 -4.45
N TYR A 14 9.22 -5.27 -5.48
CA TYR A 14 9.76 -5.21 -6.82
C TYR A 14 10.10 -3.77 -7.21
N ASN A 15 10.98 -3.65 -8.19
CA ASN A 15 11.39 -2.34 -8.66
C ASN A 15 10.17 -1.42 -8.74
N GLY A 16 10.15 -0.44 -7.84
CA GLY A 16 9.04 0.50 -7.79
C GLY A 16 9.35 1.65 -6.82
N ALA A 17 8.51 1.76 -5.81
CA ALA A 17 8.67 2.81 -4.81
C ALA A 17 8.18 2.30 -3.46
N VAL A 18 9.13 2.10 -2.56
CA VAL A 18 8.80 1.61 -1.22
C VAL A 18 8.80 2.78 -0.25
N ARG A 19 8.67 2.44 1.03
CA ARG A 19 8.66 3.46 2.08
C ARG A 19 8.58 2.80 3.45
N GLU A 20 9.19 3.45 4.43
CA GLU A 20 9.20 2.94 5.78
C GLU A 20 7.79 3.04 6.38
N ASN A 21 7.03 3.99 5.87
CA ASN A 21 5.66 4.19 6.34
C ASN A 21 4.78 3.06 5.84
N TYR A 22 4.80 2.86 4.53
CA TYR A 22 4.01 1.82 3.91
C TYR A 22 4.47 1.54 2.48
N THR A 23 4.65 0.27 2.18
CA THR A 23 5.09 -0.14 0.86
C THR A 23 3.89 -0.30 -0.08
N TRP A 24 4.13 -0.03 -1.35
CA TRP A 24 3.08 -0.15 -2.36
C TRP A 24 3.74 -0.28 -3.72
N SER A 25 2.97 -0.75 -4.69
CA SER A 25 3.46 -0.92 -6.04
C SER A 25 2.31 -0.81 -7.04
N GLN A 26 2.67 -0.88 -8.32
CA GLN A 26 1.68 -0.78 -9.37
C GLN A 26 1.97 -1.82 -10.46
N ASP A 27 1.07 -2.79 -10.55
CA ASP A 27 1.21 -3.85 -11.54
C ASP A 27 -0.11 -4.02 -12.29
N TYR A 28 0.00 -4.27 -13.58
CA TYR A 28 -1.16 -4.46 -14.42
C TYR A 28 -2.09 -3.24 -14.36
N THR A 29 -2.92 -3.22 -13.33
CA THR A 29 -3.85 -2.12 -13.14
C THR A 29 -4.47 -2.18 -11.74
N ASP A 30 -3.59 -2.23 -10.74
CA ASP A 30 -4.03 -2.29 -9.37
C ASP A 30 -2.94 -1.71 -8.46
N LEU A 31 -3.33 -1.41 -7.23
CA LEU A 31 -2.40 -0.85 -6.26
C LEU A 31 -2.37 -1.74 -5.02
N GLU A 32 -1.24 -2.40 -4.83
CA GLU A 32 -1.07 -3.28 -3.69
C GLU A 32 -0.14 -2.64 -2.66
N VAL A 33 -0.72 -2.24 -1.55
CA VAL A 33 0.06 -1.62 -0.48
C VAL A 33 -0.02 -2.48 0.78
N ARG A 34 1.14 -2.71 1.37
CA ARG A 34 1.22 -3.52 2.58
C ARG A 34 1.83 -2.71 3.72
N VAL A 35 1.17 -2.80 4.87
CA VAL A 35 1.63 -2.07 6.04
C VAL A 35 2.14 -3.08 7.08
N PRO A 36 3.38 -2.81 7.58
CA PRO A 36 3.99 -3.68 8.57
C PRO A 36 3.35 -3.47 9.96
N VAL A 37 3.12 -4.58 10.64
CA VAL A 37 2.52 -4.53 11.95
C VAL A 37 3.43 -5.23 12.95
N PRO A 38 3.24 -4.88 14.26
CA PRO A 38 4.05 -5.48 15.31
C PRO A 38 3.61 -6.92 15.60
N LYS A 39 4.33 -7.56 16.50
CA LYS A 39 4.02 -8.92 16.88
C LYS A 39 2.96 -8.92 17.99
N HIS A 40 2.35 -7.76 18.17
CA HIS A 40 1.32 -7.61 19.19
C HIS A 40 -0.03 -7.34 18.53
N VAL A 41 0.02 -7.22 17.21
CA VAL A 41 -1.19 -6.96 16.44
C VAL A 41 -1.63 -8.24 15.74
N VAL A 42 -2.74 -8.78 16.21
CA VAL A 42 -3.28 -10.01 15.64
C VAL A 42 -4.76 -9.79 15.28
N LYS A 43 -5.46 -9.10 16.18
CA LYS A 43 -6.86 -8.82 15.97
C LYS A 43 -7.01 -7.66 14.99
N GLY A 44 -8.17 -7.61 14.35
CA GLY A 44 -8.45 -6.56 13.38
C GLY A 44 -8.87 -5.27 14.09
N LYS A 45 -9.42 -5.44 15.28
CA LYS A 45 -9.88 -4.30 16.07
C LYS A 45 -8.65 -3.54 16.59
N GLN A 46 -7.49 -4.15 16.44
CA GLN A 46 -6.25 -3.54 16.88
C GLN A 46 -5.69 -2.62 15.79
N VAL A 47 -6.40 -2.59 14.67
CA VAL A 47 -5.98 -1.76 13.54
C VAL A 47 -7.21 -1.11 12.91
N SER A 48 -7.09 0.18 12.66
CA SER A 48 -8.18 0.94 12.06
C SER A 48 -7.97 1.05 10.55
N VAL A 49 -8.97 0.60 9.80
CA VAL A 49 -8.90 0.64 8.35
C VAL A 49 -10.15 1.34 7.81
N ALA A 50 -9.93 2.48 7.17
CA ALA A 50 -11.03 3.25 6.61
C ALA A 50 -10.88 3.28 5.08
N LEU A 51 -11.78 2.55 4.42
CA LEU A 51 -11.77 2.48 2.98
C LEU A 51 -12.73 3.53 2.42
N SER A 52 -12.20 4.35 1.52
CA SER A 52 -13.00 5.40 0.90
C SER A 52 -12.71 5.46 -0.60
N SER A 53 -13.73 5.84 -1.35
CA SER A 53 -13.60 5.94 -2.79
C SER A 53 -12.37 6.78 -3.15
N SER A 54 -12.05 7.71 -2.26
CA SER A 54 -10.91 8.59 -2.47
C SER A 54 -10.30 8.99 -1.13
N SER A 55 -9.86 7.98 -0.39
CA SER A 55 -9.25 8.21 0.92
C SER A 55 -9.07 6.89 1.65
N ILE A 56 -7.93 6.76 2.31
CA ILE A 56 -7.63 5.55 3.07
C ILE A 56 -7.04 5.93 4.42
N ARG A 57 -7.31 5.09 5.40
CA ARG A 57 -6.82 5.32 6.75
C ARG A 57 -6.27 4.02 7.36
N VAL A 58 -5.06 4.11 7.86
CA VAL A 58 -4.42 2.95 8.48
C VAL A 58 -3.83 3.35 9.82
N ALA A 59 -4.09 2.52 10.83
CA ALA A 59 -3.59 2.78 12.17
C ALA A 59 -3.60 1.47 12.97
N MET A 60 -2.65 1.39 13.90
CA MET A 60 -2.54 0.20 14.73
C MET A 60 -2.50 0.57 16.21
N LEU A 61 -3.32 -0.13 16.99
CA LEU A 61 -3.39 0.12 18.42
C LEU A 61 -2.02 -0.17 19.05
N GLU A 62 -1.64 0.71 19.96
CA GLU A 62 -0.36 0.56 20.65
C GLU A 62 -0.59 0.12 22.10
N GLU A 63 0.50 0.06 22.84
CA GLU A 63 0.44 -0.35 24.23
C GLU A 63 -0.29 0.72 25.07
N ASN A 64 -0.10 1.97 24.67
CA ASN A 64 -0.74 3.07 25.37
C ASN A 64 -1.32 4.05 24.34
N GLY A 65 -2.19 3.52 23.49
CA GLY A 65 -2.83 4.33 22.47
C GLY A 65 -2.80 3.62 21.11
N GLU A 66 -2.44 4.38 20.08
CA GLU A 66 -2.36 3.84 18.74
C GLU A 66 -1.46 4.71 17.86
N ARG A 67 -1.32 4.28 16.62
CA ARG A 67 -0.49 5.01 15.67
C ARG A 67 -1.02 4.83 14.25
N VAL A 68 -0.92 5.90 13.48
CA VAL A 68 -1.39 5.87 12.10
C VAL A 68 -0.22 5.54 11.17
N LEU A 69 -0.16 4.27 10.80
CA LEU A 69 0.90 3.80 9.92
C LEU A 69 0.79 4.51 8.57
N MET A 70 -0.40 4.42 7.99
CA MET A 70 -0.65 5.04 6.70
C MET A 70 -2.02 5.72 6.68
N GLU A 71 -2.14 6.73 5.83
CA GLU A 71 -3.38 7.46 5.70
C GLU A 71 -3.19 8.69 4.82
N GLY A 72 -4.28 9.14 4.22
CA GLY A 72 -4.24 10.31 3.36
C GLY A 72 -5.26 10.19 2.22
N LYS A 73 -5.60 11.33 1.64
CA LYS A 73 -6.55 11.37 0.56
C LYS A 73 -5.88 10.89 -0.72
N LEU A 74 -6.44 9.82 -1.29
CA LEU A 74 -5.90 9.26 -2.52
C LEU A 74 -5.88 10.32 -3.60
N THR A 75 -5.13 10.04 -4.66
CA THR A 75 -5.03 10.97 -5.78
C THR A 75 -6.32 10.96 -6.59
N HIS A 76 -6.79 9.76 -6.90
CA HIS A 76 -8.01 9.61 -7.67
C HIS A 76 -8.96 8.67 -6.94
N LYS A 77 -10.16 8.54 -7.50
CA LYS A 77 -11.17 7.69 -6.91
C LYS A 77 -10.76 6.22 -7.08
N ILE A 78 -11.49 5.35 -6.39
CA ILE A 78 -11.20 3.93 -6.46
C ILE A 78 -12.51 3.15 -6.34
N ASN A 79 -12.38 1.85 -6.12
CA ASN A 79 -13.54 0.98 -5.99
C ASN A 79 -13.52 0.32 -4.61
N THR A 80 -14.14 1.01 -3.65
CA THR A 80 -14.19 0.49 -2.29
C THR A 80 -14.98 -0.83 -2.25
N GLU A 81 -15.83 -1.01 -3.25
CA GLU A 81 -16.62 -2.22 -3.34
C GLU A 81 -15.74 -3.42 -3.71
N SER A 82 -14.98 -3.24 -4.77
CA SER A 82 -14.09 -4.30 -5.24
C SER A 82 -12.87 -4.38 -4.33
N SER A 83 -12.50 -3.24 -3.77
CA SER A 83 -11.35 -3.18 -2.88
C SER A 83 -11.62 -4.01 -1.62
N LEU A 84 -10.54 -4.35 -0.94
CA LEU A 84 -10.65 -5.14 0.28
C LEU A 84 -9.46 -4.81 1.20
N TRP A 85 -9.45 -5.46 2.35
CA TRP A 85 -8.40 -5.25 3.32
C TRP A 85 -8.45 -6.39 4.33
N SER A 86 -7.33 -7.09 4.45
CA SER A 86 -7.24 -8.21 5.38
C SER A 86 -6.06 -8.00 6.34
N LEU A 87 -6.36 -8.13 7.62
CA LEU A 87 -5.34 -7.96 8.64
C LEU A 87 -4.68 -9.30 8.93
N GLU A 88 -3.36 -9.24 9.12
CA GLU A 88 -2.60 -10.45 9.40
C GLU A 88 -1.88 -10.32 10.76
N PRO A 89 -1.98 -11.42 11.55
CA PRO A 89 -1.35 -11.44 12.87
C PRO A 89 0.16 -11.62 12.75
N GLY A 90 0.88 -10.67 13.31
CA GLY A 90 2.34 -10.71 13.27
C GLY A 90 2.85 -10.79 11.83
N LYS A 91 2.41 -9.83 11.04
CA LYS A 91 2.82 -9.78 9.63
C LYS A 91 2.70 -8.35 9.13
N CYS A 92 1.61 -8.11 8.41
CA CYS A 92 1.36 -6.78 7.85
C CYS A 92 -0.11 -6.71 7.44
N VAL A 93 -0.49 -5.54 6.96
CA VAL A 93 -1.86 -5.31 6.53
C VAL A 93 -1.91 -5.32 4.99
N LEU A 94 -2.83 -6.11 4.47
CA LEU A 94 -2.99 -6.22 3.02
C LEU A 94 -4.22 -5.42 2.59
N VAL A 95 -4.01 -4.58 1.59
CA VAL A 95 -5.09 -3.74 1.06
C VAL A 95 -5.05 -3.77 -0.46
N ASN A 96 -6.25 -3.72 -1.05
CA ASN A 96 -6.37 -3.74 -2.50
C ASN A 96 -7.20 -2.54 -2.95
N LEU A 97 -6.64 -1.82 -3.91
CA LEU A 97 -7.32 -0.63 -4.44
C LEU A 97 -7.54 -0.81 -5.94
N SER A 98 -8.80 -0.72 -6.33
CA SER A 98 -9.16 -0.87 -7.74
C SER A 98 -9.28 0.51 -8.39
N LYS A 99 -8.23 0.89 -9.09
CA LYS A 99 -8.21 2.18 -9.77
C LYS A 99 -9.30 2.21 -10.83
N VAL A 100 -10.46 2.73 -10.43
CA VAL A 100 -11.59 2.82 -11.34
C VAL A 100 -11.11 3.34 -12.69
N GLY A 101 -11.74 2.84 -13.74
CA GLY A 101 -11.40 3.24 -15.09
C GLY A 101 -9.92 2.99 -15.37
N GLU A 102 -9.37 3.80 -16.26
CA GLU A 102 -7.97 3.68 -16.63
C GLU A 102 -7.23 4.98 -16.38
N TYR A 103 -6.63 5.07 -15.20
CA TYR A 103 -5.89 6.26 -14.81
C TYR A 103 -4.50 5.89 -14.31
N TRP A 104 -3.55 6.76 -14.62
CA TRP A 104 -2.17 6.54 -14.21
C TRP A 104 -2.07 6.84 -12.72
N TRP A 105 -1.50 5.88 -11.99
CA TRP A 105 -1.35 6.03 -10.56
C TRP A 105 0.14 6.17 -10.25
N ASN A 106 0.62 7.40 -10.29
CA ASN A 106 2.02 7.67 -10.03
C ASN A 106 2.20 8.06 -8.56
N ALA A 107 1.24 7.62 -7.76
CA ALA A 107 1.28 7.92 -6.33
C ALA A 107 -0.04 7.46 -5.69
N ILE A 108 0.09 6.86 -4.52
CA ILE A 108 -1.08 6.38 -3.79
C ILE A 108 -1.86 7.58 -3.24
N LEU A 109 -1.15 8.41 -2.50
CA LEU A 109 -1.76 9.60 -1.91
C LEU A 109 -1.38 10.83 -2.73
N GLU A 110 -2.13 11.90 -2.51
CA GLU A 110 -1.88 13.14 -3.23
C GLU A 110 -0.67 13.87 -2.62
N GLY A 111 -0.30 13.44 -1.43
CA GLY A 111 0.85 14.03 -0.75
C GLY A 111 2.16 13.56 -1.36
N GLU A 112 2.11 12.38 -1.99
CA GLU A 112 3.28 11.81 -2.62
C GLU A 112 3.38 12.26 -4.07
N GLU A 113 4.47 12.96 -4.36
CA GLU A 113 4.69 13.46 -5.71
C GLU A 113 4.56 12.32 -6.72
N PRO A 114 4.44 12.72 -8.02
CA PRO A 114 4.32 11.74 -9.09
C PRO A 114 5.66 11.07 -9.39
N ILE A 115 5.75 9.81 -8.98
CA ILE A 115 6.97 9.04 -9.20
C ILE A 115 7.48 9.27 -10.62
N ASP A 116 8.71 8.86 -10.86
CA ASP A 116 9.33 9.02 -12.16
C ASP A 116 9.51 7.64 -12.80
N ILE A 117 9.75 6.65 -11.96
CA ILE A 117 9.96 5.29 -12.42
C ILE A 117 8.67 4.78 -13.07
N ASP A 118 8.78 4.42 -14.34
CA ASP A 118 7.63 3.93 -15.08
C ASP A 118 6.51 4.97 -15.05
N SER A 119 6.48 5.78 -16.10
CA SER A 119 5.47 6.82 -16.21
C SER A 119 4.10 6.20 -16.51
N GLY A 120 4.05 5.52 -17.64
CA GLY A 120 2.81 4.87 -18.07
C GLY A 120 3.09 3.51 -18.72
N PRO A 121 2.05 2.64 -18.70
CA PRO A 121 2.18 1.31 -19.28
C PRO A 121 2.16 1.38 -20.81
N SER A 122 1.11 2.01 -21.32
CA SER A 122 0.94 2.15 -22.76
C SER A 122 0.79 0.77 -23.41
N SER A 123 -0.44 0.28 -23.39
CA SER A 123 -0.73 -1.02 -23.97
C SER A 123 -1.91 -0.91 -24.93
N GLY A 124 -3.03 -0.45 -24.38
CA GLY A 124 -4.24 -0.29 -25.17
C GLY A 124 -5.49 -0.42 -24.30
N GLY A 1 17.01 -11.34 17.66
CA GLY A 1 16.05 -11.21 18.75
C GLY A 1 15.50 -12.58 19.16
N SER A 2 16.31 -13.30 19.93
CA SER A 2 15.92 -14.61 20.40
C SER A 2 15.80 -15.57 19.21
N SER A 3 16.10 -16.83 19.48
CA SER A 3 16.03 -17.86 18.46
C SER A 3 14.71 -17.73 17.69
N GLY A 4 14.72 -18.29 16.49
CA GLY A 4 13.54 -18.24 15.64
C GLY A 4 13.47 -16.95 14.84
N SER A 5 14.39 -16.83 13.88
CA SER A 5 14.45 -15.64 13.04
C SER A 5 14.96 -16.02 11.65
N SER A 6 14.03 -16.03 10.70
CA SER A 6 14.37 -16.37 9.32
C SER A 6 14.72 -15.09 8.55
N GLY A 7 15.98 -14.99 8.18
CA GLY A 7 16.45 -13.83 7.44
C GLY A 7 15.89 -12.54 8.03
N GLN A 8 16.25 -12.29 9.27
CA GLN A 8 15.79 -11.08 9.96
C GLN A 8 16.84 -9.97 9.84
N LYS A 9 16.50 -8.97 9.05
CA LYS A 9 17.39 -7.84 8.84
C LYS A 9 16.76 -6.88 7.83
N ASN A 10 16.39 -7.44 6.69
CA ASN A 10 15.77 -6.64 5.63
C ASN A 10 14.61 -5.84 6.21
N PRO A 11 14.50 -4.57 5.75
CA PRO A 11 13.44 -3.70 6.22
C PRO A 11 12.10 -4.06 5.58
N ASP A 12 12.15 -5.08 4.72
CA ASP A 12 10.96 -5.54 4.03
C ASP A 12 10.66 -4.62 2.85
N SER A 13 10.61 -5.23 1.67
CA SER A 13 10.33 -4.48 0.45
C SER A 13 10.12 -5.44 -0.72
N TYR A 14 8.88 -5.92 -0.84
CA TYR A 14 8.55 -6.84 -1.91
C TYR A 14 7.93 -6.10 -3.10
N ASN A 15 8.69 -5.15 -3.61
CA ASN A 15 8.25 -4.36 -4.75
C ASN A 15 9.35 -3.39 -5.17
N GLY A 16 9.13 -2.75 -6.30
CA GLY A 16 10.11 -1.79 -6.82
C GLY A 16 9.68 -0.36 -6.51
N ALA A 17 9.20 -0.15 -5.28
CA ALA A 17 8.75 1.15 -4.85
C ALA A 17 8.36 1.10 -3.38
N VAL A 18 9.17 1.73 -2.55
CA VAL A 18 8.92 1.75 -1.13
C VAL A 18 8.72 3.21 -0.67
N ARG A 19 8.15 3.35 0.52
CA ARG A 19 7.89 4.67 1.07
C ARG A 19 8.15 4.66 2.58
N GLU A 20 8.82 3.62 3.04
CA GLU A 20 9.15 3.49 4.44
C GLU A 20 7.86 3.30 5.27
N ASN A 21 7.18 4.42 5.48
CA ASN A 21 5.95 4.39 6.25
C ASN A 21 5.09 3.22 5.79
N TYR A 22 4.90 3.14 4.48
CA TYR A 22 4.11 2.07 3.90
C TYR A 22 4.52 1.80 2.46
N THR A 23 4.75 0.53 2.17
CA THR A 23 5.15 0.12 0.83
C THR A 23 3.92 -0.12 -0.05
N TRP A 24 4.14 0.02 -1.35
CA TRP A 24 3.06 -0.18 -2.30
C TRP A 24 3.68 -0.41 -3.68
N SER A 25 2.87 -0.93 -4.58
CA SER A 25 3.33 -1.21 -5.93
C SER A 25 2.15 -1.14 -6.92
N GLN A 26 2.47 -1.31 -8.18
CA GLN A 26 1.45 -1.28 -9.22
C GLN A 26 1.75 -2.32 -10.30
N ASP A 27 0.83 -3.25 -10.47
CA ASP A 27 0.98 -4.30 -11.46
C ASP A 27 -0.32 -4.44 -12.26
N TYR A 28 -0.16 -4.49 -13.57
CA TYR A 28 -1.31 -4.63 -14.47
C TYR A 28 -2.20 -3.39 -14.39
N THR A 29 -2.88 -3.25 -13.26
CA THR A 29 -3.77 -2.12 -13.05
C THR A 29 -4.41 -2.20 -11.66
N ASP A 30 -3.56 -2.18 -10.65
CA ASP A 30 -4.03 -2.25 -9.28
C ASP A 30 -3.02 -1.56 -8.37
N LEU A 31 -3.42 -1.37 -7.11
CA LEU A 31 -2.57 -0.72 -6.14
C LEU A 31 -2.57 -1.53 -4.84
N GLU A 32 -1.51 -2.30 -4.65
CA GLU A 32 -1.38 -3.13 -3.47
C GLU A 32 -0.37 -2.52 -2.50
N VAL A 33 -0.88 -2.01 -1.40
CA VAL A 33 -0.04 -1.39 -0.39
C VAL A 33 -0.06 -2.25 0.88
N ARG A 34 1.13 -2.62 1.33
CA ARG A 34 1.26 -3.43 2.52
C ARG A 34 1.89 -2.62 3.65
N VAL A 35 1.24 -2.68 4.80
CA VAL A 35 1.73 -1.95 5.97
C VAL A 35 2.22 -2.95 7.01
N PRO A 36 3.44 -2.65 7.55
CA PRO A 36 4.03 -3.51 8.56
C PRO A 36 3.34 -3.32 9.91
N VAL A 37 3.15 -4.44 10.60
CA VAL A 37 2.50 -4.43 11.90
C VAL A 37 3.42 -5.08 12.94
N PRO A 38 3.17 -4.75 14.22
CA PRO A 38 3.96 -5.29 15.31
C PRO A 38 3.59 -6.75 15.58
N LYS A 39 4.33 -7.35 16.51
CA LYS A 39 4.09 -8.74 16.87
C LYS A 39 2.97 -8.80 17.93
N HIS A 40 2.33 -7.66 18.13
CA HIS A 40 1.26 -7.57 19.10
C HIS A 40 -0.08 -7.41 18.37
N VAL A 41 0.01 -7.29 17.05
CA VAL A 41 -1.18 -7.14 16.23
C VAL A 41 -1.50 -8.47 15.55
N VAL A 42 -2.61 -9.06 15.97
CA VAL A 42 -3.04 -10.33 15.43
C VAL A 42 -4.55 -10.29 15.18
N LYS A 43 -5.10 -9.09 15.24
CA LYS A 43 -6.52 -8.89 15.04
C LYS A 43 -6.75 -7.66 14.17
N GLY A 44 -7.93 -7.60 13.56
CA GLY A 44 -8.28 -6.49 12.70
C GLY A 44 -8.73 -5.28 13.52
N LYS A 45 -9.39 -5.57 14.63
CA LYS A 45 -9.87 -4.52 15.51
C LYS A 45 -8.68 -3.76 16.10
N GLN A 46 -7.52 -4.38 15.99
CA GLN A 46 -6.30 -3.77 16.50
C GLN A 46 -5.75 -2.75 15.50
N VAL A 47 -6.33 -2.78 14.31
CA VAL A 47 -5.91 -1.86 13.25
C VAL A 47 -7.15 -1.24 12.62
N SER A 48 -7.10 0.08 12.50
CA SER A 48 -8.21 0.81 11.91
C SER A 48 -7.98 0.99 10.41
N VAL A 49 -8.93 0.47 9.64
CA VAL A 49 -8.84 0.56 8.19
C VAL A 49 -10.13 1.19 7.64
N ALA A 50 -9.96 2.38 7.06
CA ALA A 50 -11.09 3.10 6.50
C ALA A 50 -10.93 3.19 4.98
N LEU A 51 -11.78 2.45 4.29
CA LEU A 51 -11.73 2.44 2.83
C LEU A 51 -12.69 3.50 2.29
N SER A 52 -12.14 4.42 1.53
CA SER A 52 -12.93 5.50 0.95
C SER A 52 -12.68 5.57 -0.56
N SER A 53 -13.71 5.98 -1.28
CA SER A 53 -13.62 6.11 -2.72
C SER A 53 -12.39 6.93 -3.10
N SER A 54 -12.03 7.83 -2.20
CA SER A 54 -10.88 8.69 -2.41
C SER A 54 -10.23 9.06 -1.08
N SER A 55 -9.83 8.03 -0.35
CA SER A 55 -9.19 8.23 0.94
C SER A 55 -9.05 6.89 1.67
N ILE A 56 -7.89 6.71 2.29
CA ILE A 56 -7.60 5.49 3.01
C ILE A 56 -6.97 5.84 4.36
N ARG A 57 -7.23 4.98 5.35
CA ARG A 57 -6.70 5.18 6.67
C ARG A 57 -6.13 3.87 7.22
N VAL A 58 -4.93 3.98 7.78
CA VAL A 58 -4.27 2.81 8.35
C VAL A 58 -3.68 3.17 9.71
N ALA A 59 -4.10 2.42 10.71
CA ALA A 59 -3.64 2.65 12.07
C ALA A 59 -3.60 1.32 12.83
N MET A 60 -2.80 1.30 13.88
CA MET A 60 -2.67 0.10 14.69
C MET A 60 -2.67 0.45 16.19
N LEU A 61 -3.26 -0.45 16.97
CA LEU A 61 -3.33 -0.25 18.41
C LEU A 61 -1.98 -0.60 19.04
N GLU A 62 -1.48 0.33 19.84
CA GLU A 62 -0.21 0.14 20.50
C GLU A 62 -0.42 -0.46 21.89
N GLU A 63 -0.92 0.37 22.79
CA GLU A 63 -1.18 -0.07 24.16
C GLU A 63 -2.13 0.91 24.86
N ASN A 64 -1.62 2.11 25.09
CA ASN A 64 -2.40 3.13 25.75
C ASN A 64 -3.21 3.91 24.69
N GLY A 65 -2.93 3.61 23.44
CA GLY A 65 -3.61 4.25 22.34
C GLY A 65 -3.37 3.51 21.02
N GLU A 66 -3.05 4.28 19.99
CA GLU A 66 -2.81 3.71 18.68
C GLU A 66 -1.92 4.65 17.86
N ARG A 67 -1.54 4.18 16.68
CA ARG A 67 -0.70 4.96 15.80
C ARG A 67 -1.13 4.77 14.34
N VAL A 68 -1.17 5.87 13.62
CA VAL A 68 -1.57 5.85 12.22
C VAL A 68 -0.35 5.59 11.35
N LEU A 69 -0.20 4.33 10.95
CA LEU A 69 0.92 3.93 10.12
C LEU A 69 0.85 4.69 8.79
N MET A 70 -0.24 4.48 8.08
CA MET A 70 -0.44 5.13 6.80
C MET A 70 -1.79 5.86 6.75
N GLU A 71 -1.80 6.98 6.04
CA GLU A 71 -3.01 7.77 5.91
C GLU A 71 -2.79 8.91 4.91
N GLY A 72 -3.89 9.35 4.33
CA GLY A 72 -3.84 10.44 3.36
C GLY A 72 -4.90 10.24 2.27
N LYS A 73 -5.36 11.37 1.73
CA LYS A 73 -6.36 11.33 0.68
C LYS A 73 -5.71 10.85 -0.62
N LEU A 74 -6.23 9.73 -1.11
CA LEU A 74 -5.72 9.15 -2.34
C LEU A 74 -5.62 10.23 -3.41
N THR A 75 -4.98 9.87 -4.51
CA THR A 75 -4.81 10.81 -5.61
C THR A 75 -6.02 10.75 -6.55
N HIS A 76 -6.51 9.55 -6.77
CA HIS A 76 -7.66 9.34 -7.64
C HIS A 76 -8.74 8.56 -6.89
N LYS A 77 -9.88 8.41 -7.54
CA LYS A 77 -10.99 7.69 -6.95
C LYS A 77 -10.76 6.19 -7.12
N ILE A 78 -11.41 5.42 -6.25
CA ILE A 78 -11.28 3.98 -6.30
C ILE A 78 -12.67 3.35 -6.15
N ASN A 79 -12.67 2.03 -6.02
CA ASN A 79 -13.91 1.29 -5.88
C ASN A 79 -13.92 0.55 -4.53
N THR A 80 -14.39 1.25 -3.51
CA THR A 80 -14.45 0.68 -2.18
C THR A 80 -15.29 -0.60 -2.18
N GLU A 81 -16.07 -0.75 -3.25
CA GLU A 81 -16.93 -1.91 -3.38
C GLU A 81 -16.10 -3.13 -3.80
N SER A 82 -15.22 -2.91 -4.76
CA SER A 82 -14.37 -3.99 -5.25
C SER A 82 -13.09 -4.05 -4.42
N SER A 83 -12.81 -2.96 -3.73
CA SER A 83 -11.62 -2.88 -2.89
C SER A 83 -11.81 -3.72 -1.63
N LEU A 84 -10.69 -4.06 -1.01
CA LEU A 84 -10.73 -4.86 0.20
C LEU A 84 -9.45 -4.60 1.01
N TRP A 85 -9.37 -5.26 2.16
CA TRP A 85 -8.21 -5.11 3.03
C TRP A 85 -8.19 -6.29 4.00
N SER A 86 -7.00 -6.83 4.20
CA SER A 86 -6.84 -7.96 5.10
C SER A 86 -5.73 -7.66 6.12
N LEU A 87 -5.84 -8.31 7.27
CA LEU A 87 -4.87 -8.12 8.34
C LEU A 87 -4.14 -9.44 8.59
N GLU A 88 -2.87 -9.31 8.95
CA GLU A 88 -2.05 -10.48 9.23
C GLU A 88 -1.40 -10.35 10.61
N PRO A 89 -1.44 -11.48 11.37
CA PRO A 89 -0.86 -11.50 12.70
C PRO A 89 0.67 -11.57 12.62
N GLY A 90 1.30 -10.55 13.18
CA GLY A 90 2.75 -10.49 13.18
C GLY A 90 3.30 -10.52 11.75
N LYS A 91 2.74 -9.67 10.92
CA LYS A 91 3.17 -9.59 9.53
C LYS A 91 2.98 -8.17 9.02
N CYS A 92 1.89 -7.97 8.30
CA CYS A 92 1.58 -6.67 7.74
C CYS A 92 0.12 -6.65 7.33
N VAL A 93 -0.35 -5.47 6.93
CA VAL A 93 -1.73 -5.31 6.51
C VAL A 93 -1.79 -5.33 4.97
N LEU A 94 -2.85 -5.92 4.46
CA LEU A 94 -3.04 -6.02 3.02
C LEU A 94 -4.22 -5.13 2.62
N VAL A 95 -4.00 -4.33 1.58
CA VAL A 95 -5.02 -3.43 1.08
C VAL A 95 -5.07 -3.52 -0.44
N ASN A 96 -6.28 -3.75 -0.95
CA ASN A 96 -6.47 -3.85 -2.38
C ASN A 96 -7.31 -2.67 -2.87
N LEU A 97 -6.79 -1.98 -3.87
CA LEU A 97 -7.48 -0.83 -4.43
C LEU A 97 -7.75 -1.07 -5.92
N SER A 98 -9.02 -1.07 -6.27
CA SER A 98 -9.42 -1.29 -7.65
C SER A 98 -9.69 0.05 -8.34
N LYS A 99 -8.90 0.32 -9.36
CA LYS A 99 -9.04 1.56 -10.11
C LYS A 99 -10.43 1.61 -10.74
N VAL A 100 -11.00 2.81 -10.74
CA VAL A 100 -12.32 3.01 -11.32
C VAL A 100 -12.19 3.46 -12.76
N GLY A 101 -11.32 2.77 -13.49
CA GLY A 101 -11.08 3.10 -14.89
C GLY A 101 -9.58 3.17 -15.19
N GLU A 102 -9.22 4.13 -16.03
CA GLU A 102 -7.83 4.31 -16.41
C GLU A 102 -7.39 5.75 -16.13
N TYR A 103 -6.80 5.93 -14.96
CA TYR A 103 -6.32 7.25 -14.56
C TYR A 103 -4.86 7.19 -14.12
N TRP A 104 -4.20 8.34 -14.23
CA TRP A 104 -2.80 8.44 -13.85
C TRP A 104 -2.73 8.61 -12.33
N TRP A 105 -2.15 7.61 -11.68
CA TRP A 105 -2.01 7.64 -10.24
C TRP A 105 -0.58 8.11 -9.91
N ASN A 106 0.37 7.23 -10.19
CA ASN A 106 1.76 7.53 -9.93
C ASN A 106 2.06 7.31 -8.45
N ALA A 107 1.27 7.97 -7.62
CA ALA A 107 1.43 7.86 -6.18
C ALA A 107 0.11 7.42 -5.55
N ILE A 108 0.21 6.89 -4.33
CA ILE A 108 -0.96 6.42 -3.62
C ILE A 108 -1.71 7.63 -3.04
N LEU A 109 -0.98 8.43 -2.29
CA LEU A 109 -1.56 9.62 -1.68
C LEU A 109 -1.04 10.87 -2.41
N GLU A 110 -1.66 11.99 -2.09
CA GLU A 110 -1.28 13.25 -2.70
C GLU A 110 0.02 13.78 -2.08
N GLY A 111 0.71 14.62 -2.84
CA GLY A 111 1.96 15.19 -2.38
C GLY A 111 3.14 14.28 -2.73
N GLU A 112 3.04 13.04 -2.27
CA GLU A 112 4.09 12.07 -2.53
C GLU A 112 4.60 12.20 -3.97
N GLU A 113 5.87 12.57 -4.08
CA GLU A 113 6.49 12.75 -5.39
C GLU A 113 6.00 11.67 -6.35
N PRO A 114 5.93 12.04 -7.65
CA PRO A 114 5.49 11.12 -8.68
C PRO A 114 6.58 10.09 -9.00
N ILE A 115 6.17 8.83 -9.03
CA ILE A 115 7.10 7.74 -9.32
C ILE A 115 7.73 7.99 -10.69
N ASP A 116 8.90 7.37 -10.88
CA ASP A 116 9.62 7.51 -12.13
C ASP A 116 9.23 6.36 -13.06
N ILE A 117 8.02 6.45 -13.59
CA ILE A 117 7.52 5.43 -14.50
C ILE A 117 7.27 6.05 -15.88
N ASP A 118 7.75 5.34 -16.90
CA ASP A 118 7.58 5.82 -18.27
C ASP A 118 7.06 4.67 -19.13
N SER A 119 6.09 4.99 -19.97
CA SER A 119 5.50 4.00 -20.87
C SER A 119 6.54 3.55 -21.89
N GLY A 120 6.33 2.34 -22.39
CA GLY A 120 7.23 1.78 -23.38
C GLY A 120 6.57 0.60 -24.11
N PRO A 121 7.43 -0.41 -24.46
CA PRO A 121 6.95 -1.59 -25.15
C PRO A 121 6.19 -2.51 -24.20
N SER A 122 6.75 -2.67 -23.01
CA SER A 122 6.14 -3.53 -22.01
C SER A 122 5.02 -2.76 -21.28
N SER A 123 5.41 -1.64 -20.69
CA SER A 123 4.45 -0.81 -19.97
C SER A 123 3.73 -1.66 -18.91
N GLY A 124 4.14 -1.46 -17.67
CA GLY A 124 3.54 -2.19 -16.56
C GLY A 124 4.51 -2.28 -15.38
N GLY A 1 5.70 -18.63 -26.30
CA GLY A 1 6.58 -17.68 -25.62
C GLY A 1 6.17 -17.51 -24.15
N SER A 2 7.18 -17.52 -23.29
CA SER A 2 6.93 -17.36 -21.86
C SER A 2 7.87 -16.29 -21.30
N SER A 3 7.38 -15.06 -21.28
CA SER A 3 8.15 -13.96 -20.76
C SER A 3 9.37 -13.70 -21.66
N GLY A 4 9.82 -12.46 -21.64
CA GLY A 4 10.96 -12.07 -22.45
C GLY A 4 12.24 -12.04 -21.60
N SER A 5 13.23 -12.79 -22.06
CA SER A 5 14.51 -12.85 -21.36
C SER A 5 15.04 -11.44 -21.12
N SER A 6 14.89 -10.99 -19.89
CA SER A 6 15.36 -9.66 -19.51
C SER A 6 16.12 -9.73 -18.19
N GLY A 7 16.94 -8.70 -17.97
CA GLY A 7 17.74 -8.64 -16.76
C GLY A 7 17.21 -7.55 -15.82
N GLN A 8 16.64 -8.00 -14.70
CA GLN A 8 16.10 -7.07 -13.72
C GLN A 8 17.10 -6.85 -12.59
N LYS A 9 17.34 -7.91 -11.84
CA LYS A 9 18.28 -7.84 -10.73
C LYS A 9 17.71 -6.93 -9.64
N ASN A 10 16.68 -7.41 -8.99
CA ASN A 10 16.03 -6.65 -7.93
C ASN A 10 14.83 -7.44 -7.39
N PRO A 11 14.87 -7.70 -6.06
CA PRO A 11 13.79 -8.44 -5.41
C PRO A 11 12.55 -7.58 -5.25
N ASP A 12 12.75 -6.42 -4.61
CA ASP A 12 11.66 -5.49 -4.38
C ASP A 12 12.18 -4.28 -3.62
N SER A 13 11.38 -3.22 -3.64
CA SER A 13 11.75 -1.99 -2.95
C SER A 13 13.25 -1.71 -3.14
N TYR A 14 13.55 -1.11 -4.29
CA TYR A 14 14.93 -0.77 -4.61
C TYR A 14 15.04 0.66 -5.13
N ASN A 15 14.37 0.90 -6.24
CA ASN A 15 14.38 2.23 -6.86
C ASN A 15 12.96 2.80 -6.85
N GLY A 16 12.85 4.00 -6.29
CA GLY A 16 11.57 4.67 -6.21
C GLY A 16 10.52 3.77 -5.57
N ALA A 17 9.34 4.34 -5.33
CA ALA A 17 8.25 3.60 -4.72
C ALA A 17 8.61 3.26 -3.28
N VAL A 18 7.65 2.69 -2.58
CA VAL A 18 7.85 2.31 -1.19
C VAL A 18 8.40 3.51 -0.42
N ARG A 19 8.51 3.34 0.89
CA ARG A 19 9.02 4.39 1.75
C ARG A 19 9.07 3.91 3.19
N GLU A 20 9.48 4.82 4.07
CA GLU A 20 9.59 4.51 5.49
C GLU A 20 8.25 4.75 6.18
N ASN A 21 7.31 3.83 5.94
CA ASN A 21 6.00 3.94 6.53
C ASN A 21 5.11 2.81 6.00
N TYR A 22 4.95 2.81 4.68
CA TYR A 22 4.13 1.80 4.03
C TYR A 22 4.57 1.58 2.59
N THR A 23 4.70 0.31 2.22
CA THR A 23 5.12 -0.05 0.88
C THR A 23 3.91 -0.13 -0.05
N TRP A 24 4.18 0.08 -1.33
CA TRP A 24 3.12 0.04 -2.33
C TRP A 24 3.77 -0.22 -3.69
N SER A 25 2.95 -0.64 -4.63
CA SER A 25 3.43 -0.92 -5.98
C SER A 25 2.30 -0.70 -6.99
N GLN A 26 2.71 -0.48 -8.24
CA GLN A 26 1.75 -0.25 -9.31
C GLN A 26 1.77 -1.41 -10.29
N ASP A 27 0.58 -1.96 -10.53
CA ASP A 27 0.45 -3.08 -11.45
C ASP A 27 -0.36 -2.64 -12.68
N TYR A 28 -0.49 -3.55 -13.62
CA TYR A 28 -1.24 -3.27 -14.83
C TYR A 28 -2.46 -2.41 -14.54
N THR A 29 -3.33 -2.94 -13.69
CA THR A 29 -4.54 -2.22 -13.31
C THR A 29 -4.93 -2.57 -11.88
N ASP A 30 -4.10 -2.13 -10.95
CA ASP A 30 -4.34 -2.38 -9.54
C ASP A 30 -3.12 -1.94 -8.72
N LEU A 31 -3.32 -1.87 -7.41
CA LEU A 31 -2.25 -1.47 -6.52
C LEU A 31 -2.19 -2.43 -5.33
N GLU A 32 -1.03 -2.46 -4.70
CA GLU A 32 -0.83 -3.34 -3.56
C GLU A 32 0.07 -2.65 -2.52
N VAL A 33 -0.56 -2.23 -1.42
CA VAL A 33 0.16 -1.55 -0.36
C VAL A 33 0.13 -2.42 0.89
N ARG A 34 1.31 -2.76 1.39
CA ARG A 34 1.43 -3.59 2.57
C ARG A 34 1.99 -2.77 3.74
N VAL A 35 1.33 -2.88 4.88
CA VAL A 35 1.75 -2.17 6.07
C VAL A 35 2.24 -3.16 7.12
N PRO A 36 3.48 -2.90 7.62
CA PRO A 36 4.08 -3.77 8.63
C PRO A 36 3.43 -3.53 10.00
N VAL A 37 3.15 -4.64 10.68
CA VAL A 37 2.54 -4.57 11.99
C VAL A 37 3.47 -5.23 13.02
N PRO A 38 3.26 -4.85 14.30
CA PRO A 38 4.07 -5.41 15.38
C PRO A 38 3.66 -6.84 15.70
N LYS A 39 4.37 -7.44 16.64
CA LYS A 39 4.09 -8.80 17.04
C LYS A 39 3.00 -8.80 18.12
N HIS A 40 2.37 -7.65 18.28
CA HIS A 40 1.32 -7.49 19.26
C HIS A 40 -0.01 -7.23 18.56
N VAL A 41 0.07 -7.13 17.23
CA VAL A 41 -1.12 -6.89 16.43
C VAL A 41 -1.55 -8.19 15.75
N VAL A 42 -2.69 -8.71 16.21
CA VAL A 42 -3.22 -9.94 15.65
C VAL A 42 -4.69 -9.74 15.30
N LYS A 43 -5.40 -9.06 16.20
CA LYS A 43 -6.81 -8.79 16.00
C LYS A 43 -6.98 -7.61 15.05
N GLY A 44 -8.09 -7.61 14.33
CA GLY A 44 -8.38 -6.53 13.40
C GLY A 44 -8.96 -5.31 14.11
N LYS A 45 -9.24 -5.50 15.40
CA LYS A 45 -9.80 -4.43 16.20
C LYS A 45 -8.67 -3.53 16.69
N GLN A 46 -7.45 -4.03 16.56
CA GLN A 46 -6.28 -3.28 16.98
C GLN A 46 -5.85 -2.29 15.90
N VAL A 47 -6.28 -2.58 14.67
CA VAL A 47 -5.95 -1.73 13.54
C VAL A 47 -7.23 -1.11 12.99
N SER A 48 -7.08 0.08 12.44
CA SER A 48 -8.22 0.80 11.88
C SER A 48 -8.03 0.96 10.37
N VAL A 49 -9.10 0.68 9.64
CA VAL A 49 -9.07 0.79 8.19
C VAL A 49 -10.32 1.53 7.72
N ALA A 50 -10.09 2.52 6.87
CA ALA A 50 -11.18 3.33 6.33
C ALA A 50 -11.09 3.34 4.80
N LEU A 51 -12.18 2.91 4.18
CA LEU A 51 -12.24 2.86 2.73
C LEU A 51 -13.43 3.71 2.25
N SER A 52 -13.12 4.69 1.42
CA SER A 52 -14.16 5.56 0.88
C SER A 52 -14.11 5.55 -0.64
N SER A 53 -13.02 6.07 -1.17
CA SER A 53 -12.84 6.11 -2.61
C SER A 53 -11.52 6.81 -2.95
N SER A 54 -11.33 7.97 -2.35
CA SER A 54 -10.11 8.74 -2.58
C SER A 54 -9.43 9.05 -1.24
N SER A 55 -9.55 8.12 -0.33
CA SER A 55 -8.96 8.27 1.00
C SER A 55 -8.66 6.90 1.60
N ILE A 56 -7.64 6.88 2.46
CA ILE A 56 -7.25 5.64 3.11
C ILE A 56 -6.63 5.96 4.48
N ARG A 57 -6.84 5.05 5.41
CA ARG A 57 -6.32 5.22 6.75
C ARG A 57 -5.86 3.88 7.32
N VAL A 58 -4.68 3.89 7.91
CA VAL A 58 -4.11 2.68 8.50
C VAL A 58 -3.48 3.02 9.85
N ALA A 59 -4.16 2.60 10.91
CA ALA A 59 -3.68 2.86 12.26
C ALA A 59 -3.64 1.54 13.03
N MET A 60 -2.85 1.53 14.10
CA MET A 60 -2.72 0.35 14.93
C MET A 60 -2.66 0.73 16.42
N LEU A 61 -3.24 -0.13 17.23
CA LEU A 61 -3.26 0.10 18.67
C LEU A 61 -1.88 -0.18 19.25
N GLU A 62 -1.38 0.77 20.02
CA GLU A 62 -0.08 0.64 20.63
C GLU A 62 -0.22 0.13 22.07
N GLU A 63 -0.88 0.94 22.88
CA GLU A 63 -1.09 0.59 24.28
C GLU A 63 -2.10 1.54 24.91
N ASN A 64 -1.63 2.74 25.25
CA ASN A 64 -2.49 3.74 25.86
C ASN A 64 -3.29 4.45 24.77
N GLY A 65 -2.90 4.21 23.53
CA GLY A 65 -3.57 4.81 22.40
C GLY A 65 -3.34 4.00 21.12
N GLU A 66 -3.00 4.71 20.06
CA GLU A 66 -2.75 4.06 18.77
C GLU A 66 -1.86 4.95 17.90
N ARG A 67 -1.51 4.41 16.74
CA ARG A 67 -0.66 5.14 15.82
C ARG A 67 -1.16 4.95 14.38
N VAL A 68 -0.97 5.99 13.58
CA VAL A 68 -1.41 5.96 12.19
C VAL A 68 -0.21 5.60 11.30
N LEU A 69 -0.11 4.33 10.97
CA LEU A 69 0.97 3.85 10.13
C LEU A 69 0.93 4.58 8.78
N MET A 70 -0.20 4.42 8.10
CA MET A 70 -0.38 5.05 6.80
C MET A 70 -1.74 5.78 6.73
N GLU A 71 -1.73 6.90 6.03
CA GLU A 71 -2.93 7.69 5.88
C GLU A 71 -2.71 8.82 4.88
N GLY A 72 -3.79 9.23 4.23
CA GLY A 72 -3.72 10.30 3.24
C GLY A 72 -4.79 10.13 2.17
N LYS A 73 -5.18 11.25 1.59
CA LYS A 73 -6.20 11.25 0.55
C LYS A 73 -5.60 10.70 -0.74
N LEU A 74 -6.10 9.55 -1.16
CA LEU A 74 -5.61 8.91 -2.37
C LEU A 74 -5.55 9.95 -3.49
N THR A 75 -4.94 9.55 -4.60
CA THR A 75 -4.80 10.44 -5.74
C THR A 75 -6.05 10.36 -6.62
N HIS A 76 -6.58 9.16 -6.76
CA HIS A 76 -7.77 8.94 -7.56
C HIS A 76 -8.78 8.11 -6.76
N LYS A 77 -9.96 7.96 -7.35
CA LYS A 77 -11.02 7.21 -6.72
C LYS A 77 -10.80 5.71 -6.97
N ILE A 78 -11.46 4.90 -6.15
CA ILE A 78 -11.34 3.46 -6.27
C ILE A 78 -12.73 2.82 -6.10
N ASN A 79 -12.72 1.50 -6.02
CA ASN A 79 -13.97 0.76 -5.85
C ASN A 79 -13.93 0.02 -4.51
N THR A 80 -14.19 0.78 -3.45
CA THR A 80 -14.19 0.22 -2.11
C THR A 80 -14.79 -1.19 -2.13
N GLU A 81 -15.89 -1.32 -2.86
CA GLU A 81 -16.58 -2.60 -2.97
C GLU A 81 -15.60 -3.69 -3.42
N SER A 82 -14.93 -3.42 -4.54
CA SER A 82 -13.97 -4.36 -5.08
C SER A 82 -12.72 -4.40 -4.19
N SER A 83 -12.43 -3.27 -3.58
CA SER A 83 -11.28 -3.17 -2.71
C SER A 83 -11.53 -3.93 -1.41
N LEU A 84 -10.51 -4.66 -0.98
CA LEU A 84 -10.62 -5.45 0.24
C LEU A 84 -9.50 -5.02 1.20
N TRP A 85 -9.51 -5.65 2.37
CA TRP A 85 -8.50 -5.35 3.38
C TRP A 85 -8.53 -6.47 4.42
N SER A 86 -7.38 -7.11 4.59
CA SER A 86 -7.26 -8.20 5.54
C SER A 86 -6.05 -7.96 6.46
N LEU A 87 -6.30 -8.09 7.76
CA LEU A 87 -5.25 -7.89 8.74
C LEU A 87 -4.56 -9.24 9.01
N GLU A 88 -3.25 -9.17 9.18
CA GLU A 88 -2.46 -10.36 9.44
C GLU A 88 -1.75 -10.24 10.79
N PRO A 89 -1.85 -11.33 11.60
CA PRO A 89 -1.22 -11.36 12.91
C PRO A 89 0.29 -11.54 12.79
N GLY A 90 1.01 -10.63 13.43
CA GLY A 90 2.46 -10.67 13.40
C GLY A 90 2.99 -10.74 11.97
N LYS A 91 2.36 -9.94 11.11
CA LYS A 91 2.75 -9.90 9.71
C LYS A 91 2.67 -8.46 9.20
N CYS A 92 1.62 -8.20 8.42
CA CYS A 92 1.41 -6.87 7.87
C CYS A 92 -0.04 -6.79 7.39
N VAL A 93 -0.39 -5.60 6.90
CA VAL A 93 -1.73 -5.37 6.40
C VAL A 93 -1.72 -5.47 4.88
N LEU A 94 -2.83 -5.99 4.35
CA LEU A 94 -2.96 -6.16 2.91
C LEU A 94 -4.25 -5.47 2.44
N VAL A 95 -4.10 -4.62 1.44
CA VAL A 95 -5.24 -3.90 0.90
C VAL A 95 -5.16 -3.91 -0.63
N ASN A 96 -6.32 -4.07 -1.25
CA ASN A 96 -6.40 -4.10 -2.71
C ASN A 96 -7.24 -2.92 -3.18
N LEU A 97 -6.63 -2.12 -4.06
CA LEU A 97 -7.31 -0.95 -4.60
C LEU A 97 -7.70 -1.24 -6.06
N SER A 98 -9.00 -1.30 -6.28
CA SER A 98 -9.52 -1.56 -7.62
C SER A 98 -9.78 -0.24 -8.33
N LYS A 99 -8.86 0.11 -9.22
CA LYS A 99 -8.98 1.34 -9.98
C LYS A 99 -10.32 1.35 -10.72
N VAL A 100 -10.93 2.52 -10.74
CA VAL A 100 -12.22 2.68 -11.41
C VAL A 100 -11.99 3.06 -12.87
N GLY A 101 -11.03 2.38 -13.49
CA GLY A 101 -10.70 2.63 -14.88
C GLY A 101 -9.20 2.54 -15.11
N GLU A 102 -8.83 2.54 -16.38
CA GLU A 102 -7.42 2.46 -16.75
C GLU A 102 -6.71 3.77 -16.41
N TYR A 103 -6.11 3.80 -15.23
CA TYR A 103 -5.38 4.97 -14.78
C TYR A 103 -3.97 4.61 -14.31
N TRP A 104 -3.10 5.60 -14.36
CA TRP A 104 -1.72 5.39 -13.94
C TRP A 104 -1.54 6.06 -12.58
N TRP A 105 -1.71 5.26 -11.53
CA TRP A 105 -1.57 5.75 -10.17
C TRP A 105 -0.09 6.06 -9.93
N ASN A 106 0.29 7.28 -10.27
CA ASN A 106 1.67 7.71 -10.10
C ASN A 106 2.08 7.51 -8.64
N ALA A 107 1.08 7.42 -7.77
CA ALA A 107 1.32 7.23 -6.36
C ALA A 107 0.03 6.73 -5.69
N ILE A 108 0.11 6.60 -4.37
CA ILE A 108 -1.03 6.11 -3.61
C ILE A 108 -1.79 7.31 -3.03
N LEU A 109 -1.04 8.22 -2.43
CA LEU A 109 -1.62 9.41 -1.84
C LEU A 109 -1.25 10.63 -2.68
N GLU A 110 -1.83 11.76 -2.31
CA GLU A 110 -1.57 13.00 -3.02
C GLU A 110 -0.25 13.63 -2.55
N GLY A 111 0.18 13.17 -1.38
CA GLY A 111 1.42 13.67 -0.80
C GLY A 111 2.56 12.67 -0.97
N GLU A 112 2.69 12.17 -2.19
CA GLU A 112 3.72 11.19 -2.49
C GLU A 112 4.44 11.57 -3.79
N GLU A 113 5.52 10.86 -4.05
CA GLU A 113 6.31 11.10 -5.26
C GLU A 113 5.77 10.27 -6.42
N PRO A 114 5.83 10.88 -7.64
CA PRO A 114 5.35 10.20 -8.83
C PRO A 114 6.34 9.12 -9.28
N ILE A 115 6.03 8.53 -10.43
CA ILE A 115 6.89 7.48 -10.98
C ILE A 115 7.14 7.77 -12.46
N ASP A 116 7.81 6.83 -13.10
CA ASP A 116 8.12 6.96 -14.51
C ASP A 116 8.56 5.60 -15.06
N ILE A 117 7.76 5.09 -15.99
CA ILE A 117 8.06 3.79 -16.60
C ILE A 117 9.54 3.75 -17.01
N ASP A 118 10.20 2.71 -16.57
CA ASP A 118 11.61 2.54 -16.88
C ASP A 118 11.78 1.34 -17.83
N SER A 119 11.10 0.26 -17.49
CA SER A 119 11.16 -0.95 -18.28
C SER A 119 10.41 -0.75 -19.60
N GLY A 120 11.12 -0.98 -20.70
CA GLY A 120 10.52 -0.83 -22.01
C GLY A 120 11.43 -1.41 -23.09
N PRO A 121 11.43 -0.74 -24.28
CA PRO A 121 12.24 -1.18 -25.40
C PRO A 121 13.71 -0.84 -25.17
N SER A 122 14.57 -1.75 -25.58
CA SER A 122 16.00 -1.55 -25.42
C SER A 122 16.44 -0.31 -26.20
N SER A 123 16.48 0.81 -25.49
CA SER A 123 16.88 2.07 -26.10
C SER A 123 17.64 2.92 -25.08
N GLY A 124 18.93 3.07 -25.34
CA GLY A 124 19.79 3.85 -24.46
C GLY A 124 20.90 4.55 -25.25
N GLY A 1 9.08 -10.13 -21.42
CA GLY A 1 8.83 -10.18 -19.99
C GLY A 1 8.01 -11.43 -19.62
N SER A 2 8.22 -11.89 -18.39
CA SER A 2 7.51 -13.06 -17.91
C SER A 2 7.88 -14.28 -18.75
N SER A 3 8.65 -15.18 -18.15
CA SER A 3 9.07 -16.38 -18.83
C SER A 3 9.29 -17.51 -17.82
N GLY A 4 10.19 -17.24 -16.88
CA GLY A 4 10.49 -18.22 -15.84
C GLY A 4 9.96 -17.78 -14.48
N SER A 5 10.79 -17.97 -13.46
CA SER A 5 10.40 -17.59 -12.11
C SER A 5 11.57 -17.84 -11.15
N SER A 6 11.88 -16.81 -10.38
CA SER A 6 12.96 -16.90 -9.41
C SER A 6 12.47 -17.59 -8.13
N GLY A 7 13.44 -18.09 -7.36
CA GLY A 7 13.12 -18.77 -6.13
C GLY A 7 14.13 -18.42 -5.04
N GLN A 8 13.81 -17.36 -4.30
CA GLN A 8 14.68 -16.91 -3.23
C GLN A 8 13.88 -16.08 -2.22
N LYS A 9 13.31 -16.79 -1.25
CA LYS A 9 12.52 -16.14 -0.21
C LYS A 9 11.29 -15.51 -0.85
N ASN A 10 10.32 -15.19 0.00
CA ASN A 10 9.08 -14.58 -0.45
C ASN A 10 9.29 -13.08 -0.63
N PRO A 11 8.71 -12.54 -1.74
CA PRO A 11 8.82 -11.12 -2.04
C PRO A 11 7.93 -10.29 -1.11
N ASP A 12 8.05 -8.97 -1.25
CA ASP A 12 7.26 -8.07 -0.44
C ASP A 12 7.02 -6.77 -1.21
N SER A 13 8.12 -6.18 -1.67
CA SER A 13 8.05 -4.94 -2.42
C SER A 13 8.01 -5.25 -3.92
N TYR A 14 9.11 -5.83 -4.41
CA TYR A 14 9.21 -6.17 -5.81
C TYR A 14 8.74 -5.02 -6.71
N ASN A 15 9.69 -4.17 -7.06
CA ASN A 15 9.39 -3.02 -7.90
C ASN A 15 8.36 -2.13 -7.20
N GLY A 16 8.22 -0.93 -7.72
CA GLY A 16 7.27 0.03 -7.16
C GLY A 16 7.91 0.83 -6.03
N ALA A 17 7.74 2.14 -6.12
CA ALA A 17 8.28 3.04 -5.11
C ALA A 17 7.86 2.56 -3.72
N VAL A 18 8.86 2.28 -2.89
CA VAL A 18 8.60 1.82 -1.54
C VAL A 18 8.68 3.01 -0.58
N ARG A 19 8.63 2.69 0.71
CA ARG A 19 8.70 3.72 1.73
C ARG A 19 8.88 3.08 3.11
N GLU A 20 9.48 3.85 4.02
CA GLU A 20 9.72 3.37 5.36
C GLU A 20 8.41 3.40 6.17
N ASN A 21 7.42 4.04 5.60
CA ASN A 21 6.12 4.16 6.26
C ASN A 21 5.24 2.98 5.82
N TYR A 22 5.11 2.83 4.51
CA TYR A 22 4.30 1.75 3.95
C TYR A 22 4.73 1.44 2.53
N THR A 23 4.83 0.14 2.25
CA THR A 23 5.23 -0.31 0.93
C THR A 23 4.00 -0.43 0.01
N TRP A 24 4.22 -0.07 -1.25
CA TRP A 24 3.15 -0.12 -2.23
C TRP A 24 3.79 -0.33 -3.60
N SER A 25 2.96 -0.81 -4.53
CA SER A 25 3.43 -1.05 -5.89
C SER A 25 2.29 -0.81 -6.88
N GLN A 26 2.67 -0.65 -8.14
CA GLN A 26 1.70 -0.41 -9.19
C GLN A 26 1.75 -1.54 -10.23
N ASP A 27 0.58 -2.06 -10.55
CA ASP A 27 0.49 -3.14 -11.52
C ASP A 27 -0.33 -2.67 -12.72
N TYR A 28 -0.48 -3.56 -13.69
CA TYR A 28 -1.24 -3.24 -14.89
C TYR A 28 -2.49 -2.42 -14.55
N THR A 29 -3.33 -3.01 -13.72
CA THR A 29 -4.56 -2.34 -13.31
C THR A 29 -4.98 -2.80 -11.90
N ASP A 30 -4.26 -2.29 -10.91
CA ASP A 30 -4.53 -2.64 -9.53
C ASP A 30 -3.36 -2.20 -8.65
N LEU A 31 -3.70 -1.72 -7.46
CA LEU A 31 -2.69 -1.27 -6.53
C LEU A 31 -2.69 -2.20 -5.31
N GLU A 32 -1.51 -2.28 -4.68
CA GLU A 32 -1.37 -3.12 -3.50
C GLU A 32 -0.33 -2.53 -2.55
N VAL A 33 -0.79 -2.20 -1.36
CA VAL A 33 0.08 -1.62 -0.35
C VAL A 33 0.04 -2.47 0.92
N ARG A 34 1.22 -2.80 1.42
CA ARG A 34 1.33 -3.61 2.62
C ARG A 34 1.94 -2.80 3.75
N VAL A 35 1.29 -2.86 4.91
CA VAL A 35 1.78 -2.14 6.08
C VAL A 35 2.24 -3.14 7.14
N PRO A 36 3.46 -2.89 7.68
CA PRO A 36 4.03 -3.75 8.71
C PRO A 36 3.34 -3.53 10.05
N VAL A 37 3.15 -4.62 10.77
CA VAL A 37 2.51 -4.56 12.07
C VAL A 37 3.39 -5.26 13.10
N PRO A 38 3.17 -4.88 14.39
CA PRO A 38 3.94 -5.46 15.48
C PRO A 38 3.49 -6.90 15.77
N LYS A 39 4.18 -7.52 16.72
CA LYS A 39 3.86 -8.89 17.10
C LYS A 39 2.75 -8.87 18.14
N HIS A 40 2.17 -7.69 18.32
CA HIS A 40 1.09 -7.53 19.28
C HIS A 40 -0.23 -7.26 18.53
N VAL A 41 -0.12 -7.17 17.22
CA VAL A 41 -1.28 -6.91 16.39
C VAL A 41 -1.72 -8.22 15.72
N VAL A 42 -2.87 -8.71 16.15
CA VAL A 42 -3.41 -9.94 15.59
C VAL A 42 -4.90 -9.74 15.27
N LYS A 43 -5.58 -9.07 16.18
CA LYS A 43 -7.00 -8.81 15.99
C LYS A 43 -7.17 -7.55 15.12
N GLY A 44 -7.97 -7.71 14.08
CA GLY A 44 -8.23 -6.61 13.16
C GLY A 44 -8.65 -5.35 13.93
N LYS A 45 -9.28 -5.58 15.08
CA LYS A 45 -9.74 -4.48 15.90
C LYS A 45 -8.53 -3.68 16.40
N GLN A 46 -7.36 -4.28 16.22
CA GLN A 46 -6.12 -3.64 16.65
C GLN A 46 -5.68 -2.60 15.60
N VAL A 47 -6.30 -2.69 14.44
CA VAL A 47 -5.97 -1.77 13.35
C VAL A 47 -7.26 -1.17 12.80
N SER A 48 -7.12 0.00 12.19
CA SER A 48 -8.26 0.69 11.61
C SER A 48 -8.08 0.84 10.10
N VAL A 49 -9.17 0.64 9.38
CA VAL A 49 -9.15 0.75 7.94
C VAL A 49 -10.39 1.51 7.46
N ALA A 50 -10.15 2.44 6.54
CA ALA A 50 -11.24 3.24 6.00
C ALA A 50 -11.13 3.27 4.47
N LEU A 51 -12.22 2.86 3.83
CA LEU A 51 -12.25 2.84 2.37
C LEU A 51 -13.44 3.67 1.89
N SER A 52 -13.12 4.73 1.16
CA SER A 52 -14.14 5.62 0.63
C SER A 52 -14.05 5.66 -0.90
N SER A 53 -12.93 6.18 -1.38
CA SER A 53 -12.71 6.29 -2.81
C SER A 53 -11.37 7.00 -3.08
N SER A 54 -11.22 8.15 -2.46
CA SER A 54 -10.01 8.93 -2.62
C SER A 54 -9.38 9.22 -1.26
N SER A 55 -9.48 8.22 -0.38
CA SER A 55 -8.92 8.35 0.95
C SER A 55 -8.68 6.97 1.55
N ILE A 56 -7.64 6.88 2.37
CA ILE A 56 -7.28 5.62 2.99
C ILE A 56 -6.79 5.90 4.42
N ARG A 57 -7.01 4.92 5.29
CA ARG A 57 -6.58 5.05 6.67
C ARG A 57 -6.00 3.71 7.17
N VAL A 58 -4.84 3.81 7.80
CA VAL A 58 -4.16 2.64 8.33
C VAL A 58 -3.53 2.98 9.68
N ALA A 59 -4.18 2.50 10.74
CA ALA A 59 -3.69 2.75 12.08
C ALA A 59 -3.64 1.42 12.85
N MET A 60 -2.80 1.41 13.88
CA MET A 60 -2.66 0.22 14.70
C MET A 60 -2.59 0.58 16.19
N LEU A 61 -3.18 -0.29 17.00
CA LEU A 61 -3.18 -0.06 18.44
C LEU A 61 -1.81 -0.44 19.01
N GLU A 62 -1.29 0.46 19.84
CA GLU A 62 0.00 0.24 20.46
C GLU A 62 -0.18 -0.36 21.87
N GLU A 63 -0.71 0.46 22.76
CA GLU A 63 -0.94 0.03 24.13
C GLU A 63 -1.89 0.98 24.83
N ASN A 64 -1.40 2.21 25.06
CA ASN A 64 -2.19 3.22 25.73
C ASN A 64 -2.93 4.05 24.67
N GLY A 65 -2.62 3.77 23.41
CA GLY A 65 -3.25 4.48 22.31
C GLY A 65 -3.07 3.72 21.00
N GLU A 66 -2.71 4.48 19.96
CA GLU A 66 -2.51 3.89 18.65
C GLU A 66 -1.61 4.79 17.80
N ARG A 67 -1.31 4.31 16.61
CA ARG A 67 -0.47 5.06 15.69
C ARG A 67 -0.96 4.88 14.25
N VAL A 68 -0.94 5.99 13.51
CA VAL A 68 -1.38 5.97 12.13
C VAL A 68 -0.20 5.61 11.23
N LEU A 69 -0.14 4.33 10.88
CA LEU A 69 0.93 3.85 10.02
C LEU A 69 0.87 4.58 8.68
N MET A 70 -0.29 4.50 8.05
CA MET A 70 -0.49 5.15 6.76
C MET A 70 -1.89 5.75 6.66
N GLU A 71 -1.97 6.89 5.98
CA GLU A 71 -3.23 7.58 5.80
C GLU A 71 -3.04 8.83 4.95
N GLY A 72 -4.14 9.28 4.36
CA GLY A 72 -4.09 10.47 3.52
C GLY A 72 -5.01 10.31 2.30
N LYS A 73 -5.42 11.45 1.76
CA LYS A 73 -6.29 11.45 0.60
C LYS A 73 -5.55 10.85 -0.59
N LEU A 74 -6.18 9.86 -1.21
CA LEU A 74 -5.58 9.20 -2.36
C LEU A 74 -5.51 10.19 -3.52
N THR A 75 -4.68 9.84 -4.50
CA THR A 75 -4.50 10.67 -5.67
C THR A 75 -5.75 10.62 -6.55
N HIS A 76 -6.27 9.42 -6.71
CA HIS A 76 -7.46 9.22 -7.53
C HIS A 76 -8.50 8.43 -6.73
N LYS A 77 -9.60 8.12 -7.40
CA LYS A 77 -10.68 7.37 -6.77
C LYS A 77 -10.42 5.87 -6.94
N ILE A 78 -11.23 5.08 -6.25
CA ILE A 78 -11.10 3.63 -6.31
C ILE A 78 -12.47 2.99 -6.08
N ASN A 79 -12.57 1.72 -6.42
CA ASN A 79 -13.80 0.99 -6.25
C ASN A 79 -13.76 0.23 -4.92
N THR A 80 -14.00 0.97 -3.85
CA THR A 80 -14.00 0.40 -2.52
C THR A 80 -14.64 -1.00 -2.54
N GLU A 81 -15.63 -1.14 -3.41
CA GLU A 81 -16.32 -2.41 -3.54
C GLU A 81 -15.32 -3.53 -3.87
N SER A 82 -14.55 -3.30 -4.92
CA SER A 82 -13.56 -4.27 -5.35
C SER A 82 -12.37 -4.26 -4.39
N SER A 83 -12.14 -3.11 -3.78
CA SER A 83 -11.05 -2.96 -2.84
C SER A 83 -11.33 -3.77 -1.57
N LEU A 84 -10.26 -4.35 -1.03
CA LEU A 84 -10.38 -5.16 0.17
C LEU A 84 -9.23 -4.82 1.12
N TRP A 85 -9.24 -5.48 2.27
CA TRP A 85 -8.20 -5.27 3.27
C TRP A 85 -8.26 -6.41 4.27
N SER A 86 -7.11 -7.05 4.48
CA SER A 86 -7.03 -8.16 5.40
C SER A 86 -5.86 -7.94 6.37
N LEU A 87 -6.16 -8.07 7.66
CA LEU A 87 -5.15 -7.89 8.69
C LEU A 87 -4.49 -9.24 8.98
N GLU A 88 -3.18 -9.19 9.19
CA GLU A 88 -2.42 -10.39 9.47
C GLU A 88 -1.74 -10.27 10.85
N PRO A 89 -1.88 -11.36 11.64
CA PRO A 89 -1.29 -11.39 12.98
C PRO A 89 0.22 -11.59 12.90
N GLY A 90 0.95 -10.64 13.48
CA GLY A 90 2.40 -10.70 13.49
C GLY A 90 2.95 -10.77 12.06
N LYS A 91 2.45 -9.88 11.23
CA LYS A 91 2.88 -9.83 9.84
C LYS A 91 2.76 -8.40 9.32
N CYS A 92 1.69 -8.17 8.56
CA CYS A 92 1.44 -6.86 8.00
C CYS A 92 -0.03 -6.78 7.60
N VAL A 93 -0.42 -5.60 7.13
CA VAL A 93 -1.79 -5.37 6.71
C VAL A 93 -1.84 -5.25 5.19
N LEU A 94 -2.64 -6.11 4.58
CA LEU A 94 -2.79 -6.11 3.13
C LEU A 94 -4.06 -5.34 2.76
N VAL A 95 -3.87 -4.38 1.86
CA VAL A 95 -4.99 -3.56 1.40
C VAL A 95 -4.98 -3.50 -0.13
N ASN A 96 -6.03 -4.04 -0.72
CA ASN A 96 -6.16 -4.05 -2.16
C ASN A 96 -7.02 -2.87 -2.61
N LEU A 97 -6.50 -2.12 -3.56
CA LEU A 97 -7.20 -0.96 -4.08
C LEU A 97 -7.61 -1.23 -5.53
N SER A 98 -8.85 -0.85 -5.84
CA SER A 98 -9.38 -1.04 -7.19
C SER A 98 -9.16 0.22 -8.01
N LYS A 99 -9.04 0.02 -9.32
CA LYS A 99 -8.84 1.14 -10.23
C LYS A 99 -10.19 1.68 -10.69
N VAL A 100 -10.27 3.00 -10.77
CA VAL A 100 -11.49 3.65 -11.18
C VAL A 100 -11.19 4.63 -12.32
N GLY A 101 -11.33 4.13 -13.54
CA GLY A 101 -11.07 4.95 -14.71
C GLY A 101 -9.59 4.93 -15.08
N GLU A 102 -9.32 5.25 -16.34
CA GLU A 102 -7.95 5.25 -16.83
C GLU A 102 -7.17 6.41 -16.20
N TYR A 103 -6.48 6.11 -15.12
CA TYR A 103 -5.69 7.10 -14.42
C TYR A 103 -4.25 6.62 -14.21
N TRP A 104 -3.36 7.58 -14.06
CA TRP A 104 -1.95 7.27 -13.85
C TRP A 104 -1.66 7.41 -12.35
N TRP A 105 -1.64 6.27 -11.67
CA TRP A 105 -1.38 6.26 -10.24
C TRP A 105 0.11 6.51 -10.04
N ASN A 106 0.49 7.78 -10.05
CA ASN A 106 1.87 8.16 -9.87
C ASN A 106 2.27 7.97 -8.40
N ALA A 107 1.26 7.63 -7.60
CA ALA A 107 1.49 7.41 -6.18
C ALA A 107 0.19 6.95 -5.52
N ILE A 108 0.22 6.87 -4.20
CA ILE A 108 -0.95 6.44 -3.45
C ILE A 108 -1.65 7.67 -2.86
N LEU A 109 -0.88 8.48 -2.16
CA LEU A 109 -1.41 9.68 -1.55
C LEU A 109 -0.99 10.90 -2.37
N GLU A 110 -1.36 12.06 -1.88
CA GLU A 110 -1.04 13.31 -2.57
C GLU A 110 0.24 13.91 -2.00
N GLY A 111 0.49 13.60 -0.72
CA GLY A 111 1.67 14.10 -0.05
C GLY A 111 2.95 13.50 -0.66
N GLU A 112 2.85 12.23 -1.02
CA GLU A 112 3.97 11.53 -1.61
C GLU A 112 4.52 12.31 -2.80
N GLU A 113 5.45 11.68 -3.51
CA GLU A 113 6.06 12.31 -4.67
C GLU A 113 5.62 11.60 -5.95
N PRO A 114 5.38 12.41 -7.01
CA PRO A 114 4.95 11.87 -8.29
C PRO A 114 6.11 11.21 -9.02
N ILE A 115 5.96 9.92 -9.27
CA ILE A 115 6.99 9.16 -9.96
C ILE A 115 6.99 9.55 -11.45
N ASP A 116 8.00 9.05 -12.15
CA ASP A 116 8.12 9.33 -13.57
C ASP A 116 7.34 8.28 -14.36
N ILE A 117 6.03 8.44 -14.36
CA ILE A 117 5.16 7.52 -15.08
C ILE A 117 5.60 6.09 -14.79
N ASP A 118 5.04 5.16 -15.56
CA ASP A 118 5.37 3.75 -15.41
C ASP A 118 6.84 3.54 -15.81
N SER A 119 7.15 3.96 -17.02
CA SER A 119 8.51 3.81 -17.53
C SER A 119 8.96 2.35 -17.39
N GLY A 120 10.14 2.09 -17.93
CA GLY A 120 10.71 0.74 -17.88
C GLY A 120 12.23 0.79 -17.83
N PRO A 121 12.82 -0.22 -17.15
CA PRO A 121 14.27 -0.31 -17.03
C PRO A 121 14.90 -0.79 -18.34
N SER A 122 14.62 -0.05 -19.40
CA SER A 122 15.15 -0.38 -20.72
C SER A 122 15.14 -1.90 -20.91
N SER A 123 13.96 -2.40 -21.26
CA SER A 123 13.80 -3.83 -21.49
C SER A 123 12.54 -4.09 -22.31
N GLY A 124 12.74 -4.17 -23.62
CA GLY A 124 11.63 -4.42 -24.53
C GLY A 124 11.74 -5.80 -25.18
N GLY A 1 14.68 -26.10 -26.43
CA GLY A 1 14.19 -24.76 -26.77
C GLY A 1 13.87 -23.96 -25.51
N SER A 2 13.44 -22.73 -25.74
CA SER A 2 13.10 -21.84 -24.63
C SER A 2 11.77 -21.15 -24.91
N SER A 3 11.09 -20.79 -23.83
CA SER A 3 9.81 -20.12 -23.94
C SER A 3 9.62 -19.15 -22.79
N GLY A 4 10.16 -17.95 -22.97
CA GLY A 4 10.06 -16.92 -21.96
C GLY A 4 10.83 -17.32 -20.69
N SER A 5 11.71 -16.42 -20.27
CA SER A 5 12.51 -16.66 -19.08
C SER A 5 12.82 -15.35 -18.37
N SER A 6 12.02 -15.06 -17.35
CA SER A 6 12.20 -13.84 -16.59
C SER A 6 12.27 -14.16 -15.10
N GLY A 7 11.20 -14.78 -14.61
CA GLY A 7 11.13 -15.15 -13.21
C GLY A 7 11.29 -13.92 -12.31
N GLN A 8 10.35 -13.00 -12.45
CA GLN A 8 10.38 -11.77 -11.66
C GLN A 8 10.03 -12.08 -10.20
N LYS A 9 11.02 -11.92 -9.34
CA LYS A 9 10.83 -12.17 -7.92
C LYS A 9 11.19 -10.91 -7.13
N ASN A 10 10.39 -10.64 -6.10
CA ASN A 10 10.61 -9.48 -5.27
C ASN A 10 9.98 -9.71 -3.89
N PRO A 11 10.68 -9.20 -2.84
CA PRO A 11 10.19 -9.35 -1.48
C PRO A 11 9.01 -8.42 -1.20
N ASP A 12 9.19 -7.17 -1.61
CA ASP A 12 8.15 -6.17 -1.42
C ASP A 12 8.20 -5.16 -2.57
N SER A 13 9.36 -4.54 -2.73
CA SER A 13 9.54 -3.56 -3.78
C SER A 13 11.01 -3.58 -4.27
N TYR A 14 11.29 -4.56 -5.12
CA TYR A 14 12.63 -4.70 -5.66
C TYR A 14 13.18 -3.36 -6.15
N ASN A 15 12.43 -2.73 -7.05
CA ASN A 15 12.82 -1.45 -7.60
C ASN A 15 11.59 -0.56 -7.72
N GLY A 16 11.43 0.34 -6.77
CA GLY A 16 10.31 1.26 -6.77
C GLY A 16 10.34 2.17 -5.54
N ALA A 17 9.33 3.03 -5.45
CA ALA A 17 9.23 3.95 -4.33
C ALA A 17 9.06 3.16 -3.04
N VAL A 18 9.84 3.54 -2.03
CA VAL A 18 9.77 2.87 -0.74
C VAL A 18 10.08 3.89 0.36
N ARG A 19 9.31 3.79 1.44
CA ARG A 19 9.49 4.69 2.56
C ARG A 19 9.28 3.94 3.87
N GLU A 20 9.68 4.58 4.97
CA GLU A 20 9.54 3.99 6.28
C GLU A 20 8.16 4.31 6.87
N ASN A 21 7.13 3.94 6.12
CA ASN A 21 5.76 4.19 6.54
C ASN A 21 4.86 3.08 5.99
N TYR A 22 4.85 2.97 4.67
CA TYR A 22 4.04 1.96 4.00
C TYR A 22 4.47 1.77 2.55
N THR A 23 4.68 0.52 2.19
CA THR A 23 5.10 0.18 0.83
C THR A 23 3.88 0.03 -0.08
N TRP A 24 4.08 0.37 -1.34
CA TRP A 24 3.01 0.28 -2.33
C TRP A 24 3.64 -0.09 -3.67
N SER A 25 2.78 -0.57 -4.56
CA SER A 25 3.24 -0.97 -5.89
C SER A 25 2.12 -0.72 -6.91
N GLN A 26 2.50 -0.83 -8.18
CA GLN A 26 1.55 -0.63 -9.27
C GLN A 26 1.55 -1.84 -10.20
N ASP A 27 0.35 -2.20 -10.65
CA ASP A 27 0.19 -3.33 -11.54
C ASP A 27 -0.71 -2.92 -12.71
N TYR A 28 -0.95 -3.89 -13.60
CA TYR A 28 -1.79 -3.64 -14.75
C TYR A 28 -2.96 -2.72 -14.40
N THR A 29 -3.80 -3.21 -13.49
CA THR A 29 -4.95 -2.44 -13.07
C THR A 29 -5.29 -2.75 -11.60
N ASP A 30 -4.48 -2.19 -10.70
CA ASP A 30 -4.68 -2.41 -9.29
C ASP A 30 -3.45 -1.93 -8.53
N LEU A 31 -3.64 -1.71 -7.23
CA LEU A 31 -2.55 -1.26 -6.38
C LEU A 31 -2.44 -2.18 -5.16
N GLU A 32 -1.20 -2.37 -4.72
CA GLU A 32 -0.95 -3.23 -3.57
C GLU A 32 -0.05 -2.50 -2.57
N VAL A 33 -0.64 -2.21 -1.41
CA VAL A 33 0.10 -1.52 -0.36
C VAL A 33 0.07 -2.36 0.92
N ARG A 34 1.25 -2.78 1.34
CA ARG A 34 1.38 -3.60 2.53
C ARG A 34 1.96 -2.77 3.68
N VAL A 35 1.25 -2.78 4.80
CA VAL A 35 1.70 -2.04 5.97
C VAL A 35 2.22 -3.01 7.02
N PRO A 36 3.44 -2.71 7.54
CA PRO A 36 4.05 -3.55 8.55
C PRO A 36 3.39 -3.35 9.92
N VAL A 37 3.19 -4.46 10.61
CA VAL A 37 2.57 -4.42 11.92
C VAL A 37 3.50 -5.06 12.95
N PRO A 38 3.27 -4.72 14.24
CA PRO A 38 4.08 -5.26 15.32
C PRO A 38 3.70 -6.72 15.61
N LYS A 39 4.43 -7.31 16.53
CA LYS A 39 4.19 -8.69 16.91
C LYS A 39 3.10 -8.74 17.99
N HIS A 40 2.45 -7.61 18.17
CA HIS A 40 1.38 -7.50 19.15
C HIS A 40 0.03 -7.29 18.45
N VAL A 41 0.11 -7.17 17.13
CA VAL A 41 -1.08 -6.96 16.33
C VAL A 41 -1.49 -8.28 15.67
N VAL A 42 -2.52 -8.89 16.24
CA VAL A 42 -3.01 -10.16 15.71
C VAL A 42 -4.50 -10.03 15.41
N LYS A 43 -5.19 -9.33 16.30
CA LYS A 43 -6.62 -9.12 16.13
C LYS A 43 -6.87 -7.97 15.16
N GLY A 44 -7.86 -8.15 14.30
CA GLY A 44 -8.20 -7.14 13.32
C GLY A 44 -8.92 -5.95 13.98
N LYS A 45 -9.12 -6.08 15.29
CA LYS A 45 -9.78 -5.03 16.03
C LYS A 45 -8.73 -4.08 16.62
N GLN A 46 -7.48 -4.50 16.52
CA GLN A 46 -6.38 -3.71 17.03
C GLN A 46 -5.78 -2.86 15.91
N VAL A 47 -6.54 -2.71 14.85
CA VAL A 47 -6.10 -1.93 13.69
C VAL A 47 -7.32 -1.27 13.03
N SER A 48 -7.20 0.03 12.83
CA SER A 48 -8.27 0.79 12.20
C SER A 48 -7.95 1.04 10.72
N VAL A 49 -8.83 0.56 9.86
CA VAL A 49 -8.66 0.73 8.43
C VAL A 49 -9.93 1.32 7.83
N ALA A 50 -9.74 2.35 7.03
CA ALA A 50 -10.86 3.01 6.38
C ALA A 50 -10.62 3.09 4.88
N LEU A 51 -11.42 2.34 4.14
CA LEU A 51 -11.29 2.31 2.69
C LEU A 51 -12.22 3.36 2.08
N SER A 52 -11.60 4.31 1.40
CA SER A 52 -12.36 5.38 0.76
C SER A 52 -12.17 5.33 -0.75
N SER A 53 -12.98 6.11 -1.45
CA SER A 53 -12.93 6.15 -2.90
C SER A 53 -11.67 6.91 -3.34
N SER A 54 -11.31 7.91 -2.54
CA SER A 54 -10.14 8.72 -2.84
C SER A 54 -9.36 8.99 -1.56
N SER A 55 -9.28 7.97 -0.72
CA SER A 55 -8.56 8.08 0.54
C SER A 55 -8.38 6.69 1.16
N ILE A 56 -7.63 6.65 2.25
CA ILE A 56 -7.37 5.41 2.95
C ILE A 56 -6.82 5.72 4.34
N ARG A 57 -7.06 4.78 5.25
CA ARG A 57 -6.59 4.94 6.62
C ARG A 57 -5.99 3.62 7.13
N VAL A 58 -4.85 3.75 7.79
CA VAL A 58 -4.16 2.59 8.33
C VAL A 58 -3.57 2.94 9.70
N ALA A 59 -4.22 2.44 10.74
CA ALA A 59 -3.77 2.70 12.09
C ALA A 59 -3.74 1.38 12.87
N MET A 60 -2.89 1.35 13.90
CA MET A 60 -2.76 0.16 14.73
C MET A 60 -2.82 0.51 16.20
N LEU A 61 -3.54 -0.31 16.96
CA LEU A 61 -3.67 -0.09 18.39
C LEU A 61 -2.36 -0.45 19.08
N GLU A 62 -1.93 0.43 19.97
CA GLU A 62 -0.70 0.21 20.71
C GLU A 62 -1.02 -0.34 22.11
N GLU A 63 -1.68 0.48 22.91
CA GLU A 63 -2.04 0.08 24.25
C GLU A 63 -2.99 1.11 24.87
N ASN A 64 -2.46 2.30 25.09
CA ASN A 64 -3.24 3.37 25.67
C ASN A 64 -3.90 4.19 24.56
N GLY A 65 -3.52 3.86 23.33
CA GLY A 65 -4.06 4.55 22.17
C GLY A 65 -3.78 3.76 20.89
N GLU A 66 -3.32 4.48 19.87
CA GLU A 66 -3.01 3.86 18.60
C GLU A 66 -2.07 4.75 17.79
N ARG A 67 -1.76 4.30 16.59
CA ARG A 67 -0.87 5.03 15.71
C ARG A 67 -1.28 4.85 14.24
N VAL A 68 -1.19 5.92 13.49
CA VAL A 68 -1.55 5.90 12.09
C VAL A 68 -0.32 5.55 11.26
N LEU A 69 -0.26 4.30 10.83
CA LEU A 69 0.85 3.83 10.03
C LEU A 69 0.83 4.52 8.67
N MET A 70 -0.35 4.51 8.06
CA MET A 70 -0.52 5.13 6.76
C MET A 70 -1.91 5.76 6.63
N GLU A 71 -1.92 7.00 6.15
CA GLU A 71 -3.17 7.72 5.97
C GLU A 71 -2.96 8.93 5.05
N GLY A 72 -4.01 9.27 4.33
CA GLY A 72 -3.96 10.40 3.41
C GLY A 72 -4.88 10.17 2.21
N LYS A 73 -5.24 11.27 1.56
CA LYS A 73 -6.11 11.21 0.40
C LYS A 73 -5.33 10.62 -0.77
N LEU A 74 -6.01 9.77 -1.52
CA LEU A 74 -5.40 9.13 -2.68
C LEU A 74 -5.30 10.14 -3.82
N THR A 75 -4.55 9.76 -4.85
CA THR A 75 -4.36 10.61 -6.01
C THR A 75 -5.59 10.56 -6.91
N HIS A 76 -6.06 9.34 -7.15
CA HIS A 76 -7.22 9.13 -8.00
C HIS A 76 -8.26 8.30 -7.25
N LYS A 77 -9.49 8.38 -7.74
CA LYS A 77 -10.58 7.64 -7.13
C LYS A 77 -10.35 6.14 -7.30
N ILE A 78 -11.14 5.36 -6.58
CA ILE A 78 -11.02 3.91 -6.65
C ILE A 78 -12.40 3.28 -6.45
N ASN A 79 -12.39 1.98 -6.21
CA ASN A 79 -13.64 1.26 -6.00
C ASN A 79 -13.60 0.57 -4.63
N THR A 80 -13.98 1.33 -3.62
CA THR A 80 -14.00 0.82 -2.26
C THR A 80 -14.70 -0.54 -2.21
N GLU A 81 -15.79 -0.64 -2.95
CA GLU A 81 -16.56 -1.87 -3.01
C GLU A 81 -15.66 -3.04 -3.43
N SER A 82 -15.01 -2.87 -4.57
CA SER A 82 -14.12 -3.90 -5.08
C SER A 82 -12.86 -3.97 -4.22
N SER A 83 -12.54 -2.85 -3.59
CA SER A 83 -11.36 -2.77 -2.75
C SER A 83 -11.64 -3.44 -1.41
N LEU A 84 -10.63 -4.16 -0.93
CA LEU A 84 -10.75 -4.86 0.35
C LEU A 84 -9.46 -4.68 1.14
N TRP A 85 -9.45 -5.26 2.33
CA TRP A 85 -8.29 -5.17 3.21
C TRP A 85 -8.37 -6.31 4.22
N SER A 86 -7.20 -6.75 4.66
CA SER A 86 -7.12 -7.83 5.64
C SER A 86 -6.02 -7.55 6.64
N LEU A 87 -6.13 -8.20 7.79
CA LEU A 87 -5.14 -8.02 8.85
C LEU A 87 -4.40 -9.35 9.06
N GLU A 88 -3.10 -9.22 9.29
CA GLU A 88 -2.26 -10.39 9.51
C GLU A 88 -1.55 -10.29 10.86
N PRO A 89 -1.60 -11.43 11.62
CA PRO A 89 -0.98 -11.48 12.94
C PRO A 89 0.54 -11.58 12.80
N GLY A 90 1.22 -10.58 13.35
CA GLY A 90 2.68 -10.55 13.31
C GLY A 90 3.18 -10.61 11.87
N LYS A 91 2.62 -9.75 11.04
CA LYS A 91 3.01 -9.69 9.63
C LYS A 91 2.85 -8.26 9.12
N CYS A 92 1.78 -8.04 8.39
CA CYS A 92 1.50 -6.73 7.83
C CYS A 92 0.03 -6.69 7.40
N VAL A 93 -0.39 -5.51 6.96
CA VAL A 93 -1.76 -5.33 6.52
C VAL A 93 -1.81 -5.28 4.99
N LEU A 94 -2.81 -5.95 4.44
CA LEU A 94 -2.97 -6.01 2.99
C LEU A 94 -4.20 -5.19 2.59
N VAL A 95 -4.02 -4.38 1.56
CA VAL A 95 -5.11 -3.55 1.07
C VAL A 95 -5.14 -3.59 -0.45
N ASN A 96 -6.28 -3.99 -0.99
CA ASN A 96 -6.44 -4.09 -2.43
C ASN A 96 -7.31 -2.92 -2.91
N LEU A 97 -6.69 -2.05 -3.69
CA LEU A 97 -7.39 -0.89 -4.23
C LEU A 97 -7.73 -1.14 -5.70
N SER A 98 -9.02 -1.10 -5.99
CA SER A 98 -9.50 -1.31 -7.34
C SER A 98 -9.75 0.02 -8.03
N LYS A 99 -9.13 0.19 -9.19
CA LYS A 99 -9.28 1.42 -9.95
C LYS A 99 -10.63 1.41 -10.65
N VAL A 100 -11.17 2.60 -10.84
CA VAL A 100 -12.46 2.75 -11.50
C VAL A 100 -12.24 2.96 -13.01
N GLY A 101 -11.31 2.18 -13.54
CA GLY A 101 -10.99 2.28 -14.96
C GLY A 101 -9.50 2.07 -15.20
N GLU A 102 -9.06 2.45 -16.39
CA GLU A 102 -7.66 2.32 -16.76
C GLU A 102 -6.92 3.63 -16.50
N TYR A 103 -6.30 3.69 -15.32
CA TYR A 103 -5.54 4.87 -14.94
C TYR A 103 -4.13 4.50 -14.49
N TRP A 104 -3.23 5.47 -14.61
CA TRP A 104 -1.86 5.25 -14.22
C TRP A 104 -1.62 5.98 -12.88
N TRP A 105 -1.40 5.19 -11.84
CA TRP A 105 -1.18 5.75 -10.52
C TRP A 105 0.33 5.94 -10.34
N ASN A 106 0.72 7.18 -10.12
CA ASN A 106 2.12 7.51 -9.93
C ASN A 106 2.45 7.47 -8.44
N ALA A 107 1.41 7.50 -7.63
CA ALA A 107 1.58 7.46 -6.19
C ALA A 107 0.24 7.14 -5.53
N ILE A 108 0.32 6.63 -4.32
CA ILE A 108 -0.87 6.28 -3.56
C ILE A 108 -1.52 7.57 -3.01
N LEU A 109 -0.76 8.24 -2.18
CA LEU A 109 -1.24 9.49 -1.57
C LEU A 109 -0.70 10.68 -2.36
N GLU A 110 -1.41 11.79 -2.25
CA GLU A 110 -1.02 13.00 -2.95
C GLU A 110 0.30 13.53 -2.40
N GLY A 111 0.69 12.98 -1.25
CA GLY A 111 1.93 13.39 -0.61
C GLY A 111 2.99 12.29 -0.70
N GLU A 112 3.06 11.69 -1.89
CA GLU A 112 4.02 10.62 -2.12
C GLU A 112 4.73 10.82 -3.47
N GLU A 113 6.05 10.89 -3.39
CA GLU A 113 6.84 11.09 -4.60
C GLU A 113 6.32 10.20 -5.74
N PRO A 114 6.40 10.76 -6.97
CA PRO A 114 5.95 10.03 -8.14
C PRO A 114 6.95 8.93 -8.53
N ILE A 115 6.48 8.03 -9.40
CA ILE A 115 7.31 6.94 -9.85
C ILE A 115 7.76 7.21 -11.29
N ASP A 116 8.51 6.27 -11.83
CA ASP A 116 9.01 6.39 -13.18
C ASP A 116 8.62 5.14 -13.98
N ILE A 117 9.04 3.99 -13.45
CA ILE A 117 8.76 2.73 -14.10
C ILE A 117 8.78 2.91 -15.61
N ASP A 118 7.99 2.10 -16.30
CA ASP A 118 7.92 2.16 -17.75
C ASP A 118 7.13 3.40 -18.17
N SER A 119 7.36 3.82 -19.40
CA SER A 119 6.67 4.98 -19.93
C SER A 119 6.92 6.20 -19.02
N GLY A 120 6.43 7.35 -19.48
CA GLY A 120 6.60 8.57 -18.72
C GLY A 120 7.98 9.19 -18.96
N PRO A 121 8.10 10.50 -18.62
CA PRO A 121 9.36 11.20 -18.79
C PRO A 121 10.37 10.80 -17.71
N SER A 122 11.54 10.38 -18.16
CA SER A 122 12.59 9.96 -17.25
C SER A 122 13.30 11.19 -16.68
N SER A 123 13.32 11.26 -15.36
CA SER A 123 13.97 12.38 -14.69
C SER A 123 14.84 11.86 -13.53
N GLY A 124 15.94 12.56 -13.32
CA GLY A 124 16.87 12.18 -12.27
C GLY A 124 16.61 12.99 -10.99
N GLY A 1 -0.46 -17.95 11.20
CA GLY A 1 0.97 -17.71 11.07
C GLY A 1 1.65 -18.89 10.37
N SER A 2 2.16 -19.80 11.19
CA SER A 2 2.83 -20.98 10.67
C SER A 2 4.12 -20.56 9.94
N SER A 3 5.24 -20.93 10.54
CA SER A 3 6.53 -20.60 9.97
C SER A 3 7.66 -21.14 10.87
N GLY A 4 8.72 -21.58 10.22
CA GLY A 4 9.86 -22.12 10.95
C GLY A 4 11.01 -22.46 9.99
N SER A 5 12.12 -21.76 10.17
CA SER A 5 13.29 -21.97 9.34
C SER A 5 12.90 -21.88 7.86
N SER A 6 12.97 -20.65 7.35
CA SER A 6 12.62 -20.42 5.96
C SER A 6 13.41 -19.22 5.43
N GLY A 7 13.23 -18.09 6.08
CA GLY A 7 13.91 -16.86 5.69
C GLY A 7 13.99 -16.75 4.16
N GLN A 8 12.83 -16.60 3.56
CA GLN A 8 12.75 -16.48 2.11
C GLN A 8 11.40 -15.90 1.70
N LYS A 9 11.44 -14.68 1.18
CA LYS A 9 10.23 -14.00 0.75
C LYS A 9 10.61 -12.81 -0.12
N ASN A 10 11.35 -11.89 0.47
CA ASN A 10 11.77 -10.70 -0.23
C ASN A 10 12.60 -9.81 0.71
N PRO A 11 13.47 -8.97 0.10
CA PRO A 11 14.32 -8.07 0.87
C PRO A 11 13.50 -6.90 1.41
N ASP A 12 12.69 -6.32 0.53
CA ASP A 12 11.86 -5.20 0.91
C ASP A 12 10.81 -4.96 -0.17
N SER A 13 11.28 -4.83 -1.40
CA SER A 13 10.39 -4.61 -2.53
C SER A 13 11.20 -4.58 -3.83
N TYR A 14 10.85 -5.50 -4.72
CA TYR A 14 11.52 -5.58 -6.00
C TYR A 14 10.63 -5.07 -7.13
N ASN A 15 10.68 -3.76 -7.32
CA ASN A 15 9.88 -3.12 -8.35
C ASN A 15 10.23 -1.64 -8.44
N GLY A 16 10.03 -0.95 -7.33
CA GLY A 16 10.33 0.47 -7.26
C GLY A 16 9.38 1.18 -6.28
N ALA A 17 9.73 2.42 -5.96
CA ALA A 17 8.94 3.21 -5.04
C ALA A 17 8.93 2.53 -3.67
N VAL A 18 9.53 3.23 -2.71
CA VAL A 18 9.60 2.71 -1.35
C VAL A 18 9.77 3.87 -0.38
N ARG A 19 9.02 3.79 0.71
CA ARG A 19 9.08 4.83 1.74
C ARG A 19 9.14 4.20 3.13
N GLU A 20 9.54 5.02 4.10
CA GLU A 20 9.66 4.56 5.47
C GLU A 20 8.34 4.81 6.21
N ASN A 21 7.27 4.26 5.67
CA ASN A 21 5.96 4.41 6.27
C ASN A 21 5.05 3.27 5.80
N TYR A 22 4.97 3.12 4.48
CA TYR A 22 4.14 2.08 3.90
C TYR A 22 4.55 1.80 2.46
N THR A 23 4.74 0.53 2.16
CA THR A 23 5.14 0.11 0.83
C THR A 23 3.91 -0.07 -0.06
N TRP A 24 4.13 0.03 -1.36
CA TRP A 24 3.05 -0.11 -2.32
C TRP A 24 3.67 -0.35 -3.70
N SER A 25 2.85 -0.83 -4.62
CA SER A 25 3.31 -1.10 -5.98
C SER A 25 2.14 -0.96 -6.95
N GLN A 26 2.50 -0.76 -8.21
CA GLN A 26 1.49 -0.61 -9.25
C GLN A 26 1.54 -1.80 -10.22
N ASP A 27 0.36 -2.34 -10.49
CA ASP A 27 0.26 -3.48 -11.40
C ASP A 27 -0.49 -3.06 -12.66
N TYR A 28 -0.62 -4.00 -13.58
CA TYR A 28 -1.32 -3.75 -14.82
C TYR A 28 -2.61 -2.97 -14.58
N THR A 29 -3.32 -3.37 -13.53
CA THR A 29 -4.57 -2.73 -13.17
C THR A 29 -4.95 -3.07 -11.74
N ASP A 30 -4.19 -2.52 -10.80
CA ASP A 30 -4.44 -2.76 -9.40
C ASP A 30 -3.22 -2.31 -8.58
N LEU A 31 -3.47 -2.05 -7.30
CA LEU A 31 -2.41 -1.63 -6.41
C LEU A 31 -2.35 -2.56 -5.20
N GLU A 32 -1.20 -2.56 -4.54
CA GLU A 32 -1.01 -3.39 -3.37
C GLU A 32 -0.08 -2.70 -2.37
N VAL A 33 -0.69 -2.18 -1.30
CA VAL A 33 0.07 -1.49 -0.28
C VAL A 33 0.09 -2.35 0.99
N ARG A 34 1.28 -2.77 1.36
CA ARG A 34 1.45 -3.59 2.55
C ARG A 34 2.08 -2.77 3.69
N VAL A 35 1.37 -2.73 4.81
CA VAL A 35 1.84 -1.99 5.96
C VAL A 35 2.39 -2.97 7.01
N PRO A 36 3.59 -2.63 7.53
CA PRO A 36 4.23 -3.46 8.54
C PRO A 36 3.55 -3.30 9.90
N VAL A 37 3.36 -4.43 10.56
CA VAL A 37 2.72 -4.44 11.87
C VAL A 37 3.65 -5.09 12.89
N PRO A 38 3.41 -4.77 14.19
CA PRO A 38 4.22 -5.32 15.26
C PRO A 38 3.86 -6.79 15.52
N LYS A 39 4.57 -7.37 16.48
CA LYS A 39 4.34 -8.77 16.83
C LYS A 39 3.22 -8.85 17.88
N HIS A 40 2.53 -7.72 18.04
CA HIS A 40 1.44 -7.65 18.99
C HIS A 40 0.12 -7.43 18.26
N VAL A 41 0.23 -7.28 16.95
CA VAL A 41 -0.94 -7.07 16.11
C VAL A 41 -1.30 -8.38 15.41
N VAL A 42 -2.42 -8.95 15.84
CA VAL A 42 -2.88 -10.20 15.24
C VAL A 42 -4.35 -10.06 14.88
N LYS A 43 -5.11 -9.42 15.76
CA LYS A 43 -6.53 -9.22 15.53
C LYS A 43 -6.71 -8.07 14.54
N GLY A 44 -7.74 -8.22 13.71
CA GLY A 44 -8.04 -7.20 12.71
C GLY A 44 -8.77 -6.01 13.34
N LYS A 45 -9.03 -6.14 14.63
CA LYS A 45 -9.70 -5.08 15.37
C LYS A 45 -8.67 -4.12 15.96
N GLN A 46 -7.43 -4.60 15.99
CA GLN A 46 -6.34 -3.80 16.54
C GLN A 46 -5.81 -2.84 15.47
N VAL A 47 -6.52 -2.79 14.35
CA VAL A 47 -6.14 -1.92 13.25
C VAL A 47 -7.39 -1.30 12.64
N SER A 48 -7.27 -0.03 12.28
CA SER A 48 -8.38 0.69 11.68
C SER A 48 -8.11 0.89 10.19
N VAL A 49 -9.17 0.73 9.40
CA VAL A 49 -9.08 0.89 7.97
C VAL A 49 -10.31 1.63 7.46
N ALA A 50 -10.07 2.79 6.85
CA ALA A 50 -11.14 3.61 6.31
C ALA A 50 -11.05 3.64 4.79
N LEU A 51 -12.10 3.16 4.15
CA LEU A 51 -12.14 3.13 2.70
C LEU A 51 -13.31 3.98 2.20
N SER A 52 -12.99 4.94 1.35
CA SER A 52 -13.99 5.83 0.81
C SER A 52 -13.88 5.87 -0.72
N SER A 53 -12.72 6.28 -1.18
CA SER A 53 -12.47 6.37 -2.62
C SER A 53 -11.12 7.03 -2.88
N SER A 54 -11.00 8.27 -2.40
CA SER A 54 -9.79 9.02 -2.58
C SER A 54 -9.13 9.28 -1.22
N SER A 55 -9.33 8.33 -0.31
CA SER A 55 -8.77 8.45 1.03
C SER A 55 -8.58 7.05 1.63
N ILE A 56 -7.52 6.92 2.41
CA ILE A 56 -7.21 5.65 3.05
C ILE A 56 -6.65 5.92 4.45
N ARG A 57 -6.88 4.96 5.34
CA ARG A 57 -6.40 5.07 6.70
C ARG A 57 -5.87 3.72 7.20
N VAL A 58 -4.71 3.78 7.84
CA VAL A 58 -4.08 2.58 8.36
C VAL A 58 -3.49 2.88 9.73
N ALA A 59 -4.24 2.52 10.77
CA ALA A 59 -3.81 2.74 12.13
C ALA A 59 -3.79 1.40 12.88
N MET A 60 -2.89 1.32 13.86
CA MET A 60 -2.77 0.12 14.66
C MET A 60 -2.83 0.44 16.15
N LEU A 61 -3.43 -0.49 16.90
CA LEU A 61 -3.55 -0.31 18.33
C LEU A 61 -2.22 -0.64 19.01
N GLU A 62 -1.76 0.28 19.84
CA GLU A 62 -0.51 0.10 20.54
C GLU A 62 -0.77 -0.20 22.02
N GLU A 63 -1.81 -0.97 22.26
CA GLU A 63 -2.18 -1.34 23.62
C GLU A 63 -2.64 -0.11 24.40
N ASN A 64 -1.68 0.73 24.75
CA ASN A 64 -1.97 1.94 25.49
C ASN A 64 -2.82 2.87 24.64
N GLY A 65 -2.59 2.79 23.32
CA GLY A 65 -3.33 3.61 22.39
C GLY A 65 -3.25 3.04 20.97
N GLU A 66 -2.93 3.91 20.02
CA GLU A 66 -2.81 3.50 18.64
C GLU A 66 -1.94 4.50 17.86
N ARG A 67 -1.65 4.14 16.62
CA ARG A 67 -0.84 4.98 15.77
C ARG A 67 -1.25 4.82 14.31
N VAL A 68 -1.21 5.93 13.59
CA VAL A 68 -1.57 5.92 12.18
C VAL A 68 -0.34 5.58 11.34
N LEU A 69 -0.26 4.32 10.95
CA LEU A 69 0.86 3.85 10.15
C LEU A 69 0.86 4.58 8.80
N MET A 70 -0.28 4.51 8.12
CA MET A 70 -0.43 5.16 6.84
C MET A 70 -1.80 5.81 6.70
N GLU A 71 -1.79 7.05 6.23
CA GLU A 71 -3.02 7.79 6.05
C GLU A 71 -2.79 8.98 5.12
N GLY A 72 -3.87 9.37 4.43
CA GLY A 72 -3.80 10.49 3.51
C GLY A 72 -4.81 10.34 2.38
N LYS A 73 -5.13 11.45 1.75
CA LYS A 73 -6.08 11.45 0.65
C LYS A 73 -5.40 10.92 -0.61
N LEU A 74 -5.86 9.76 -1.04
CA LEU A 74 -5.31 9.13 -2.24
C LEU A 74 -5.24 10.17 -3.36
N THR A 75 -4.62 9.76 -4.45
CA THR A 75 -4.48 10.63 -5.61
C THR A 75 -5.69 10.48 -6.53
N HIS A 76 -6.13 9.24 -6.67
CA HIS A 76 -7.27 8.95 -7.52
C HIS A 76 -8.32 8.18 -6.72
N LYS A 77 -9.45 7.93 -7.38
CA LYS A 77 -10.53 7.20 -6.74
C LYS A 77 -10.37 5.71 -6.99
N ILE A 78 -11.12 4.92 -6.24
CA ILE A 78 -11.07 3.48 -6.36
C ILE A 78 -12.48 2.90 -6.24
N ASN A 79 -12.54 1.59 -6.19
CA ASN A 79 -13.82 0.90 -6.07
C ASN A 79 -13.91 0.23 -4.70
N THR A 80 -14.22 1.05 -3.71
CA THR A 80 -14.36 0.56 -2.34
C THR A 80 -15.21 -0.71 -2.31
N GLU A 81 -16.04 -0.85 -3.34
CA GLU A 81 -16.92 -2.01 -3.43
C GLU A 81 -16.11 -3.25 -3.81
N SER A 82 -15.18 -3.05 -4.74
CA SER A 82 -14.35 -4.15 -5.20
C SER A 82 -13.03 -4.16 -4.41
N SER A 83 -12.83 -3.11 -3.64
CA SER A 83 -11.63 -2.98 -2.83
C SER A 83 -11.79 -3.77 -1.53
N LEU A 84 -10.66 -4.26 -1.03
CA LEU A 84 -10.66 -5.03 0.20
C LEU A 84 -9.37 -4.75 0.98
N TRP A 85 -9.26 -5.39 2.13
CA TRP A 85 -8.09 -5.22 2.97
C TRP A 85 -8.08 -6.34 4.00
N SER A 86 -6.93 -7.01 4.09
CA SER A 86 -6.78 -8.11 5.03
C SER A 86 -5.68 -7.78 6.04
N LEU A 87 -5.80 -8.38 7.22
CA LEU A 87 -4.84 -8.16 8.27
C LEU A 87 -4.08 -9.47 8.55
N GLU A 88 -2.78 -9.33 8.75
CA GLU A 88 -1.94 -10.48 9.03
C GLU A 88 -1.27 -10.35 10.40
N PRO A 89 -1.35 -11.45 11.18
CA PRO A 89 -0.76 -11.48 12.51
C PRO A 89 0.76 -11.58 12.45
N GLY A 90 1.43 -10.62 13.08
CA GLY A 90 2.87 -10.59 13.10
C GLY A 90 3.43 -10.60 11.67
N LYS A 91 2.83 -9.76 10.84
CA LYS A 91 3.26 -9.66 9.44
C LYS A 91 3.08 -8.22 8.97
N CYS A 92 2.01 -8.01 8.22
CA CYS A 92 1.71 -6.68 7.70
C CYS A 92 0.25 -6.65 7.27
N VAL A 93 -0.24 -5.45 7.04
CA VAL A 93 -1.63 -5.26 6.62
C VAL A 93 -1.69 -5.26 5.09
N LEU A 94 -2.76 -5.85 4.57
CA LEU A 94 -2.95 -5.91 3.13
C LEU A 94 -4.18 -5.08 2.76
N VAL A 95 -4.01 -4.24 1.75
CA VAL A 95 -5.09 -3.40 1.27
C VAL A 95 -5.13 -3.43 -0.25
N ASN A 96 -6.13 -4.14 -0.77
CA ASN A 96 -6.31 -4.25 -2.20
C ASN A 96 -7.15 -3.08 -2.72
N LEU A 97 -6.61 -2.37 -3.70
CA LEU A 97 -7.30 -1.24 -4.27
C LEU A 97 -7.69 -1.57 -5.72
N SER A 98 -8.99 -1.60 -5.96
CA SER A 98 -9.50 -1.90 -7.28
C SER A 98 -9.71 -0.60 -8.06
N LYS A 99 -8.86 -0.40 -9.06
CA LYS A 99 -8.94 0.80 -9.88
C LYS A 99 -10.35 0.90 -10.48
N VAL A 100 -10.80 2.14 -10.62
CA VAL A 100 -12.12 2.39 -11.17
C VAL A 100 -12.01 2.57 -12.69
N GLY A 101 -11.20 1.71 -13.30
CA GLY A 101 -11.00 1.77 -14.73
C GLY A 101 -9.51 1.81 -15.07
N GLU A 102 -9.24 1.89 -16.37
CA GLU A 102 -7.86 1.93 -16.83
C GLU A 102 -7.22 3.27 -16.48
N TYR A 103 -6.52 3.28 -15.35
CA TYR A 103 -5.86 4.48 -14.88
C TYR A 103 -4.39 4.21 -14.57
N TRP A 104 -3.59 5.27 -14.63
CA TRP A 104 -2.18 5.16 -14.34
C TRP A 104 -1.91 5.81 -12.99
N TRP A 105 -1.53 4.99 -12.03
CA TRP A 105 -1.25 5.47 -10.70
C TRP A 105 0.26 5.70 -10.58
N ASN A 106 0.62 6.90 -10.16
CA ASN A 106 2.03 7.26 -10.01
C ASN A 106 2.37 7.32 -8.52
N ALA A 107 1.33 7.26 -7.71
CA ALA A 107 1.51 7.31 -6.26
C ALA A 107 0.19 7.01 -5.57
N ILE A 108 0.27 6.69 -4.29
CA ILE A 108 -0.90 6.37 -3.51
C ILE A 108 -1.49 7.66 -2.92
N LEU A 109 -0.67 8.33 -2.13
CA LEU A 109 -1.08 9.58 -1.50
C LEU A 109 -0.50 10.76 -2.28
N GLU A 110 -1.01 11.94 -1.97
CA GLU A 110 -0.55 13.15 -2.64
C GLU A 110 0.84 13.54 -2.12
N GLY A 111 1.56 14.26 -2.96
CA GLY A 111 2.91 14.70 -2.61
C GLY A 111 3.95 13.62 -2.92
N GLU A 112 3.64 12.41 -2.47
CA GLU A 112 4.53 11.28 -2.70
C GLU A 112 5.11 11.35 -4.11
N GLU A 113 6.43 11.55 -4.15
CA GLU A 113 7.13 11.63 -5.42
C GLU A 113 6.56 10.60 -6.42
N PRO A 114 6.60 11.00 -7.72
CA PRO A 114 6.08 10.13 -8.77
C PRO A 114 7.05 8.98 -9.05
N ILE A 115 6.51 7.93 -9.67
CA ILE A 115 7.32 6.77 -10.00
C ILE A 115 7.78 6.87 -11.45
N ASP A 116 8.70 5.98 -11.81
CA ASP A 116 9.24 5.96 -13.16
C ASP A 116 9.93 4.62 -13.40
N ILE A 117 9.37 3.86 -14.32
CA ILE A 117 9.93 2.56 -14.66
C ILE A 117 11.01 2.73 -15.72
N ASP A 118 12.21 2.29 -15.38
CA ASP A 118 13.34 2.38 -16.28
C ASP A 118 13.57 1.02 -16.95
N SER A 119 14.22 1.07 -18.11
CA SER A 119 14.52 -0.14 -18.85
C SER A 119 15.88 -0.70 -18.43
N GLY A 120 16.91 0.11 -18.65
CA GLY A 120 18.26 -0.28 -18.31
C GLY A 120 18.57 0.03 -16.84
N PRO A 121 19.56 -0.71 -16.28
CA PRO A 121 19.96 -0.51 -14.90
C PRO A 121 20.77 0.77 -14.74
N SER A 122 20.19 1.71 -13.99
CA SER A 122 20.84 2.98 -13.75
C SER A 122 20.99 3.22 -12.25
N SER A 123 21.96 4.05 -11.91
CA SER A 123 22.21 4.36 -10.51
C SER A 123 23.41 5.32 -10.40
N GLY A 124 23.09 6.60 -10.28
CA GLY A 124 24.13 7.62 -10.17
C GLY A 124 23.82 8.57 -9.01
N GLY A 1 3.86 -31.36 -12.73
CA GLY A 1 3.02 -30.21 -12.43
C GLY A 1 3.87 -29.03 -11.94
N SER A 2 4.04 -28.06 -12.83
CA SER A 2 4.83 -26.88 -12.49
C SER A 2 4.37 -25.69 -13.36
N SER A 3 3.67 -24.77 -12.72
CA SER A 3 3.17 -23.60 -13.41
C SER A 3 3.55 -22.33 -12.63
N GLY A 4 4.47 -21.58 -13.21
CA GLY A 4 4.93 -20.35 -12.58
C GLY A 4 5.33 -19.32 -13.63
N SER A 5 5.62 -18.11 -13.16
CA SER A 5 6.02 -17.03 -14.04
C SER A 5 7.53 -17.05 -14.25
N SER A 6 7.94 -16.72 -15.47
CA SER A 6 9.35 -16.70 -15.80
C SER A 6 9.93 -15.31 -15.55
N GLY A 7 10.66 -15.20 -14.46
CA GLY A 7 11.28 -13.93 -14.10
C GLY A 7 12.01 -14.04 -12.76
N GLN A 8 11.38 -13.50 -11.73
CA GLN A 8 11.96 -13.53 -10.40
C GLN A 8 13.40 -13.02 -10.43
N LYS A 9 13.53 -11.71 -10.24
CA LYS A 9 14.84 -11.08 -10.25
C LYS A 9 14.83 -9.89 -9.29
N ASN A 10 14.04 -8.89 -9.66
CA ASN A 10 13.93 -7.68 -8.84
C ASN A 10 12.57 -7.66 -8.15
N PRO A 11 12.59 -7.25 -6.85
CA PRO A 11 11.37 -7.18 -6.07
C PRO A 11 10.51 -5.97 -6.48
N ASP A 12 9.37 -5.86 -5.83
CA ASP A 12 8.46 -4.76 -6.11
C ASP A 12 8.78 -3.59 -5.19
N SER A 13 9.83 -2.86 -5.55
CA SER A 13 10.26 -1.71 -4.76
C SER A 13 11.51 -1.09 -5.38
N TYR A 14 11.33 0.10 -5.92
CA TYR A 14 12.43 0.82 -6.54
C TYR A 14 12.82 2.05 -5.72
N ASN A 15 13.74 2.83 -6.27
CA ASN A 15 14.20 4.03 -5.62
C ASN A 15 13.09 5.08 -5.62
N GLY A 16 13.15 5.98 -4.66
CA GLY A 16 12.16 7.04 -4.55
C GLY A 16 10.81 6.47 -4.11
N ALA A 17 10.25 5.64 -4.97
CA ALA A 17 8.96 5.03 -4.68
C ALA A 17 9.04 4.27 -3.36
N VAL A 18 7.92 3.67 -2.98
CA VAL A 18 7.85 2.92 -1.74
C VAL A 18 8.48 3.74 -0.61
N ARG A 19 8.54 3.13 0.56
CA ARG A 19 9.11 3.79 1.72
C ARG A 19 8.99 2.90 2.96
N GLU A 20 9.33 3.47 4.10
CA GLU A 20 9.28 2.73 5.35
C GLU A 20 7.86 2.76 5.92
N ASN A 21 7.25 3.94 5.83
CA ASN A 21 5.90 4.11 6.33
C ASN A 21 5.01 2.97 5.82
N TYR A 22 4.88 2.91 4.50
CA TYR A 22 4.08 1.88 3.87
C TYR A 22 4.51 1.66 2.42
N THR A 23 4.61 0.39 2.07
CA THR A 23 5.02 0.01 0.72
C THR A 23 3.80 -0.04 -0.21
N TRP A 24 4.07 0.07 -1.49
CA TRP A 24 3.01 0.03 -2.50
C TRP A 24 3.65 -0.26 -3.85
N SER A 25 2.81 -0.70 -4.78
CA SER A 25 3.28 -1.03 -6.11
C SER A 25 2.14 -0.85 -7.12
N GLN A 26 2.49 -1.03 -8.39
CA GLN A 26 1.50 -0.90 -9.45
C GLN A 26 1.78 -1.92 -10.56
N ASP A 27 0.91 -2.92 -10.63
CA ASP A 27 1.05 -3.96 -11.63
C ASP A 27 -0.31 -4.21 -12.30
N TYR A 28 -0.25 -4.47 -13.59
CA TYR A 28 -1.47 -4.73 -14.35
C TYR A 28 -2.40 -3.51 -14.32
N THR A 29 -3.10 -3.38 -13.20
CA THR A 29 -4.02 -2.28 -13.02
C THR A 29 -4.62 -2.30 -11.62
N ASP A 30 -3.74 -2.33 -10.63
CA ASP A 30 -4.17 -2.35 -9.24
C ASP A 30 -3.09 -1.72 -8.37
N LEU A 31 -3.41 -1.58 -7.09
CA LEU A 31 -2.48 -0.98 -6.14
C LEU A 31 -2.40 -1.87 -4.90
N GLU A 32 -1.22 -2.42 -4.68
CA GLU A 32 -1.00 -3.29 -3.53
C GLU A 32 -0.08 -2.59 -2.52
N VAL A 33 -0.71 -2.07 -1.47
CA VAL A 33 0.04 -1.39 -0.43
C VAL A 33 0.04 -2.24 0.84
N ARG A 34 1.23 -2.66 1.23
CA ARG A 34 1.39 -3.49 2.41
C ARG A 34 2.00 -2.68 3.56
N VAL A 35 1.37 -2.77 4.71
CA VAL A 35 1.84 -2.05 5.88
C VAL A 35 2.34 -3.05 6.93
N PRO A 36 3.56 -2.76 7.45
CA PRO A 36 4.16 -3.63 8.46
C PRO A 36 3.49 -3.43 9.82
N VAL A 37 3.35 -4.54 10.53
CA VAL A 37 2.72 -4.51 11.84
C VAL A 37 3.64 -5.20 12.86
N PRO A 38 3.42 -4.85 14.16
CA PRO A 38 4.22 -5.42 15.22
C PRO A 38 3.82 -6.87 15.50
N LYS A 39 4.54 -7.49 16.43
CA LYS A 39 4.27 -8.86 16.80
C LYS A 39 3.18 -8.90 17.88
N HIS A 40 2.54 -7.75 18.06
CA HIS A 40 1.48 -7.64 19.06
C HIS A 40 0.15 -7.39 18.35
N VAL A 41 0.22 -7.26 17.03
CA VAL A 41 -0.97 -7.02 16.24
C VAL A 41 -1.37 -8.31 15.53
N VAL A 42 -2.49 -8.87 15.99
CA VAL A 42 -3.00 -10.10 15.41
C VAL A 42 -4.48 -9.92 15.06
N LYS A 43 -5.19 -9.26 15.96
CA LYS A 43 -6.61 -9.01 15.75
C LYS A 43 -6.78 -7.84 14.79
N GLY A 44 -7.85 -7.91 14.00
CA GLY A 44 -8.15 -6.87 13.04
C GLY A 44 -8.74 -5.64 13.72
N LYS A 45 -9.18 -5.84 14.96
CA LYS A 45 -9.77 -4.76 15.74
C LYS A 45 -8.66 -3.88 16.29
N GLN A 46 -7.44 -4.39 16.21
CA GLN A 46 -6.28 -3.66 16.70
C GLN A 46 -5.83 -2.63 15.66
N VAL A 47 -6.32 -2.81 14.44
CA VAL A 47 -5.97 -1.92 13.35
C VAL A 47 -7.26 -1.34 12.74
N SER A 48 -7.18 -0.07 12.35
CA SER A 48 -8.32 0.59 11.76
C SER A 48 -8.11 0.74 10.25
N VAL A 49 -9.18 0.49 9.51
CA VAL A 49 -9.13 0.59 8.06
C VAL A 49 -10.35 1.35 7.56
N ALA A 50 -10.12 2.61 7.19
CA ALA A 50 -11.19 3.46 6.70
C ALA A 50 -11.01 3.67 5.19
N LEU A 51 -11.94 3.11 4.43
CA LEU A 51 -11.90 3.23 2.99
C LEU A 51 -13.08 4.10 2.52
N SER A 52 -12.77 4.99 1.59
CA SER A 52 -13.78 5.89 1.05
C SER A 52 -13.79 5.81 -0.47
N SER A 53 -12.73 6.35 -1.06
CA SER A 53 -12.60 6.35 -2.51
C SER A 53 -11.30 7.04 -2.92
N SER A 54 -11.07 8.21 -2.34
CA SER A 54 -9.88 8.97 -2.63
C SER A 54 -9.06 9.19 -1.36
N SER A 55 -9.15 8.21 -0.47
CA SER A 55 -8.44 8.27 0.79
C SER A 55 -8.35 6.88 1.42
N ILE A 56 -7.60 6.81 2.52
CA ILE A 56 -7.43 5.55 3.21
C ILE A 56 -6.85 5.81 4.60
N ARG A 57 -7.07 4.87 5.50
CA ARG A 57 -6.59 5.00 6.87
C ARG A 57 -6.05 3.65 7.35
N VAL A 58 -4.84 3.70 7.91
CA VAL A 58 -4.20 2.50 8.42
C VAL A 58 -3.56 2.81 9.77
N ALA A 59 -4.28 2.47 10.83
CA ALA A 59 -3.79 2.70 12.17
C ALA A 59 -3.72 1.38 12.93
N MET A 60 -2.92 1.37 13.98
CA MET A 60 -2.75 0.17 14.78
C MET A 60 -2.71 0.52 16.27
N LEU A 61 -3.28 -0.38 17.07
CA LEU A 61 -3.32 -0.18 18.51
C LEU A 61 -1.94 -0.51 19.09
N GLU A 62 -1.47 0.39 19.95
CA GLU A 62 -0.17 0.21 20.57
C GLU A 62 -0.35 -0.37 21.98
N GLU A 63 -0.92 0.42 22.86
CA GLU A 63 -1.14 0.00 24.23
C GLU A 63 -2.13 0.94 24.93
N ASN A 64 -1.66 2.16 25.16
CA ASN A 64 -2.49 3.15 25.83
C ASN A 64 -3.26 3.95 24.76
N GLY A 65 -2.91 3.70 23.51
CA GLY A 65 -3.55 4.38 22.40
C GLY A 65 -3.34 3.63 21.09
N GLU A 66 -3.02 4.38 20.05
CA GLU A 66 -2.78 3.79 18.74
C GLU A 66 -1.93 4.73 17.89
N ARG A 67 -1.69 4.30 16.65
CA ARG A 67 -0.89 5.09 15.74
C ARG A 67 -1.36 4.88 14.30
N VAL A 68 -1.32 5.95 13.52
CA VAL A 68 -1.74 5.90 12.14
C VAL A 68 -0.54 5.58 11.26
N LEU A 69 -0.42 4.30 10.92
CA LEU A 69 0.68 3.85 10.09
C LEU A 69 0.66 4.62 8.77
N MET A 70 -0.44 4.47 8.05
CA MET A 70 -0.61 5.15 6.77
C MET A 70 -1.97 5.85 6.69
N GLU A 71 -1.96 7.00 6.03
CA GLU A 71 -3.19 7.76 5.86
C GLU A 71 -2.93 8.98 4.97
N GLY A 72 -3.96 9.37 4.24
CA GLY A 72 -3.87 10.51 3.34
C GLY A 72 -4.79 10.34 2.14
N LYS A 73 -5.19 11.47 1.58
CA LYS A 73 -6.08 11.47 0.42
C LYS A 73 -5.32 10.92 -0.79
N LEU A 74 -5.89 9.89 -1.39
CA LEU A 74 -5.28 9.26 -2.56
C LEU A 74 -5.26 10.27 -3.71
N THR A 75 -4.62 9.86 -4.80
CA THR A 75 -4.51 10.71 -5.97
C THR A 75 -5.78 10.60 -6.82
N HIS A 76 -6.34 9.40 -6.85
CA HIS A 76 -7.54 9.16 -7.63
C HIS A 76 -8.55 8.38 -6.77
N LYS A 77 -9.72 8.17 -7.35
CA LYS A 77 -10.78 7.45 -6.65
C LYS A 77 -10.60 5.95 -6.89
N ILE A 78 -11.21 5.16 -6.00
CA ILE A 78 -11.14 3.72 -6.10
C ILE A 78 -12.53 3.12 -5.84
N ASN A 79 -12.60 1.81 -5.97
CA ASN A 79 -13.85 1.10 -5.76
C ASN A 79 -13.82 0.40 -4.41
N THR A 80 -14.11 1.17 -3.36
CA THR A 80 -14.12 0.64 -2.01
C THR A 80 -14.87 -0.70 -1.97
N GLU A 81 -15.82 -0.83 -2.88
CA GLU A 81 -16.62 -2.04 -2.96
C GLU A 81 -15.78 -3.20 -3.48
N SER A 82 -15.11 -2.96 -4.59
CA SER A 82 -14.26 -3.97 -5.20
C SER A 82 -12.96 -4.11 -4.41
N SER A 83 -12.66 -3.07 -3.65
CA SER A 83 -11.45 -3.06 -2.84
C SER A 83 -11.66 -3.91 -1.58
N LEU A 84 -10.54 -4.30 -0.98
CA LEU A 84 -10.59 -5.10 0.23
C LEU A 84 -9.35 -4.81 1.08
N TRP A 85 -9.28 -5.47 2.22
CA TRP A 85 -8.15 -5.30 3.13
C TRP A 85 -8.17 -6.46 4.12
N SER A 86 -7.00 -7.07 4.28
CA SER A 86 -6.86 -8.19 5.20
C SER A 86 -5.70 -7.94 6.16
N LEU A 87 -5.96 -8.22 7.43
CA LEU A 87 -4.94 -8.02 8.45
C LEU A 87 -4.24 -9.35 8.73
N GLU A 88 -2.94 -9.27 8.93
CA GLU A 88 -2.14 -10.46 9.20
C GLU A 88 -1.46 -10.33 10.56
N PRO A 89 -1.56 -11.44 11.36
CA PRO A 89 -0.95 -11.46 12.68
C PRO A 89 0.57 -11.62 12.59
N GLY A 90 1.27 -10.68 13.20
CA GLY A 90 2.72 -10.70 13.19
C GLY A 90 3.26 -10.75 11.76
N LYS A 91 2.71 -9.88 10.92
CA LYS A 91 3.13 -9.80 9.54
C LYS A 91 2.96 -8.37 9.05
N CYS A 92 1.88 -8.14 8.30
CA CYS A 92 1.62 -6.82 7.77
C CYS A 92 0.14 -6.75 7.37
N VAL A 93 -0.29 -5.56 6.99
CA VAL A 93 -1.67 -5.35 6.58
C VAL A 93 -1.76 -5.33 5.06
N LEU A 94 -2.76 -6.02 4.54
CA LEU A 94 -2.96 -6.09 3.10
C LEU A 94 -4.14 -5.20 2.71
N VAL A 95 -3.94 -4.39 1.70
CA VAL A 95 -4.97 -3.49 1.22
C VAL A 95 -4.99 -3.51 -0.32
N ASN A 96 -6.13 -3.92 -0.85
CA ASN A 96 -6.30 -3.99 -2.29
C ASN A 96 -7.13 -2.79 -2.77
N LEU A 97 -6.64 -2.15 -3.81
CA LEU A 97 -7.32 -0.99 -4.36
C LEU A 97 -7.67 -1.26 -5.82
N SER A 98 -8.97 -1.26 -6.10
CA SER A 98 -9.45 -1.50 -7.45
C SER A 98 -9.75 -0.18 -8.15
N LYS A 99 -8.90 0.14 -9.12
CA LYS A 99 -9.06 1.37 -9.87
C LYS A 99 -10.46 1.42 -10.47
N VAL A 100 -11.04 2.62 -10.47
CA VAL A 100 -12.38 2.82 -11.00
C VAL A 100 -12.27 3.22 -12.47
N GLY A 101 -11.38 2.54 -13.18
CA GLY A 101 -11.17 2.82 -14.58
C GLY A 101 -9.68 2.82 -14.94
N GLU A 102 -9.41 2.96 -16.22
CA GLU A 102 -8.03 2.98 -16.70
C GLU A 102 -7.34 4.27 -16.25
N TYR A 103 -6.65 4.16 -15.12
CA TYR A 103 -5.93 5.29 -14.57
C TYR A 103 -4.48 4.92 -14.25
N TRP A 104 -3.63 5.95 -14.23
CA TRP A 104 -2.23 5.75 -13.94
C TRP A 104 -1.93 6.40 -12.58
N TRP A 105 -2.02 5.58 -11.54
CA TRP A 105 -1.76 6.05 -10.20
C TRP A 105 -0.25 6.25 -10.05
N ASN A 106 0.20 7.43 -10.47
CA ASN A 106 1.61 7.76 -10.39
C ASN A 106 2.07 7.68 -8.93
N ALA A 107 1.10 7.69 -8.03
CA ALA A 107 1.38 7.62 -6.61
C ALA A 107 0.10 7.27 -5.85
N ILE A 108 0.28 6.79 -4.63
CA ILE A 108 -0.84 6.42 -3.79
C ILE A 108 -1.52 7.67 -3.27
N LEU A 109 -0.76 8.47 -2.53
CA LEU A 109 -1.28 9.69 -1.96
C LEU A 109 -0.76 10.89 -2.78
N GLU A 110 -1.24 12.06 -2.41
CA GLU A 110 -0.83 13.28 -3.10
C GLU A 110 0.56 13.72 -2.62
N GLY A 111 1.15 14.62 -3.38
CA GLY A 111 2.47 15.12 -3.05
C GLY A 111 3.56 14.13 -3.48
N GLU A 112 3.42 12.91 -3.00
CA GLU A 112 4.37 11.86 -3.33
C GLU A 112 4.80 11.96 -4.79
N GLU A 113 6.08 12.27 -4.98
CA GLU A 113 6.62 12.40 -6.32
C GLU A 113 6.02 11.33 -7.25
N PRO A 114 5.69 11.76 -8.49
CA PRO A 114 5.12 10.86 -9.46
C PRO A 114 6.18 9.92 -10.04
N ILE A 115 5.93 8.64 -9.90
CA ILE A 115 6.87 7.63 -10.40
C ILE A 115 7.31 8.02 -11.82
N ASP A 116 8.35 7.34 -12.28
CA ASP A 116 8.89 7.60 -13.61
C ASP A 116 8.19 6.69 -14.62
N ILE A 117 6.99 7.08 -14.99
CA ILE A 117 6.20 6.30 -15.95
C ILE A 117 7.14 5.78 -17.05
N ASP A 118 7.25 4.46 -17.10
CA ASP A 118 8.10 3.82 -18.09
C ASP A 118 7.39 2.59 -18.64
N SER A 119 6.85 1.80 -17.73
CA SER A 119 6.14 0.59 -18.12
C SER A 119 7.07 -0.34 -18.91
N GLY A 120 7.36 -1.49 -18.32
CA GLY A 120 8.23 -2.46 -18.95
C GLY A 120 7.45 -3.72 -19.33
N PRO A 121 8.16 -4.88 -19.25
CA PRO A 121 7.55 -6.15 -19.59
C PRO A 121 6.59 -6.61 -18.49
N SER A 122 5.34 -6.81 -18.89
CA SER A 122 4.31 -7.25 -17.95
C SER A 122 4.38 -8.77 -17.78
N SER A 123 3.77 -9.24 -16.71
CA SER A 123 3.74 -10.67 -16.43
C SER A 123 5.13 -11.28 -16.67
N GLY A 124 5.99 -11.10 -15.68
CA GLY A 124 7.34 -11.63 -15.77
C GLY A 124 8.37 -10.55 -15.44
N GLY A 1 13.01 -10.34 -21.26
CA GLY A 1 13.33 -11.32 -20.24
C GLY A 1 14.63 -12.06 -20.58
N SER A 2 15.70 -11.28 -20.69
CA SER A 2 17.01 -11.85 -21.00
C SER A 2 17.46 -12.79 -19.89
N SER A 3 17.54 -12.22 -18.69
CA SER A 3 17.97 -12.99 -17.52
C SER A 3 19.33 -13.63 -17.78
N GLY A 4 20.35 -13.03 -17.20
CA GLY A 4 21.70 -13.54 -17.36
C GLY A 4 22.55 -13.22 -16.13
N SER A 5 23.21 -12.06 -16.17
CA SER A 5 24.05 -11.63 -15.08
C SER A 5 23.20 -10.98 -13.98
N SER A 6 23.82 -10.82 -12.83
CA SER A 6 23.13 -10.21 -11.69
C SER A 6 21.95 -11.11 -11.27
N GLY A 7 21.60 -10.99 -10.00
CA GLY A 7 20.50 -11.77 -9.45
C GLY A 7 20.99 -12.74 -8.38
N GLN A 8 20.84 -12.31 -7.14
CA GLN A 8 21.26 -13.13 -6.01
C GLN A 8 20.40 -12.83 -4.78
N LYS A 9 20.43 -11.57 -4.37
CA LYS A 9 19.66 -11.15 -3.21
C LYS A 9 18.73 -10.00 -3.62
N ASN A 10 17.78 -9.71 -2.76
CA ASN A 10 16.82 -8.65 -3.00
C ASN A 10 16.41 -8.00 -1.68
N PRO A 11 16.16 -6.67 -1.74
CA PRO A 11 15.76 -5.93 -0.56
C PRO A 11 14.30 -6.23 -0.19
N ASP A 12 13.84 -5.56 0.85
CA ASP A 12 12.47 -5.73 1.31
C ASP A 12 11.57 -4.74 0.59
N SER A 13 10.47 -5.26 0.05
CA SER A 13 9.52 -4.43 -0.66
C SER A 13 10.23 -3.62 -1.73
N TYR A 14 10.13 -4.10 -2.96
CA TYR A 14 10.76 -3.43 -4.09
C TYR A 14 9.95 -3.64 -5.37
N ASN A 15 9.70 -2.53 -6.05
CA ASN A 15 8.94 -2.58 -7.30
C ASN A 15 8.78 -1.16 -7.85
N GLY A 16 8.33 -0.28 -6.97
CA GLY A 16 8.13 1.11 -7.35
C GLY A 16 8.88 2.06 -6.41
N ALA A 17 8.13 2.63 -5.48
CA ALA A 17 8.70 3.55 -4.51
C ALA A 17 8.29 3.13 -3.10
N VAL A 18 9.29 2.83 -2.29
CA VAL A 18 9.04 2.41 -0.92
C VAL A 18 9.37 3.57 0.03
N ARG A 19 9.02 3.37 1.29
CA ARG A 19 9.26 4.39 2.30
C ARG A 19 9.07 3.80 3.70
N GLU A 20 9.58 4.54 4.68
CA GLU A 20 9.47 4.10 6.06
C GLU A 20 8.09 4.44 6.63
N ASN A 21 7.08 3.82 6.03
CA ASN A 21 5.71 4.05 6.46
C ASN A 21 4.83 2.93 5.93
N TYR A 22 4.76 2.84 4.61
CA TYR A 22 3.96 1.82 3.96
C TYR A 22 4.42 1.59 2.52
N THR A 23 4.63 0.32 2.19
CA THR A 23 5.07 -0.04 0.86
C THR A 23 3.87 -0.22 -0.07
N TRP A 24 4.14 -0.10 -1.37
CA TRP A 24 3.10 -0.24 -2.36
C TRP A 24 3.76 -0.46 -3.72
N SER A 25 2.96 -0.90 -4.68
CA SER A 25 3.46 -1.14 -6.02
C SER A 25 2.36 -0.88 -7.05
N GLN A 26 2.78 -0.59 -8.27
CA GLN A 26 1.85 -0.32 -9.34
C GLN A 26 1.83 -1.47 -10.34
N ASP A 27 0.63 -1.97 -10.61
CA ASP A 27 0.47 -3.07 -11.54
C ASP A 27 -0.31 -2.59 -12.76
N TYR A 28 -0.36 -3.45 -13.78
CA TYR A 28 -1.07 -3.12 -15.00
C TYR A 28 -2.36 -2.36 -14.70
N THR A 29 -2.97 -2.72 -13.57
CA THR A 29 -4.20 -2.08 -13.15
C THR A 29 -4.59 -2.52 -11.74
N ASP A 30 -3.86 -2.01 -10.77
CA ASP A 30 -4.11 -2.35 -9.38
C ASP A 30 -2.99 -1.78 -8.51
N LEU A 31 -3.31 -1.54 -7.25
CA LEU A 31 -2.35 -1.00 -6.31
C LEU A 31 -2.34 -1.86 -5.05
N GLU A 32 -1.21 -2.51 -4.82
CA GLU A 32 -1.07 -3.37 -3.66
C GLU A 32 -0.15 -2.72 -2.63
N VAL A 33 -0.75 -2.25 -1.55
CA VAL A 33 0.00 -1.60 -0.48
C VAL A 33 -0.03 -2.48 0.76
N ARG A 34 1.14 -2.63 1.37
CA ARG A 34 1.26 -3.44 2.57
C ARG A 34 1.85 -2.61 3.71
N VAL A 35 1.20 -2.69 4.86
CA VAL A 35 1.65 -1.95 6.03
C VAL A 35 2.18 -2.93 7.07
N PRO A 36 3.41 -2.62 7.58
CA PRO A 36 4.04 -3.47 8.58
C PRO A 36 3.38 -3.29 9.95
N VAL A 37 3.18 -4.41 10.64
CA VAL A 37 2.57 -4.38 11.95
C VAL A 37 3.53 -4.99 12.97
N PRO A 38 3.29 -4.65 14.27
CA PRO A 38 4.12 -5.16 15.35
C PRO A 38 3.81 -6.63 15.63
N LYS A 39 4.51 -7.17 16.62
CA LYS A 39 4.32 -8.55 17.01
C LYS A 39 3.21 -8.63 18.06
N HIS A 40 2.53 -7.50 18.24
CA HIS A 40 1.46 -7.44 19.22
C HIS A 40 0.11 -7.36 18.49
N VAL A 41 0.19 -7.26 17.17
CA VAL A 41 -1.00 -7.17 16.35
C VAL A 41 -1.28 -8.54 15.73
N VAL A 42 -2.20 -9.26 16.34
CA VAL A 42 -2.57 -10.58 15.85
C VAL A 42 -4.08 -10.79 16.04
N LYS A 43 -4.77 -9.68 16.24
CA LYS A 43 -6.22 -9.72 16.43
C LYS A 43 -6.90 -9.18 15.18
N GLY A 44 -7.09 -7.87 15.16
CA GLY A 44 -7.73 -7.21 14.04
C GLY A 44 -8.39 -5.90 14.46
N LYS A 45 -8.88 -5.89 15.68
CA LYS A 45 -9.53 -4.72 16.22
C LYS A 45 -8.47 -3.69 16.63
N GLN A 46 -7.23 -4.15 16.64
CA GLN A 46 -6.12 -3.29 17.00
C GLN A 46 -5.77 -2.35 15.84
N VAL A 47 -6.09 -2.81 14.64
CA VAL A 47 -5.81 -2.03 13.45
C VAL A 47 -7.14 -1.54 12.85
N SER A 48 -7.12 -0.31 12.36
CA SER A 48 -8.29 0.29 11.77
C SER A 48 -8.08 0.49 10.26
N VAL A 49 -9.18 0.50 9.54
CA VAL A 49 -9.14 0.68 8.10
C VAL A 49 -10.30 1.57 7.66
N ALA A 50 -9.97 2.57 6.85
CA ALA A 50 -10.98 3.50 6.35
C ALA A 50 -10.89 3.57 4.83
N LEU A 51 -11.90 3.03 4.18
CA LEU A 51 -11.95 3.03 2.72
C LEU A 51 -13.11 3.90 2.25
N SER A 52 -12.78 4.89 1.44
CA SER A 52 -13.79 5.80 0.91
C SER A 52 -13.82 5.71 -0.61
N SER A 53 -12.73 6.15 -1.23
CA SER A 53 -12.62 6.12 -2.68
C SER A 53 -11.32 6.80 -3.12
N SER A 54 -11.16 8.03 -2.66
CA SER A 54 -9.97 8.80 -3.00
C SER A 54 -9.14 9.08 -1.74
N SER A 55 -9.30 8.20 -0.76
CA SER A 55 -8.59 8.34 0.49
C SER A 55 -8.44 6.97 1.16
N ILE A 56 -7.70 6.96 2.27
CA ILE A 56 -7.49 5.73 3.01
C ILE A 56 -6.95 6.08 4.40
N ARG A 57 -7.17 5.15 5.32
CA ARG A 57 -6.72 5.34 6.70
C ARG A 57 -6.24 4.01 7.29
N VAL A 58 -5.07 4.05 7.90
CA VAL A 58 -4.51 2.87 8.51
C VAL A 58 -3.89 3.24 9.86
N ALA A 59 -4.24 2.45 10.87
CA ALA A 59 -3.74 2.68 12.22
C ALA A 59 -3.67 1.36 12.97
N MET A 60 -2.93 1.37 14.06
CA MET A 60 -2.77 0.18 14.88
C MET A 60 -2.63 0.54 16.35
N LEU A 61 -3.28 -0.25 17.20
CA LEU A 61 -3.23 -0.03 18.63
C LEU A 61 -1.86 -0.44 19.16
N GLU A 62 -1.25 0.47 19.91
CA GLU A 62 0.06 0.21 20.48
C GLU A 62 -0.08 -0.31 21.92
N GLU A 63 -0.54 0.57 22.79
CA GLU A 63 -0.72 0.22 24.19
C GLU A 63 -1.63 1.23 24.87
N ASN A 64 -1.08 2.42 25.10
CA ASN A 64 -1.83 3.48 25.75
C ASN A 64 -2.62 4.26 24.69
N GLY A 65 -2.33 3.94 23.44
CA GLY A 65 -3.01 4.60 22.33
C GLY A 65 -2.86 3.80 21.05
N GLU A 66 -2.56 4.52 19.97
CA GLU A 66 -2.39 3.88 18.68
C GLU A 66 -1.47 4.73 17.78
N ARG A 67 -1.36 4.31 16.54
CA ARG A 67 -0.53 5.02 15.57
C ARG A 67 -1.05 4.80 14.16
N VAL A 68 -1.03 5.88 13.38
CA VAL A 68 -1.50 5.82 12.01
C VAL A 68 -0.33 5.44 11.09
N LEU A 69 -0.26 4.14 10.79
CA LEU A 69 0.80 3.64 9.93
C LEU A 69 0.73 4.34 8.56
N MET A 70 -0.47 4.35 8.00
CA MET A 70 -0.68 4.98 6.70
C MET A 70 -2.02 5.72 6.67
N GLU A 71 -2.01 6.85 5.98
CA GLU A 71 -3.21 7.67 5.86
C GLU A 71 -2.95 8.85 4.94
N GLY A 72 -4.03 9.32 4.31
CA GLY A 72 -3.93 10.44 3.40
C GLY A 72 -4.83 10.22 2.17
N LYS A 73 -5.18 11.33 1.53
CA LYS A 73 -6.02 11.27 0.36
C LYS A 73 -5.24 10.63 -0.80
N LEU A 74 -5.94 9.78 -1.54
CA LEU A 74 -5.32 9.09 -2.67
C LEU A 74 -5.24 10.05 -3.86
N THR A 75 -4.62 9.57 -4.93
CA THR A 75 -4.48 10.36 -6.13
C THR A 75 -5.74 10.26 -7.00
N HIS A 76 -6.37 9.10 -6.94
CA HIS A 76 -7.58 8.86 -7.71
C HIS A 76 -8.60 8.11 -6.84
N LYS A 77 -9.69 7.71 -7.47
CA LYS A 77 -10.74 6.98 -6.77
C LYS A 77 -10.47 5.48 -6.87
N ILE A 78 -11.22 4.73 -6.09
CA ILE A 78 -11.07 3.27 -6.08
C ILE A 78 -12.43 2.64 -5.78
N ASN A 79 -12.53 1.37 -6.15
CA ASN A 79 -13.76 0.62 -5.93
C ASN A 79 -13.75 0.03 -4.52
N THR A 80 -14.16 0.85 -3.56
CA THR A 80 -14.20 0.42 -2.18
C THR A 80 -14.96 -0.90 -2.05
N GLU A 81 -15.78 -1.16 -3.05
CA GLU A 81 -16.58 -2.38 -3.07
C GLU A 81 -15.71 -3.58 -3.43
N SER A 82 -14.83 -3.36 -4.41
CA SER A 82 -13.94 -4.42 -4.85
C SER A 82 -12.63 -4.37 -4.05
N SER A 83 -12.47 -3.29 -3.30
CA SER A 83 -11.29 -3.11 -2.49
C SER A 83 -11.49 -3.74 -1.11
N LEU A 84 -10.63 -4.70 -0.79
CA LEU A 84 -10.70 -5.38 0.49
C LEU A 84 -9.45 -5.06 1.31
N TRP A 85 -9.42 -5.63 2.51
CA TRP A 85 -8.29 -5.41 3.40
C TRP A 85 -8.28 -6.54 4.43
N SER A 86 -7.13 -7.19 4.53
CA SER A 86 -6.98 -8.30 5.48
C SER A 86 -5.87 -7.97 6.48
N LEU A 87 -6.02 -8.49 7.68
CA LEU A 87 -5.05 -8.27 8.73
C LEU A 87 -4.24 -9.55 8.94
N GLU A 88 -2.95 -9.37 9.19
CA GLU A 88 -2.06 -10.49 9.41
C GLU A 88 -1.36 -10.36 10.77
N PRO A 89 -1.34 -11.50 11.52
CA PRO A 89 -0.71 -11.52 12.83
C PRO A 89 0.82 -11.52 12.71
N GLY A 90 1.43 -10.49 13.28
CA GLY A 90 2.87 -10.38 13.24
C GLY A 90 3.39 -10.41 11.81
N LYS A 91 2.74 -9.63 10.96
CA LYS A 91 3.12 -9.56 9.55
C LYS A 91 2.94 -8.14 9.04
N CYS A 92 1.86 -7.94 8.30
CA CYS A 92 1.55 -6.64 7.76
C CYS A 92 0.08 -6.63 7.32
N VAL A 93 -0.41 -5.44 7.03
CA VAL A 93 -1.79 -5.28 6.60
C VAL A 93 -1.85 -5.27 5.07
N LEU A 94 -2.75 -6.11 4.54
CA LEU A 94 -2.91 -6.21 3.10
C LEU A 94 -4.22 -5.52 2.69
N VAL A 95 -4.10 -4.65 1.70
CA VAL A 95 -5.26 -3.92 1.21
C VAL A 95 -5.24 -3.91 -0.32
N ASN A 96 -6.36 -4.29 -0.90
CA ASN A 96 -6.48 -4.34 -2.35
C ASN A 96 -7.25 -3.10 -2.82
N LEU A 97 -6.54 -2.24 -3.55
CA LEU A 97 -7.14 -1.03 -4.07
C LEU A 97 -7.47 -1.22 -5.55
N SER A 98 -8.75 -1.19 -5.85
CA SER A 98 -9.21 -1.35 -7.22
C SER A 98 -9.15 -0.01 -7.95
N LYS A 99 -8.87 -0.09 -9.24
CA LYS A 99 -8.77 1.10 -10.07
C LYS A 99 -10.18 1.50 -10.53
N VAL A 100 -10.46 2.79 -10.42
CA VAL A 100 -11.75 3.31 -10.82
C VAL A 100 -11.57 4.28 -11.99
N GLY A 101 -11.69 3.74 -13.20
CA GLY A 101 -11.53 4.54 -14.40
C GLY A 101 -10.06 4.69 -14.76
N GLU A 102 -9.82 4.83 -16.06
CA GLU A 102 -8.47 5.00 -16.56
C GLU A 102 -7.89 6.33 -16.10
N TYR A 103 -7.18 6.27 -14.98
CA TYR A 103 -6.56 7.47 -14.42
C TYR A 103 -5.08 7.22 -14.12
N TRP A 104 -4.34 8.32 -14.09
CA TRP A 104 -2.91 8.24 -13.81
C TRP A 104 -2.72 8.34 -12.30
N TRP A 105 -2.20 7.26 -11.73
CA TRP A 105 -1.95 7.21 -10.29
C TRP A 105 -0.53 7.71 -10.04
N ASN A 106 0.43 6.84 -10.35
CA ASN A 106 1.83 7.17 -10.15
C ASN A 106 2.19 7.01 -8.67
N ALA A 107 1.40 7.67 -7.83
CA ALA A 107 1.61 7.62 -6.40
C ALA A 107 0.31 7.25 -5.70
N ILE A 108 0.44 6.80 -4.46
CA ILE A 108 -0.72 6.41 -3.68
C ILE A 108 -1.41 7.66 -3.14
N LEU A 109 -0.65 8.43 -2.38
CA LEU A 109 -1.16 9.66 -1.80
C LEU A 109 -0.65 10.85 -2.59
N GLU A 110 -1.34 11.98 -2.43
CA GLU A 110 -0.97 13.19 -3.13
C GLU A 110 0.24 13.84 -2.45
N GLY A 111 0.48 13.43 -1.21
CA GLY A 111 1.59 13.96 -0.44
C GLY A 111 2.93 13.45 -0.99
N GLU A 112 2.88 12.25 -1.55
CA GLU A 112 4.07 11.63 -2.10
C GLU A 112 4.46 12.34 -3.41
N GLU A 113 5.32 11.67 -4.17
CA GLU A 113 5.78 12.21 -5.43
C GLU A 113 5.40 11.28 -6.59
N PRO A 114 5.35 11.87 -7.81
CA PRO A 114 5.00 11.10 -8.99
C PRO A 114 6.17 10.21 -9.44
N ILE A 115 5.98 8.92 -9.25
CA ILE A 115 7.00 7.96 -9.63
C ILE A 115 7.44 8.21 -11.07
N ASP A 116 8.63 7.73 -11.39
CA ASP A 116 9.18 7.90 -12.72
C ASP A 116 9.07 6.59 -13.49
N ILE A 117 9.57 5.53 -12.87
CA ILE A 117 9.53 4.21 -13.49
C ILE A 117 8.17 4.02 -14.17
N ASP A 118 8.23 3.47 -15.38
CA ASP A 118 7.02 3.23 -16.15
C ASP A 118 6.39 4.57 -16.52
N SER A 119 6.75 5.05 -17.69
CA SER A 119 6.23 6.31 -18.19
C SER A 119 6.54 6.48 -19.67
N GLY A 120 5.48 6.58 -20.47
CA GLY A 120 5.63 6.74 -21.90
C GLY A 120 6.36 8.05 -22.24
N PRO A 121 6.23 8.46 -23.52
CA PRO A 121 6.86 9.68 -23.98
C PRO A 121 6.13 10.92 -23.46
N SER A 122 6.02 11.00 -22.15
CA SER A 122 5.34 12.12 -21.51
C SER A 122 6.24 12.73 -20.43
N SER A 123 6.46 14.03 -20.56
CA SER A 123 7.29 14.75 -19.61
C SER A 123 8.70 14.15 -19.59
N GLY A 124 9.64 14.95 -19.12
CA GLY A 124 11.03 14.52 -19.04
C GLY A 124 11.53 14.05 -20.42
N GLY A 1 32.95 -9.94 -10.25
CA GLY A 1 31.78 -9.91 -11.09
C GLY A 1 31.21 -8.49 -11.18
N SER A 2 30.22 -8.33 -12.06
CA SER A 2 29.58 -7.05 -12.24
C SER A 2 28.74 -6.70 -11.01
N SER A 3 29.38 -6.05 -10.06
CA SER A 3 28.70 -5.66 -8.84
C SER A 3 28.82 -4.14 -8.63
N GLY A 4 27.69 -3.47 -8.80
CA GLY A 4 27.65 -2.02 -8.64
C GLY A 4 27.63 -1.64 -7.16
N SER A 5 26.42 -1.64 -6.60
CA SER A 5 26.26 -1.28 -5.20
C SER A 5 26.21 -2.55 -4.35
N SER A 6 26.66 -2.42 -3.11
CA SER A 6 26.68 -3.54 -2.19
C SER A 6 25.24 -3.92 -1.81
N GLY A 7 24.76 -4.97 -2.45
CA GLY A 7 23.40 -5.44 -2.20
C GLY A 7 22.38 -4.37 -2.54
N GLN A 8 21.39 -4.24 -1.67
CA GLN A 8 20.34 -3.26 -1.86
C GLN A 8 20.25 -2.31 -0.66
N LYS A 9 19.80 -1.10 -0.93
CA LYS A 9 19.67 -0.10 0.11
C LYS A 9 18.69 -0.60 1.18
N ASN A 10 19.26 -1.07 2.28
CA ASN A 10 18.46 -1.59 3.37
C ASN A 10 17.61 -2.77 2.88
N PRO A 11 17.19 -3.62 3.84
CA PRO A 11 16.38 -4.79 3.51
C PRO A 11 14.94 -4.38 3.20
N ASP A 12 14.42 -3.47 4.03
CA ASP A 12 13.07 -2.99 3.85
C ASP A 12 12.92 -2.40 2.44
N SER A 13 11.74 -2.60 1.87
CA SER A 13 11.46 -2.09 0.54
C SER A 13 12.44 -2.69 -0.47
N TYR A 14 12.02 -3.79 -1.06
CA TYR A 14 12.85 -4.48 -2.04
C TYR A 14 12.82 -3.75 -3.39
N ASN A 15 11.61 -3.47 -3.85
CA ASN A 15 11.43 -2.78 -5.11
C ASN A 15 9.97 -2.35 -5.24
N GLY A 16 9.78 -1.19 -5.85
CA GLY A 16 8.44 -0.66 -6.05
C GLY A 16 8.33 0.76 -5.50
N ALA A 17 7.10 1.26 -5.48
CA ALA A 17 6.84 2.60 -4.98
C ALA A 17 6.83 2.58 -3.45
N VAL A 18 7.81 3.25 -2.87
CA VAL A 18 7.93 3.31 -1.42
C VAL A 18 8.11 4.76 -0.99
N ARG A 19 7.54 5.09 0.16
CA ARG A 19 7.63 6.44 0.68
C ARG A 19 8.60 6.48 1.86
N GLU A 20 8.13 6.01 3.00
CA GLU A 20 8.94 5.99 4.21
C GLU A 20 8.09 5.61 5.42
N ASN A 21 7.21 4.66 5.21
CA ASN A 21 6.33 4.21 6.28
C ASN A 21 5.49 3.02 5.77
N TYR A 22 5.05 3.14 4.53
CA TYR A 22 4.25 2.08 3.92
C TYR A 22 4.66 1.85 2.48
N THR A 23 4.89 0.58 2.15
CA THR A 23 5.29 0.21 0.81
C THR A 23 4.07 -0.06 -0.06
N TRP A 24 4.21 0.21 -1.35
CA TRP A 24 3.13 0.00 -2.29
C TRP A 24 3.74 -0.23 -3.67
N SER A 25 2.93 -0.75 -4.57
CA SER A 25 3.37 -1.03 -5.92
C SER A 25 2.18 -1.01 -6.88
N GLN A 26 2.48 -0.83 -8.16
CA GLN A 26 1.45 -0.79 -9.18
C GLN A 26 1.49 -2.06 -10.04
N ASP A 27 0.35 -2.72 -10.11
CA ASP A 27 0.24 -3.95 -10.89
C ASP A 27 -0.51 -3.66 -12.18
N TYR A 28 -0.70 -4.72 -12.97
CA TYR A 28 -1.41 -4.59 -14.23
C TYR A 28 -2.59 -3.62 -14.11
N THR A 29 -3.48 -3.94 -13.19
CA THR A 29 -4.65 -3.10 -12.97
C THR A 29 -5.12 -3.22 -11.52
N ASP A 30 -4.32 -2.66 -10.62
CA ASP A 30 -4.65 -2.69 -9.20
C ASP A 30 -3.41 -2.31 -8.39
N LEU A 31 -3.67 -1.71 -7.23
CA LEU A 31 -2.59 -1.29 -6.36
C LEU A 31 -2.44 -2.28 -5.22
N GLU A 32 -1.23 -2.33 -4.66
CA GLU A 32 -0.95 -3.23 -3.56
C GLU A 32 -0.02 -2.57 -2.55
N VAL A 33 -0.58 -2.21 -1.41
CA VAL A 33 0.18 -1.57 -0.36
C VAL A 33 0.11 -2.42 0.92
N ARG A 34 1.27 -2.85 1.37
CA ARG A 34 1.36 -3.67 2.57
C ARG A 34 1.96 -2.85 3.72
N VAL A 35 1.20 -2.78 4.81
CA VAL A 35 1.65 -2.05 5.98
C VAL A 35 2.17 -3.03 7.03
N PRO A 36 3.41 -2.74 7.53
CA PRO A 36 4.02 -3.59 8.53
C PRO A 36 3.37 -3.39 9.90
N VAL A 37 3.14 -4.50 10.58
CA VAL A 37 2.53 -4.46 11.89
C VAL A 37 3.46 -5.11 12.91
N PRO A 38 3.25 -4.77 14.21
CA PRO A 38 4.06 -5.31 15.27
C PRO A 38 3.68 -6.77 15.57
N LYS A 39 4.42 -7.37 16.48
CA LYS A 39 4.18 -8.75 16.86
C LYS A 39 3.07 -8.79 17.92
N HIS A 40 2.48 -7.63 18.15
CA HIS A 40 1.42 -7.52 19.14
C HIS A 40 0.07 -7.37 18.42
N VAL A 41 0.15 -7.26 17.10
CA VAL A 41 -1.05 -7.12 16.30
C VAL A 41 -1.39 -8.46 15.65
N VAL A 42 -2.48 -9.06 16.13
CA VAL A 42 -2.92 -10.33 15.60
C VAL A 42 -4.44 -10.31 15.44
N LYS A 43 -4.99 -9.11 15.40
CA LYS A 43 -6.42 -8.94 15.25
C LYS A 43 -6.70 -7.72 14.35
N GLY A 44 -7.77 -7.82 13.59
CA GLY A 44 -8.15 -6.75 12.69
C GLY A 44 -8.67 -5.53 13.47
N LYS A 45 -9.17 -5.81 14.66
CA LYS A 45 -9.69 -4.76 15.52
C LYS A 45 -8.53 -3.95 16.08
N GLN A 46 -7.34 -4.52 15.97
CA GLN A 46 -6.15 -3.86 16.48
C GLN A 46 -5.65 -2.82 15.47
N VAL A 47 -6.43 -2.65 14.41
CA VAL A 47 -6.07 -1.70 13.37
C VAL A 47 -7.33 -0.97 12.91
N SER A 48 -7.11 0.08 12.13
CA SER A 48 -8.23 0.88 11.61
C SER A 48 -8.09 1.05 10.09
N VAL A 49 -9.15 0.68 9.40
CA VAL A 49 -9.17 0.78 7.94
C VAL A 49 -10.39 1.59 7.51
N ALA A 50 -10.13 2.56 6.64
CA ALA A 50 -11.20 3.40 6.13
C ALA A 50 -11.14 3.44 4.60
N LEU A 51 -12.15 2.83 3.99
CA LEU A 51 -12.22 2.78 2.54
C LEU A 51 -13.40 3.63 2.07
N SER A 52 -13.10 4.52 1.14
CA SER A 52 -14.13 5.40 0.60
C SER A 52 -14.04 5.43 -0.93
N SER A 53 -12.88 5.85 -1.42
CA SER A 53 -12.66 5.92 -2.85
C SER A 53 -11.34 6.65 -3.14
N SER A 54 -11.15 7.76 -2.44
CA SER A 54 -9.95 8.56 -2.61
C SER A 54 -9.33 8.87 -1.25
N SER A 55 -9.40 7.89 -0.37
CA SER A 55 -8.85 8.05 0.98
C SER A 55 -8.44 6.68 1.53
N ILE A 56 -7.47 6.73 2.44
CA ILE A 56 -6.97 5.51 3.06
C ILE A 56 -6.47 5.83 4.47
N ARG A 57 -6.72 4.88 5.37
CA ARG A 57 -6.32 5.05 6.76
C ARG A 57 -5.87 3.71 7.34
N VAL A 58 -4.64 3.69 7.83
CA VAL A 58 -4.07 2.49 8.41
C VAL A 58 -3.42 2.83 9.75
N ALA A 59 -4.18 2.62 10.82
CA ALA A 59 -3.68 2.89 12.16
C ALA A 59 -3.79 1.63 13.01
N MET A 60 -2.68 1.30 13.66
CA MET A 60 -2.63 0.13 14.51
C MET A 60 -2.71 0.51 15.98
N LEU A 61 -3.40 -0.32 16.75
CA LEU A 61 -3.56 -0.08 18.18
C LEU A 61 -2.23 -0.33 18.88
N GLU A 62 -1.93 0.53 19.84
CA GLU A 62 -0.69 0.41 20.59
C GLU A 62 -0.97 -0.11 22.00
N GLU A 63 0.06 -0.12 22.81
CA GLU A 63 -0.06 -0.60 24.18
C GLU A 63 -0.92 0.38 25.01
N ASN A 64 -0.72 1.65 24.73
CA ASN A 64 -1.47 2.69 25.44
C ASN A 64 -1.98 3.72 24.43
N GLY A 65 -2.69 3.22 23.43
CA GLY A 65 -3.25 4.07 22.40
C GLY A 65 -3.18 3.40 21.03
N GLU A 66 -2.87 4.21 20.02
CA GLU A 66 -2.77 3.71 18.66
C GLU A 66 -1.81 4.57 17.84
N ARG A 67 -1.47 4.08 16.66
CA ARG A 67 -0.58 4.79 15.78
C ARG A 67 -1.07 4.70 14.33
N VAL A 68 -0.91 5.80 13.62
CA VAL A 68 -1.34 5.87 12.24
C VAL A 68 -0.14 5.55 11.32
N LEU A 69 -0.07 4.30 10.91
CA LEU A 69 1.00 3.85 10.05
C LEU A 69 0.92 4.59 8.71
N MET A 70 -0.27 4.56 8.13
CA MET A 70 -0.51 5.21 6.86
C MET A 70 -1.89 5.88 6.82
N GLU A 71 -1.94 7.01 6.14
CA GLU A 71 -3.19 7.74 6.02
C GLU A 71 -2.99 8.98 5.12
N GLY A 72 -4.08 9.37 4.47
CA GLY A 72 -4.04 10.52 3.58
C GLY A 72 -5.02 10.34 2.41
N LYS A 73 -5.54 11.46 1.95
CA LYS A 73 -6.47 11.45 0.84
C LYS A 73 -5.74 11.04 -0.44
N LEU A 74 -6.13 9.89 -0.97
CA LEU A 74 -5.52 9.38 -2.18
C LEU A 74 -5.56 10.45 -3.26
N THR A 75 -4.93 10.14 -4.38
CA THR A 75 -4.89 11.08 -5.50
C THR A 75 -6.03 10.79 -6.48
N HIS A 76 -6.32 9.51 -6.64
CA HIS A 76 -7.38 9.09 -7.55
C HIS A 76 -8.43 8.31 -6.76
N LYS A 77 -9.52 7.98 -7.45
CA LYS A 77 -10.60 7.22 -6.83
C LYS A 77 -10.37 5.73 -7.04
N ILE A 78 -11.01 4.94 -6.19
CA ILE A 78 -10.88 3.50 -6.27
C ILE A 78 -12.24 2.85 -6.02
N ASN A 79 -12.39 1.63 -6.51
CA ASN A 79 -13.64 0.90 -6.35
C ASN A 79 -13.60 0.13 -5.03
N THR A 80 -13.89 0.83 -3.94
CA THR A 80 -13.90 0.22 -2.63
C THR A 80 -14.51 -1.18 -2.69
N GLU A 81 -15.56 -1.29 -3.50
CA GLU A 81 -16.25 -2.56 -3.65
C GLU A 81 -15.24 -3.66 -4.00
N SER A 82 -14.53 -3.45 -5.10
CA SER A 82 -13.55 -4.42 -5.55
C SER A 82 -12.36 -4.44 -4.58
N SER A 83 -12.11 -3.30 -3.97
CA SER A 83 -11.02 -3.18 -3.02
C SER A 83 -11.30 -4.04 -1.78
N LEU A 84 -10.24 -4.30 -1.03
CA LEU A 84 -10.35 -5.11 0.17
C LEU A 84 -9.27 -4.69 1.17
N TRP A 85 -9.28 -5.34 2.32
CA TRP A 85 -8.31 -5.04 3.36
C TRP A 85 -8.36 -6.17 4.38
N SER A 86 -7.19 -6.76 4.62
CA SER A 86 -7.08 -7.85 5.57
C SER A 86 -5.98 -7.55 6.59
N LEU A 87 -6.02 -8.28 7.69
CA LEU A 87 -5.03 -8.11 8.74
C LEU A 87 -4.26 -9.42 8.94
N GLU A 88 -2.98 -9.29 9.26
CA GLU A 88 -2.14 -10.45 9.48
C GLU A 88 -1.43 -10.34 10.82
N PRO A 89 -1.42 -11.48 11.56
CA PRO A 89 -0.78 -11.52 12.87
C PRO A 89 0.75 -11.56 12.73
N GLY A 90 1.39 -10.53 13.26
CA GLY A 90 2.83 -10.44 13.21
C GLY A 90 3.33 -10.49 11.76
N LYS A 91 2.74 -9.64 10.93
CA LYS A 91 3.12 -9.59 9.53
C LYS A 91 2.91 -8.17 9.01
N CYS A 92 1.82 -7.98 8.29
CA CYS A 92 1.49 -6.69 7.72
C CYS A 92 0.02 -6.70 7.31
N VAL A 93 -0.44 -5.54 6.86
CA VAL A 93 -1.83 -5.40 6.44
C VAL A 93 -1.88 -5.40 4.91
N LEU A 94 -2.78 -6.23 4.38
CA LEU A 94 -2.94 -6.34 2.94
C LEU A 94 -4.11 -5.45 2.51
N VAL A 95 -3.84 -4.63 1.50
CA VAL A 95 -4.86 -3.74 0.97
C VAL A 95 -4.78 -3.73 -0.56
N ASN A 96 -5.95 -3.78 -1.17
CA ASN A 96 -6.02 -3.78 -2.63
C ASN A 96 -6.98 -2.66 -3.08
N LEU A 97 -6.40 -1.67 -3.73
CA LEU A 97 -7.17 -0.54 -4.21
C LEU A 97 -7.60 -0.81 -5.66
N SER A 98 -8.91 -0.86 -5.86
CA SER A 98 -9.46 -1.11 -7.18
C SER A 98 -9.24 0.11 -8.07
N LYS A 99 -8.87 -0.17 -9.31
CA LYS A 99 -8.62 0.88 -10.28
C LYS A 99 -9.95 1.33 -10.91
N VAL A 100 -10.04 2.61 -11.20
CA VAL A 100 -11.23 3.16 -11.80
C VAL A 100 -10.85 4.04 -12.99
N GLY A 101 -11.69 4.00 -14.01
CA GLY A 101 -11.44 4.79 -15.21
C GLY A 101 -9.95 4.84 -15.54
N GLU A 102 -9.51 6.03 -15.93
CA GLU A 102 -8.11 6.24 -16.27
C GLU A 102 -7.24 6.13 -15.01
N TYR A 103 -6.59 4.97 -14.88
CA TYR A 103 -5.73 4.73 -13.74
C TYR A 103 -4.50 5.66 -13.77
N TRP A 104 -4.63 6.78 -13.09
CA TRP A 104 -3.54 7.75 -13.04
C TRP A 104 -3.09 7.88 -11.58
N TRP A 105 -2.10 7.08 -11.23
CA TRP A 105 -1.57 7.09 -9.88
C TRP A 105 -0.07 7.38 -9.96
N ASN A 106 0.32 8.48 -9.32
CA ASN A 106 1.71 8.89 -9.32
C ASN A 106 2.17 9.13 -7.88
N ALA A 107 1.27 8.81 -6.95
CA ALA A 107 1.56 8.98 -5.53
C ALA A 107 0.32 8.61 -4.72
N ILE A 108 0.40 7.45 -4.07
CA ILE A 108 -0.69 6.97 -3.26
C ILE A 108 -1.35 8.16 -2.55
N LEU A 109 -0.51 8.96 -1.90
CA LEU A 109 -1.00 10.13 -1.18
C LEU A 109 -0.44 11.39 -1.84
N GLU A 110 -1.19 12.48 -1.69
CA GLU A 110 -0.79 13.75 -2.26
C GLU A 110 0.56 14.19 -1.68
N GLY A 111 0.94 13.54 -0.59
CA GLY A 111 2.19 13.86 0.06
C GLY A 111 3.24 12.78 -0.22
N GLU A 112 3.39 12.48 -1.50
CA GLU A 112 4.36 11.47 -1.91
C GLU A 112 4.95 11.85 -3.28
N GLU A 113 6.28 11.84 -3.33
CA GLU A 113 6.98 12.17 -4.56
C GLU A 113 6.29 11.50 -5.76
N PRO A 114 6.36 12.20 -6.92
CA PRO A 114 5.76 11.69 -8.14
C PRO A 114 6.60 10.55 -8.73
N ILE A 115 6.09 9.34 -8.57
CA ILE A 115 6.78 8.16 -9.08
C ILE A 115 7.19 8.41 -10.53
N ASP A 116 7.91 7.43 -11.08
CA ASP A 116 8.37 7.54 -12.45
C ASP A 116 7.68 6.46 -13.30
N ILE A 117 7.70 5.25 -12.78
CA ILE A 117 7.08 4.12 -13.47
C ILE A 117 5.63 4.47 -13.81
N ASP A 118 5.24 4.10 -15.01
CA ASP A 118 3.88 4.38 -15.48
C ASP A 118 3.62 5.88 -15.42
N SER A 119 3.94 6.54 -16.53
CA SER A 119 3.74 7.97 -16.63
C SER A 119 3.59 8.39 -18.10
N GLY A 120 2.47 9.03 -18.39
CA GLY A 120 2.19 9.47 -19.74
C GLY A 120 2.85 10.82 -20.02
N PRO A 121 2.91 11.18 -21.32
CA PRO A 121 3.51 12.44 -21.74
C PRO A 121 2.58 13.61 -21.42
N SER A 122 2.49 13.92 -20.13
CA SER A 122 1.64 15.02 -19.69
C SER A 122 1.82 15.23 -18.19
N SER A 123 1.59 16.47 -17.77
CA SER A 123 1.72 16.83 -16.36
C SER A 123 0.35 16.77 -15.68
N GLY A 124 -0.57 17.55 -16.21
CA GLY A 124 -1.91 17.60 -15.66
C GLY A 124 -1.96 18.41 -14.37
N GLY A 1 37.18 -10.54 -12.41
CA GLY A 1 36.27 -11.67 -12.44
C GLY A 1 34.82 -11.19 -12.40
N SER A 2 34.07 -11.55 -13.44
CA SER A 2 32.67 -11.16 -13.53
C SER A 2 31.88 -11.83 -12.42
N SER A 3 30.93 -11.08 -11.87
CA SER A 3 30.09 -11.59 -10.81
C SER A 3 29.30 -12.81 -11.29
N GLY A 4 28.52 -12.58 -12.34
CA GLY A 4 27.71 -13.64 -12.91
C GLY A 4 26.23 -13.44 -12.58
N SER A 5 25.63 -12.49 -13.30
CA SER A 5 24.22 -12.20 -13.10
C SER A 5 23.89 -12.21 -11.61
N SER A 6 24.02 -11.04 -10.99
CA SER A 6 23.74 -10.91 -9.57
C SER A 6 23.40 -9.46 -9.24
N GLY A 7 22.23 -9.27 -8.65
CA GLY A 7 21.78 -7.94 -8.28
C GLY A 7 21.59 -7.06 -9.52
N GLN A 8 20.94 -5.92 -9.30
CA GLN A 8 20.69 -4.99 -10.38
C GLN A 8 21.11 -3.58 -9.98
N LYS A 9 20.51 -3.10 -8.89
CA LYS A 9 20.82 -1.78 -8.40
C LYS A 9 20.17 -1.59 -7.03
N ASN A 10 18.85 -1.68 -7.01
CA ASN A 10 18.10 -1.53 -5.78
C ASN A 10 16.94 -2.53 -5.76
N PRO A 11 16.83 -3.25 -4.62
CA PRO A 11 15.77 -4.25 -4.46
C PRO A 11 14.42 -3.57 -4.21
N ASP A 12 14.43 -2.62 -3.29
CA ASP A 12 13.22 -1.90 -2.95
C ASP A 12 13.53 -0.88 -1.84
N SER A 13 12.60 0.04 -1.67
CA SER A 13 12.76 1.08 -0.66
C SER A 13 14.15 1.71 -0.78
N TYR A 14 14.23 2.71 -1.64
CA TYR A 14 15.49 3.41 -1.85
C TYR A 14 15.28 4.93 -1.86
N ASN A 15 14.24 5.35 -2.58
CA ASN A 15 13.93 6.77 -2.67
C ASN A 15 12.63 6.93 -3.46
N GLY A 16 11.94 8.03 -3.19
CA GLY A 16 10.70 8.32 -3.87
C GLY A 16 9.57 7.42 -3.38
N ALA A 17 9.18 6.49 -4.24
CA ALA A 17 8.12 5.55 -3.89
C ALA A 17 8.39 4.97 -2.51
N VAL A 18 7.39 4.27 -1.99
CA VAL A 18 7.50 3.66 -0.67
C VAL A 18 8.30 4.59 0.25
N ARG A 19 9.01 3.96 1.17
CA ARG A 19 9.83 4.72 2.11
C ARG A 19 10.21 3.84 3.31
N GLU A 20 9.21 3.55 4.13
CA GLU A 20 9.42 2.73 5.31
C GLU A 20 8.12 2.59 6.10
N ASN A 21 7.33 3.64 6.07
CA ASN A 21 6.06 3.65 6.78
C ASN A 21 5.10 2.67 6.10
N TYR A 22 4.88 2.89 4.81
CA TYR A 22 3.99 2.04 4.05
C TYR A 22 4.46 1.93 2.59
N THR A 23 4.62 0.69 2.16
CA THR A 23 5.07 0.44 0.79
C THR A 23 3.86 0.20 -0.12
N TRP A 24 4.09 0.42 -1.41
CA TRP A 24 3.03 0.24 -2.39
C TRP A 24 3.70 -0.09 -3.74
N SER A 25 2.89 -0.62 -4.65
CA SER A 25 3.38 -0.98 -5.96
C SER A 25 2.25 -0.86 -7.00
N GLN A 26 2.66 -0.78 -8.25
CA GLN A 26 1.70 -0.65 -9.34
C GLN A 26 1.72 -1.91 -10.21
N ASP A 27 0.53 -2.43 -10.46
CA ASP A 27 0.40 -3.62 -11.28
C ASP A 27 -0.43 -3.30 -12.53
N TYR A 28 -0.59 -4.30 -13.37
CA TYR A 28 -1.35 -4.13 -14.60
C TYR A 28 -2.56 -3.24 -14.38
N THR A 29 -3.38 -3.63 -13.40
CA THR A 29 -4.57 -2.88 -13.07
C THR A 29 -5.00 -3.14 -11.63
N ASP A 30 -4.26 -2.54 -10.71
CA ASP A 30 -4.55 -2.70 -9.29
C ASP A 30 -3.36 -2.22 -8.47
N LEU A 31 -3.65 -1.73 -7.28
CA LEU A 31 -2.62 -1.23 -6.39
C LEU A 31 -2.51 -2.15 -5.17
N GLU A 32 -1.27 -2.47 -4.83
CA GLU A 32 -1.01 -3.35 -3.69
C GLU A 32 -0.10 -2.64 -2.68
N VAL A 33 -0.71 -2.20 -1.59
CA VAL A 33 0.03 -1.52 -0.54
C VAL A 33 -0.03 -2.36 0.74
N ARG A 34 1.16 -2.68 1.23
CA ARG A 34 1.27 -3.47 2.45
C ARG A 34 1.92 -2.65 3.56
N VAL A 35 1.29 -2.69 4.72
CA VAL A 35 1.80 -1.95 5.87
C VAL A 35 2.32 -2.95 6.92
N PRO A 36 3.52 -2.64 7.46
CA PRO A 36 4.13 -3.49 8.47
C PRO A 36 3.44 -3.32 9.83
N VAL A 37 3.29 -4.44 10.52
CA VAL A 37 2.65 -4.42 11.81
C VAL A 37 3.55 -5.13 12.83
N PRO A 38 3.32 -4.81 14.13
CA PRO A 38 4.11 -5.41 15.20
C PRO A 38 3.67 -6.85 15.45
N LYS A 39 4.36 -7.49 16.39
CA LYS A 39 4.06 -8.87 16.73
C LYS A 39 2.95 -8.90 17.78
N HIS A 40 2.33 -7.73 17.97
CA HIS A 40 1.25 -7.61 18.94
C HIS A 40 -0.07 -7.37 18.20
N VAL A 41 0.04 -7.22 16.89
CA VAL A 41 -1.13 -6.98 16.06
C VAL A 41 -1.55 -8.30 15.40
N VAL A 42 -2.67 -8.83 15.86
CA VAL A 42 -3.20 -10.07 15.34
C VAL A 42 -4.68 -9.89 14.98
N LYS A 43 -5.37 -9.19 15.88
CA LYS A 43 -6.80 -8.95 15.68
C LYS A 43 -6.97 -7.70 14.81
N GLY A 44 -7.80 -7.85 13.78
CA GLY A 44 -8.07 -6.75 12.87
C GLY A 44 -8.71 -5.57 13.60
N LYS A 45 -9.23 -5.86 14.78
CA LYS A 45 -9.86 -4.84 15.59
C LYS A 45 -8.79 -3.92 16.20
N GLN A 46 -7.54 -4.31 15.99
CA GLN A 46 -6.42 -3.55 16.52
C GLN A 46 -5.93 -2.55 15.46
N VAL A 47 -6.37 -2.78 14.23
CA VAL A 47 -5.99 -1.90 13.13
C VAL A 47 -7.24 -1.25 12.54
N SER A 48 -7.13 0.04 12.30
CA SER A 48 -8.25 0.79 11.73
C SER A 48 -8.09 0.90 10.22
N VAL A 49 -9.21 0.77 9.52
CA VAL A 49 -9.21 0.85 8.07
C VAL A 49 -10.44 1.63 7.61
N ALA A 50 -10.19 2.64 6.79
CA ALA A 50 -11.27 3.47 6.28
C ALA A 50 -11.16 3.55 4.75
N LEU A 51 -12.13 2.94 4.09
CA LEU A 51 -12.16 2.93 2.64
C LEU A 51 -13.35 3.75 2.15
N SER A 52 -13.05 4.70 1.27
CA SER A 52 -14.09 5.55 0.72
C SER A 52 -13.99 5.57 -0.80
N SER A 53 -12.87 6.07 -1.30
CA SER A 53 -12.64 6.14 -2.73
C SER A 53 -11.32 6.86 -3.02
N SER A 54 -11.19 8.04 -2.44
CA SER A 54 -9.99 8.84 -2.62
C SER A 54 -9.33 9.11 -1.27
N SER A 55 -9.45 8.13 -0.38
CA SER A 55 -8.88 8.26 0.96
C SER A 55 -8.65 6.88 1.55
N ILE A 56 -7.67 6.81 2.44
CA ILE A 56 -7.33 5.55 3.09
C ILE A 56 -6.79 5.83 4.49
N ARG A 57 -7.02 4.89 5.38
CA ARG A 57 -6.56 5.02 6.75
C ARG A 57 -6.00 3.69 7.27
N VAL A 58 -4.82 3.76 7.84
CA VAL A 58 -4.16 2.58 8.37
C VAL A 58 -3.48 2.93 9.70
N ALA A 59 -4.19 2.62 10.78
CA ALA A 59 -3.66 2.89 12.11
C ALA A 59 -3.74 1.62 12.96
N MET A 60 -2.72 1.43 13.79
CA MET A 60 -2.66 0.27 14.64
C MET A 60 -2.77 0.67 16.12
N LEU A 61 -3.55 -0.11 16.86
CA LEU A 61 -3.74 0.15 18.27
C LEU A 61 -2.43 -0.09 19.02
N GLU A 62 -2.16 0.78 19.98
CA GLU A 62 -0.94 0.67 20.76
C GLU A 62 -1.27 0.13 22.16
N GLU A 63 -0.24 0.09 23.00
CA GLU A 63 -0.40 -0.40 24.36
C GLU A 63 -1.18 0.62 25.20
N ASN A 64 -1.16 1.87 24.74
CA ASN A 64 -1.85 2.93 25.43
C ASN A 64 -2.36 3.95 24.42
N GLY A 65 -3.06 3.44 23.41
CA GLY A 65 -3.61 4.29 22.36
C GLY A 65 -3.51 3.61 21.00
N GLU A 66 -3.08 4.38 20.02
CA GLU A 66 -2.93 3.88 18.67
C GLU A 66 -1.92 4.71 17.88
N ARG A 67 -1.73 4.34 16.62
CA ARG A 67 -0.80 5.04 15.77
C ARG A 67 -1.19 4.84 14.30
N VAL A 68 -0.91 5.87 13.50
CA VAL A 68 -1.22 5.82 12.08
C VAL A 68 0.00 5.31 11.31
N LEU A 69 -0.16 4.12 10.73
CA LEU A 69 0.92 3.52 9.97
C LEU A 69 1.07 4.25 8.64
N MET A 70 -0.05 4.39 7.94
CA MET A 70 -0.05 5.07 6.66
C MET A 70 -1.08 6.20 6.64
N GLU A 71 -2.27 5.88 6.18
CA GLU A 71 -3.35 6.87 6.11
C GLU A 71 -2.93 8.03 5.21
N GLY A 72 -3.91 8.58 4.52
CA GLY A 72 -3.66 9.70 3.63
C GLY A 72 -4.65 9.70 2.45
N LYS A 73 -4.96 10.89 1.97
CA LYS A 73 -5.88 11.03 0.86
C LYS A 73 -5.22 10.49 -0.41
N LEU A 74 -5.92 9.54 -1.04
CA LEU A 74 -5.42 8.92 -2.25
C LEU A 74 -5.37 9.97 -3.37
N THR A 75 -4.53 9.71 -4.35
CA THR A 75 -4.40 10.61 -5.48
C THR A 75 -5.61 10.52 -6.39
N HIS A 76 -6.10 9.29 -6.56
CA HIS A 76 -7.24 9.06 -7.41
C HIS A 76 -8.31 8.29 -6.62
N LYS A 77 -9.40 7.95 -7.31
CA LYS A 77 -10.49 7.22 -6.69
C LYS A 77 -10.24 5.71 -6.85
N ILE A 78 -11.04 4.94 -6.14
CA ILE A 78 -10.92 3.49 -6.19
C ILE A 78 -12.30 2.87 -5.99
N ASN A 79 -12.39 1.59 -6.34
CA ASN A 79 -13.64 0.87 -6.20
C ASN A 79 -13.65 0.12 -4.87
N THR A 80 -13.94 0.86 -3.81
CA THR A 80 -13.98 0.28 -2.48
C THR A 80 -14.58 -1.13 -2.53
N GLU A 81 -15.72 -1.23 -3.18
CA GLU A 81 -16.41 -2.50 -3.31
C GLU A 81 -15.42 -3.59 -3.74
N SER A 82 -14.73 -3.31 -4.83
CA SER A 82 -13.76 -4.26 -5.35
C SER A 82 -12.53 -4.31 -4.44
N SER A 83 -12.25 -3.17 -3.83
CA SER A 83 -11.10 -3.07 -2.93
C SER A 83 -11.44 -3.73 -1.58
N LEU A 84 -10.39 -4.11 -0.88
CA LEU A 84 -10.55 -4.75 0.42
C LEU A 84 -9.29 -4.53 1.26
N TRP A 85 -9.34 -5.06 2.47
CA TRP A 85 -8.21 -4.92 3.38
C TRP A 85 -8.20 -6.13 4.31
N SER A 86 -7.09 -6.85 4.28
CA SER A 86 -6.94 -8.04 5.11
C SER A 86 -5.79 -7.85 6.10
N LEU A 87 -6.09 -8.06 7.37
CA LEU A 87 -5.09 -7.91 8.41
C LEU A 87 -4.42 -9.26 8.66
N GLU A 88 -3.13 -9.20 8.94
CA GLU A 88 -2.37 -10.41 9.20
C GLU A 88 -1.67 -10.31 10.56
N PRO A 89 -1.74 -11.43 11.33
CA PRO A 89 -1.13 -11.48 12.65
C PRO A 89 0.39 -11.63 12.53
N GLY A 90 1.09 -10.68 13.13
CA GLY A 90 2.54 -10.70 13.11
C GLY A 90 3.07 -10.77 11.67
N LYS A 91 2.70 -9.76 10.90
CA LYS A 91 3.12 -9.70 9.50
C LYS A 91 2.98 -8.26 9.00
N CYS A 92 1.87 -8.02 8.32
CA CYS A 92 1.59 -6.69 7.77
C CYS A 92 0.11 -6.62 7.41
N VAL A 93 -0.30 -5.45 6.94
CA VAL A 93 -1.68 -5.24 6.56
C VAL A 93 -1.78 -5.22 5.03
N LEU A 94 -2.75 -5.97 4.53
CA LEU A 94 -2.96 -6.04 3.09
C LEU A 94 -4.15 -5.16 2.70
N VAL A 95 -3.94 -4.39 1.64
CA VAL A 95 -4.98 -3.49 1.16
C VAL A 95 -5.00 -3.53 -0.37
N ASN A 96 -6.05 -4.14 -0.90
CA ASN A 96 -6.21 -4.25 -2.35
C ASN A 96 -7.10 -3.11 -2.84
N LEU A 97 -6.48 -2.16 -3.51
CA LEU A 97 -7.20 -1.01 -4.04
C LEU A 97 -7.54 -1.27 -5.51
N SER A 98 -8.79 -1.03 -5.86
CA SER A 98 -9.25 -1.22 -7.21
C SER A 98 -9.03 0.05 -8.03
N LYS A 99 -8.95 -0.13 -9.34
CA LYS A 99 -8.75 0.99 -10.24
C LYS A 99 -10.11 1.56 -10.67
N VAL A 100 -10.18 2.87 -10.69
CA VAL A 100 -11.40 3.56 -11.08
C VAL A 100 -11.10 4.53 -12.21
N GLY A 101 -11.24 4.04 -13.43
CA GLY A 101 -10.98 4.86 -14.61
C GLY A 101 -9.50 4.81 -15.00
N GLU A 102 -9.25 5.02 -16.29
CA GLU A 102 -7.90 4.99 -16.80
C GLU A 102 -7.11 6.20 -16.25
N TYR A 103 -6.41 5.96 -15.16
CA TYR A 103 -5.62 7.00 -14.54
C TYR A 103 -4.18 6.52 -14.28
N TRP A 104 -3.28 7.49 -14.20
CA TRP A 104 -1.88 7.19 -13.97
C TRP A 104 -1.59 7.38 -12.48
N TRP A 105 -1.49 6.24 -11.78
CA TRP A 105 -1.22 6.27 -10.36
C TRP A 105 0.28 6.50 -10.16
N ASN A 106 0.64 7.76 -9.99
CA ASN A 106 2.04 8.11 -9.79
C ASN A 106 2.40 7.93 -8.32
N ALA A 107 1.38 7.66 -7.52
CA ALA A 107 1.58 7.46 -6.09
C ALA A 107 0.26 7.01 -5.45
N ILE A 108 0.35 6.70 -4.17
CA ILE A 108 -0.83 6.26 -3.44
C ILE A 108 -1.56 7.48 -2.89
N LEU A 109 -0.84 8.25 -2.09
CA LEU A 109 -1.41 9.45 -1.48
C LEU A 109 -0.96 10.68 -2.29
N GLU A 110 -1.66 11.79 -2.06
CA GLU A 110 -1.34 13.02 -2.75
C GLU A 110 -0.04 13.62 -2.20
N GLY A 111 0.32 13.17 -1.01
CA GLY A 111 1.54 13.65 -0.36
C GLY A 111 2.69 12.66 -0.57
N GLU A 112 2.60 11.92 -1.66
CA GLU A 112 3.62 10.94 -2.00
C GLU A 112 4.36 11.36 -3.27
N GLU A 113 5.67 11.15 -3.25
CA GLU A 113 6.50 11.50 -4.39
C GLU A 113 6.05 10.74 -5.63
N PRO A 114 6.16 11.42 -6.80
CA PRO A 114 5.76 10.81 -8.06
C PRO A 114 6.79 9.78 -8.52
N ILE A 115 6.34 8.54 -8.61
CA ILE A 115 7.21 7.45 -9.04
C ILE A 115 7.96 7.87 -10.31
N ASP A 116 9.08 7.20 -10.55
CA ASP A 116 9.88 7.49 -11.72
C ASP A 116 9.45 6.59 -12.88
N ILE A 117 8.31 6.94 -13.46
CA ILE A 117 7.78 6.17 -14.57
C ILE A 117 7.85 4.68 -14.24
N ASP A 118 7.59 3.87 -15.25
CA ASP A 118 7.62 2.42 -15.08
C ASP A 118 7.11 1.76 -16.36
N SER A 119 7.80 0.70 -16.75
CA SER A 119 7.42 -0.04 -17.95
C SER A 119 8.31 -1.27 -18.12
N GLY A 120 8.00 -2.30 -17.35
CA GLY A 120 8.76 -3.53 -17.40
C GLY A 120 9.54 -3.75 -16.11
N PRO A 121 10.26 -4.91 -16.05
CA PRO A 121 11.05 -5.24 -14.87
C PRO A 121 12.33 -4.40 -14.82
N SER A 122 13.00 -4.47 -13.68
CA SER A 122 14.23 -3.73 -13.48
C SER A 122 15.15 -3.92 -14.70
N SER A 123 15.48 -5.17 -14.95
CA SER A 123 16.34 -5.50 -16.07
C SER A 123 16.53 -7.01 -16.16
N GLY A 124 16.45 -7.52 -17.38
CA GLY A 124 16.61 -8.95 -17.62
C GLY A 124 18.08 -9.31 -17.85
N GLY A 1 11.99 -18.68 -16.15
CA GLY A 1 10.77 -18.01 -15.73
C GLY A 1 10.33 -18.49 -14.34
N SER A 2 10.29 -17.54 -13.41
CA SER A 2 9.90 -17.85 -12.04
C SER A 2 9.88 -16.57 -11.20
N SER A 3 8.93 -16.52 -10.28
CA SER A 3 8.79 -15.36 -9.41
C SER A 3 8.23 -15.79 -8.05
N GLY A 4 8.79 -15.21 -7.01
CA GLY A 4 8.36 -15.53 -5.65
C GLY A 4 9.30 -16.54 -5.01
N SER A 5 10.19 -16.03 -4.16
CA SER A 5 11.15 -16.87 -3.47
C SER A 5 10.86 -16.87 -1.97
N SER A 6 10.91 -15.67 -1.40
CA SER A 6 10.66 -15.51 0.02
C SER A 6 11.75 -16.23 0.83
N GLY A 7 11.89 -15.80 2.07
CA GLY A 7 12.88 -16.39 2.95
C GLY A 7 13.62 -15.31 3.74
N GLN A 8 14.82 -14.97 3.24
CA GLN A 8 15.63 -13.96 3.89
C GLN A 8 15.20 -12.56 3.43
N LYS A 9 15.30 -12.34 2.13
CA LYS A 9 14.92 -11.06 1.55
C LYS A 9 13.42 -10.84 1.77
N ASN A 10 13.12 -9.79 2.53
CA ASN A 10 11.74 -9.45 2.82
C ASN A 10 10.93 -9.49 1.51
N PRO A 11 9.64 -9.91 1.65
CA PRO A 11 8.76 -10.00 0.51
C PRO A 11 8.30 -8.61 0.07
N ASP A 12 7.94 -7.80 1.06
CA ASP A 12 7.48 -6.45 0.79
C ASP A 12 8.44 -5.77 -0.19
N SER A 13 7.96 -4.70 -0.80
CA SER A 13 8.76 -3.96 -1.76
C SER A 13 9.14 -4.86 -2.94
N TYR A 14 8.59 -4.52 -4.09
CA TYR A 14 8.86 -5.29 -5.30
C TYR A 14 9.72 -4.49 -6.27
N ASN A 15 9.22 -3.32 -6.62
CA ASN A 15 9.94 -2.45 -7.55
C ASN A 15 9.39 -1.03 -7.44
N GLY A 16 8.07 -0.92 -7.63
CA GLY A 16 7.42 0.37 -7.56
C GLY A 16 7.93 1.18 -6.37
N ALA A 17 7.59 2.46 -6.38
CA ALA A 17 8.01 3.36 -5.32
C ALA A 17 7.60 2.76 -3.97
N VAL A 18 8.60 2.57 -3.12
CA VAL A 18 8.35 2.00 -1.81
C VAL A 18 8.62 3.07 -0.74
N ARG A 19 8.21 2.75 0.48
CA ARG A 19 8.39 3.67 1.59
C ARG A 19 8.42 2.91 2.91
N GLU A 20 9.18 3.46 3.85
CA GLU A 20 9.31 2.84 5.17
C GLU A 20 7.95 2.79 5.86
N ASN A 21 7.26 3.92 5.84
CA ASN A 21 5.95 4.01 6.46
C ASN A 21 5.06 2.90 5.92
N TYR A 22 4.88 2.91 4.60
CA TYR A 22 4.05 1.91 3.95
C TYR A 22 4.51 1.68 2.51
N THR A 23 4.70 0.41 2.18
CA THR A 23 5.14 0.04 0.85
C THR A 23 3.94 -0.12 -0.08
N TRP A 24 4.17 0.16 -1.36
CA TRP A 24 3.13 0.04 -2.35
C TRP A 24 3.78 -0.20 -3.72
N SER A 25 2.98 -0.70 -4.64
CA SER A 25 3.48 -0.99 -5.98
C SER A 25 2.36 -0.79 -7.00
N GLN A 26 2.77 -0.64 -8.25
CA GLN A 26 1.82 -0.43 -9.33
C GLN A 26 1.73 -1.69 -10.21
N ASP A 27 0.50 -2.04 -10.55
CA ASP A 27 0.26 -3.22 -11.37
C ASP A 27 -0.60 -2.82 -12.57
N TYR A 28 -0.71 -3.74 -13.51
CA TYR A 28 -1.51 -3.50 -14.71
C TYR A 28 -2.76 -2.69 -14.39
N THR A 29 -3.55 -3.23 -13.47
CA THR A 29 -4.78 -2.57 -13.05
C THR A 29 -5.11 -2.91 -11.60
N ASP A 30 -4.36 -2.30 -10.70
CA ASP A 30 -4.56 -2.53 -9.28
C ASP A 30 -3.31 -2.08 -8.51
N LEU A 31 -3.51 -1.83 -7.22
CA LEU A 31 -2.42 -1.39 -6.37
C LEU A 31 -2.31 -2.32 -5.16
N GLU A 32 -1.08 -2.60 -4.77
CA GLU A 32 -0.82 -3.47 -3.64
C GLU A 32 0.07 -2.77 -2.62
N VAL A 33 -0.56 -2.36 -1.53
CA VAL A 33 0.16 -1.67 -0.46
C VAL A 33 0.11 -2.52 0.81
N ARG A 34 1.30 -2.76 1.35
CA ARG A 34 1.41 -3.56 2.57
C ARG A 34 2.00 -2.72 3.70
N VAL A 35 1.33 -2.79 4.84
CA VAL A 35 1.76 -2.04 6.02
C VAL A 35 2.27 -3.01 7.08
N PRO A 36 3.50 -2.71 7.60
CA PRO A 36 4.09 -3.55 8.62
C PRO A 36 3.42 -3.33 9.97
N VAL A 37 3.26 -4.43 10.70
CA VAL A 37 2.62 -4.37 12.01
C VAL A 37 3.54 -5.05 13.03
N PRO A 38 3.32 -4.68 14.32
CA PRO A 38 4.12 -5.24 15.41
C PRO A 38 3.70 -6.68 15.72
N LYS A 39 4.41 -7.29 16.64
CA LYS A 39 4.13 -8.65 17.03
C LYS A 39 3.05 -8.66 18.12
N HIS A 40 2.43 -7.50 18.29
CA HIS A 40 1.38 -7.35 19.28
C HIS A 40 0.04 -7.16 18.58
N VAL A 41 0.10 -7.05 17.27
CA VAL A 41 -1.10 -6.86 16.47
C VAL A 41 -1.48 -8.19 15.81
N VAL A 42 -2.63 -8.70 16.20
CA VAL A 42 -3.11 -9.97 15.66
C VAL A 42 -4.61 -9.83 15.33
N LYS A 43 -5.32 -9.19 16.25
CA LYS A 43 -6.75 -8.99 16.07
C LYS A 43 -6.98 -7.86 15.06
N GLY A 44 -7.95 -8.08 14.20
CA GLY A 44 -8.28 -7.09 13.19
C GLY A 44 -8.82 -5.81 13.83
N LYS A 45 -9.16 -5.92 15.10
CA LYS A 45 -9.69 -4.78 15.84
C LYS A 45 -8.53 -3.93 16.34
N GLN A 46 -7.34 -4.49 16.26
CA GLN A 46 -6.14 -3.79 16.70
C GLN A 46 -5.68 -2.79 15.63
N VAL A 47 -6.37 -2.84 14.49
CA VAL A 47 -6.04 -1.96 13.39
C VAL A 47 -7.33 -1.40 12.80
N SER A 48 -7.23 -0.19 12.25
CA SER A 48 -8.38 0.46 11.65
C SER A 48 -8.17 0.62 10.15
N VAL A 49 -9.27 0.56 9.41
CA VAL A 49 -9.22 0.68 7.97
C VAL A 49 -10.40 1.52 7.49
N ALA A 50 -10.09 2.73 7.04
CA ALA A 50 -11.12 3.64 6.56
C ALA A 50 -11.04 3.73 5.04
N LEU A 51 -12.01 3.13 4.38
CA LEU A 51 -12.07 3.15 2.93
C LEU A 51 -13.23 4.02 2.47
N SER A 52 -12.94 4.86 1.48
CA SER A 52 -13.95 5.75 0.95
C SER A 52 -13.95 5.69 -0.59
N SER A 53 -12.85 6.15 -1.17
CA SER A 53 -12.70 6.15 -2.61
C SER A 53 -11.38 6.80 -3.01
N SER A 54 -11.06 7.87 -2.29
CA SER A 54 -9.82 8.60 -2.55
C SER A 54 -9.14 8.96 -1.23
N SER A 55 -9.16 8.02 -0.31
CA SER A 55 -8.55 8.24 0.99
C SER A 55 -8.44 6.90 1.74
N ILE A 56 -7.27 6.70 2.34
CA ILE A 56 -7.04 5.47 3.10
C ILE A 56 -6.60 5.84 4.52
N ARG A 57 -6.88 4.92 5.44
CA ARG A 57 -6.53 5.13 6.83
C ARG A 57 -6.10 3.81 7.47
N VAL A 58 -4.81 3.71 7.77
CA VAL A 58 -4.28 2.52 8.39
C VAL A 58 -3.64 2.89 9.73
N ALA A 59 -4.33 2.53 10.80
CA ALA A 59 -3.85 2.81 12.14
C ALA A 59 -3.83 1.51 12.95
N MET A 60 -2.84 1.41 13.82
CA MET A 60 -2.69 0.23 14.65
C MET A 60 -2.72 0.61 16.15
N LEU A 61 -3.44 -0.19 16.91
CA LEU A 61 -3.55 0.05 18.34
C LEU A 61 -2.21 -0.20 19.00
N GLU A 62 -1.83 0.71 19.88
CA GLU A 62 -0.57 0.60 20.59
C GLU A 62 -0.80 0.06 22.01
N GLU A 63 0.28 0.04 22.78
CA GLU A 63 0.21 -0.45 24.14
C GLU A 63 -0.60 0.52 25.02
N ASN A 64 -0.51 1.79 24.66
CA ASN A 64 -1.22 2.83 25.39
C ASN A 64 -1.77 3.86 24.41
N GLY A 65 -2.51 3.36 23.44
CA GLY A 65 -3.11 4.23 22.43
C GLY A 65 -3.08 3.56 21.05
N GLU A 66 -2.76 4.36 20.05
CA GLU A 66 -2.69 3.86 18.68
C GLU A 66 -1.84 4.79 17.82
N ARG A 67 -1.54 4.33 16.61
CA ARG A 67 -0.74 5.11 15.68
C ARG A 67 -1.24 4.90 14.25
N VAL A 68 -1.14 5.96 13.47
CA VAL A 68 -1.58 5.92 12.09
C VAL A 68 -0.39 5.57 11.19
N LEU A 69 -0.29 4.29 10.88
CA LEU A 69 0.80 3.81 10.03
C LEU A 69 0.76 4.56 8.70
N MET A 70 -0.37 4.42 8.02
CA MET A 70 -0.55 5.07 6.73
C MET A 70 -1.91 5.75 6.64
N GLU A 71 -1.91 6.96 6.11
CA GLU A 71 -3.14 7.73 5.96
C GLU A 71 -2.89 8.97 5.10
N GLY A 72 -3.88 9.27 4.27
CA GLY A 72 -3.79 10.42 3.38
C GLY A 72 -4.71 10.26 2.17
N LYS A 73 -5.10 11.40 1.62
CA LYS A 73 -5.99 11.40 0.47
C LYS A 73 -5.29 10.69 -0.70
N LEU A 74 -5.97 9.67 -1.21
CA LEU A 74 -5.43 8.90 -2.32
C LEU A 74 -5.23 9.83 -3.52
N THR A 75 -4.92 9.21 -4.65
CA THR A 75 -4.70 9.95 -5.87
C THR A 75 -6.03 10.29 -6.55
N HIS A 76 -6.96 9.35 -6.43
CA HIS A 76 -8.28 9.53 -7.02
C HIS A 76 -9.27 8.54 -6.40
N LYS A 77 -10.46 8.50 -6.96
CA LYS A 77 -11.49 7.60 -6.48
C LYS A 77 -11.11 6.16 -6.82
N ILE A 78 -11.80 5.23 -6.18
CA ILE A 78 -11.53 3.82 -6.41
C ILE A 78 -12.81 3.02 -6.12
N ASN A 79 -12.67 1.71 -6.15
CA ASN A 79 -13.78 0.82 -5.90
C ASN A 79 -13.63 0.18 -4.51
N THR A 80 -14.08 0.91 -3.51
CA THR A 80 -13.99 0.43 -2.14
C THR A 80 -14.55 -1.00 -2.04
N GLU A 81 -15.71 -1.19 -2.64
CA GLU A 81 -16.35 -2.50 -2.63
C GLU A 81 -15.36 -3.58 -3.06
N SER A 82 -14.78 -3.38 -4.24
CA SER A 82 -13.83 -4.33 -4.77
C SER A 82 -12.57 -4.34 -3.91
N SER A 83 -12.24 -3.17 -3.37
CA SER A 83 -11.07 -3.04 -2.52
C SER A 83 -11.29 -3.79 -1.20
N LEU A 84 -10.36 -4.69 -0.92
CA LEU A 84 -10.44 -5.48 0.30
C LEU A 84 -9.32 -5.05 1.25
N TRP A 85 -9.31 -5.67 2.42
CA TRP A 85 -8.32 -5.36 3.43
C TRP A 85 -8.34 -6.47 4.48
N SER A 86 -7.19 -7.12 4.63
CA SER A 86 -7.06 -8.21 5.59
C SER A 86 -5.87 -7.96 6.50
N LEU A 87 -6.11 -8.13 7.80
CA LEU A 87 -5.06 -7.92 8.78
C LEU A 87 -4.35 -9.25 9.05
N GLU A 88 -3.05 -9.15 9.29
CA GLU A 88 -2.25 -10.32 9.56
C GLU A 88 -1.54 -10.20 10.91
N PRO A 89 -1.59 -11.30 11.69
CA PRO A 89 -0.97 -11.31 13.01
C PRO A 89 0.55 -11.43 12.89
N GLY A 90 1.23 -10.47 13.50
CA GLY A 90 2.69 -10.45 13.47
C GLY A 90 3.21 -10.54 12.04
N LYS A 91 2.61 -9.72 11.17
CA LYS A 91 3.00 -9.69 9.77
C LYS A 91 2.87 -8.26 9.25
N CYS A 92 1.80 -8.05 8.49
CA CYS A 92 1.54 -6.74 7.92
C CYS A 92 0.08 -6.69 7.47
N VAL A 93 -0.32 -5.52 6.99
CA VAL A 93 -1.69 -5.33 6.52
C VAL A 93 -1.71 -5.38 4.99
N LEU A 94 -2.72 -6.05 4.47
CA LEU A 94 -2.87 -6.17 3.03
C LEU A 94 -4.11 -5.41 2.57
N VAL A 95 -3.93 -4.61 1.53
CA VAL A 95 -5.03 -3.82 1.00
C VAL A 95 -4.97 -3.85 -0.53
N ASN A 96 -6.14 -3.88 -1.14
CA ASN A 96 -6.25 -3.91 -2.58
C ASN A 96 -7.14 -2.76 -3.05
N LEU A 97 -6.61 -1.97 -3.96
CA LEU A 97 -7.34 -0.84 -4.50
C LEU A 97 -7.76 -1.15 -5.94
N SER A 98 -9.07 -1.20 -6.15
CA SER A 98 -9.61 -1.48 -7.46
C SER A 98 -9.82 -0.18 -8.23
N LYS A 99 -9.19 -0.10 -9.40
CA LYS A 99 -9.30 1.07 -10.24
C LYS A 99 -10.71 1.13 -10.86
N VAL A 100 -11.34 2.29 -10.72
CA VAL A 100 -12.67 2.47 -11.26
C VAL A 100 -12.58 2.94 -12.72
N GLY A 101 -11.73 2.24 -13.47
CA GLY A 101 -11.53 2.57 -14.87
C GLY A 101 -10.08 2.33 -15.29
N GLU A 102 -9.56 3.26 -16.07
CA GLU A 102 -8.20 3.17 -16.54
C GLU A 102 -7.42 4.45 -16.23
N TYR A 103 -6.75 4.43 -15.09
CA TYR A 103 -5.98 5.59 -14.67
C TYR A 103 -4.54 5.20 -14.31
N TRP A 104 -3.65 6.18 -14.40
CA TRP A 104 -2.25 5.94 -14.09
C TRP A 104 -2.01 6.32 -12.63
N TRP A 105 -1.75 5.30 -11.82
CA TRP A 105 -1.51 5.51 -10.41
C TRP A 105 0.00 5.58 -10.19
N ASN A 106 0.56 6.75 -10.46
CA ASN A 106 1.99 6.96 -10.30
C ASN A 106 2.31 7.17 -8.82
N ALA A 107 1.26 7.12 -8.01
CA ALA A 107 1.41 7.30 -6.58
C ALA A 107 0.12 6.86 -5.87
N ILE A 108 0.21 6.80 -4.55
CA ILE A 108 -0.93 6.40 -3.75
C ILE A 108 -1.65 7.65 -3.21
N LEU A 109 -0.86 8.49 -2.56
CA LEU A 109 -1.40 9.72 -1.99
C LEU A 109 -0.98 10.90 -2.87
N GLU A 110 -1.77 11.97 -2.78
CA GLU A 110 -1.50 13.16 -3.55
C GLU A 110 -0.22 13.84 -3.07
N GLY A 111 0.20 13.45 -1.87
CA GLY A 111 1.40 14.01 -1.28
C GLY A 111 2.66 13.39 -1.91
N GLU A 112 2.54 12.11 -2.26
CA GLU A 112 3.65 11.40 -2.87
C GLU A 112 3.80 11.80 -4.34
N GLU A 113 4.88 12.50 -4.62
CA GLU A 113 5.16 12.95 -5.98
C GLU A 113 4.95 11.80 -6.97
N PRO A 114 4.79 12.19 -8.26
CA PRO A 114 4.58 11.20 -9.31
C PRO A 114 5.89 10.48 -9.65
N ILE A 115 5.81 9.16 -9.61
CA ILE A 115 6.97 8.33 -9.91
C ILE A 115 7.35 8.50 -11.38
N ASP A 116 8.59 8.14 -11.68
CA ASP A 116 9.08 8.25 -13.05
C ASP A 116 10.15 7.18 -13.28
N ILE A 117 9.78 5.94 -13.02
CA ILE A 117 10.70 4.82 -13.19
C ILE A 117 10.89 4.55 -14.68
N ASP A 118 11.71 3.57 -14.97
CA ASP A 118 11.98 3.19 -16.36
C ASP A 118 10.78 2.44 -16.92
N SER A 119 10.07 3.11 -17.80
CA SER A 119 8.89 2.51 -18.43
C SER A 119 9.31 1.40 -19.39
N GLY A 120 9.17 0.16 -18.93
CA GLY A 120 9.53 -0.98 -19.74
C GLY A 120 8.52 -1.21 -20.86
N PRO A 121 8.54 -2.45 -21.42
CA PRO A 121 7.63 -2.80 -22.49
C PRO A 121 6.21 -3.03 -21.97
N SER A 122 5.55 -1.92 -21.67
CA SER A 122 4.19 -1.98 -21.16
C SER A 122 3.39 -0.78 -21.65
N SER A 123 2.08 -0.88 -21.51
CA SER A 123 1.19 0.18 -21.94
C SER A 123 1.37 1.41 -21.03
N GLY A 124 1.42 2.57 -21.67
CA GLY A 124 1.58 3.81 -20.93
C GLY A 124 2.99 4.38 -21.14
N GLY A 1 -2.77 -13.71 3.90
CA GLY A 1 -2.22 -13.07 2.72
C GLY A 1 -1.69 -14.11 1.73
N SER A 2 -1.29 -13.62 0.56
CA SER A 2 -0.76 -14.48 -0.47
C SER A 2 -1.76 -15.61 -0.77
N SER A 3 -2.48 -15.44 -1.87
CA SER A 3 -3.47 -16.43 -2.28
C SER A 3 -3.17 -16.90 -3.71
N GLY A 4 -2.30 -17.89 -3.80
CA GLY A 4 -1.93 -18.44 -5.09
C GLY A 4 -0.69 -17.73 -5.65
N SER A 5 -0.93 -16.85 -6.60
CA SER A 5 0.15 -16.10 -7.22
C SER A 5 0.61 -14.97 -6.29
N SER A 6 1.81 -15.12 -5.77
CA SER A 6 2.38 -14.12 -4.88
C SER A 6 3.37 -13.24 -5.63
N GLY A 7 3.64 -12.09 -5.05
CA GLY A 7 4.58 -11.15 -5.66
C GLY A 7 5.78 -11.88 -6.26
N GLN A 8 5.84 -11.86 -7.59
CA GLN A 8 6.92 -12.52 -8.30
C GLN A 8 7.72 -11.50 -9.12
N LYS A 9 8.96 -11.85 -9.40
CA LYS A 9 9.83 -10.97 -10.17
C LYS A 9 10.03 -9.65 -9.42
N ASN A 10 11.18 -9.05 -9.64
CA ASN A 10 11.51 -7.79 -9.00
C ASN A 10 11.59 -8.00 -7.49
N PRO A 11 12.43 -7.17 -6.83
CA PRO A 11 12.61 -7.25 -5.39
C PRO A 11 11.41 -6.68 -4.65
N ASP A 12 10.23 -6.88 -5.24
CA ASP A 12 9.01 -6.39 -4.65
C ASP A 12 8.94 -4.86 -4.81
N SER A 13 9.92 -4.19 -4.24
CA SER A 13 9.99 -2.74 -4.31
C SER A 13 10.18 -2.30 -5.75
N TYR A 14 9.06 -2.15 -6.46
CA TYR A 14 9.10 -1.74 -7.84
C TYR A 14 9.58 -0.29 -7.97
N ASN A 15 10.19 -0.01 -9.12
CA ASN A 15 10.70 1.34 -9.38
C ASN A 15 9.52 2.30 -9.54
N GLY A 16 9.51 3.31 -8.69
CA GLY A 16 8.46 4.32 -8.74
C GLY A 16 8.05 4.74 -7.33
N ALA A 17 9.07 5.02 -6.52
CA ALA A 17 8.83 5.44 -5.14
C ALA A 17 8.15 4.31 -4.38
N VAL A 18 8.85 3.80 -3.38
CA VAL A 18 8.32 2.72 -2.56
C VAL A 18 8.39 3.12 -1.08
N ARG A 19 8.08 2.16 -0.22
CA ARG A 19 8.11 2.40 1.21
C ARG A 19 7.58 3.80 1.52
N GLU A 20 8.27 4.47 2.43
CA GLU A 20 7.87 5.81 2.82
C GLU A 20 6.67 5.76 3.76
N ASN A 21 6.81 4.96 4.81
CA ASN A 21 5.74 4.82 5.79
C ASN A 21 4.79 3.71 5.33
N TYR A 22 5.05 3.20 4.13
CA TYR A 22 4.22 2.15 3.57
C TYR A 22 4.64 1.84 2.13
N THR A 23 4.81 0.55 1.87
CA THR A 23 5.21 0.11 0.54
C THR A 23 3.97 -0.07 -0.35
N TRP A 24 4.15 0.30 -1.62
CA TRP A 24 3.06 0.19 -2.58
C TRP A 24 3.66 -0.17 -3.94
N SER A 25 2.82 -0.70 -4.80
CA SER A 25 3.26 -1.09 -6.13
C SER A 25 2.08 -1.05 -7.11
N GLN A 26 2.38 -1.35 -8.36
CA GLN A 26 1.36 -1.34 -9.39
C GLN A 26 1.67 -2.41 -10.45
N ASP A 27 0.78 -3.38 -10.56
CA ASP A 27 0.95 -4.45 -11.53
C ASP A 27 -0.36 -4.66 -12.29
N TYR A 28 -0.24 -4.74 -13.60
CA TYR A 28 -1.40 -4.94 -14.45
C TYR A 28 -2.31 -3.71 -14.43
N THR A 29 -2.89 -3.46 -13.26
CA THR A 29 -3.78 -2.32 -13.10
C THR A 29 -4.41 -2.33 -11.70
N ASP A 30 -3.53 -2.21 -10.71
CA ASP A 30 -3.98 -2.20 -9.33
C ASP A 30 -2.92 -1.52 -8.45
N LEU A 31 -3.20 -1.46 -7.16
CA LEU A 31 -2.28 -0.85 -6.22
C LEU A 31 -2.18 -1.73 -4.97
N GLU A 32 -1.10 -2.48 -4.90
CA GLU A 32 -0.87 -3.36 -3.76
C GLU A 32 0.05 -2.68 -2.75
N VAL A 33 -0.56 -2.23 -1.66
CA VAL A 33 0.20 -1.57 -0.61
C VAL A 33 0.09 -2.39 0.69
N ARG A 34 1.25 -2.76 1.21
CA ARG A 34 1.31 -3.54 2.43
C ARG A 34 1.97 -2.74 3.55
N VAL A 35 1.29 -2.69 4.67
CA VAL A 35 1.80 -1.95 5.82
C VAL A 35 2.36 -2.94 6.84
N PRO A 36 3.61 -2.64 7.31
CA PRO A 36 4.27 -3.50 8.28
C PRO A 36 3.67 -3.30 9.67
N VAL A 37 3.47 -4.43 10.36
CA VAL A 37 2.90 -4.40 11.69
C VAL A 37 3.89 -5.05 12.67
N PRO A 38 3.71 -4.71 13.97
CA PRO A 38 4.57 -5.25 15.01
C PRO A 38 4.22 -6.71 15.31
N LYS A 39 4.99 -7.29 16.21
CA LYS A 39 4.77 -8.68 16.59
C LYS A 39 3.72 -8.74 17.70
N HIS A 40 3.07 -7.61 17.91
CA HIS A 40 2.04 -7.51 18.93
C HIS A 40 0.67 -7.32 18.27
N VAL A 41 0.69 -7.20 16.95
CA VAL A 41 -0.52 -7.01 16.19
C VAL A 41 -0.93 -8.34 15.55
N VAL A 42 -2.00 -8.92 16.06
CA VAL A 42 -2.49 -10.18 15.55
C VAL A 42 -4.01 -10.09 15.34
N LYS A 43 -4.67 -9.45 16.29
CA LYS A 43 -6.11 -9.28 16.22
C LYS A 43 -6.43 -8.17 15.22
N GLY A 44 -7.53 -8.39 14.49
CA GLY A 44 -7.97 -7.42 13.50
C GLY A 44 -8.64 -6.23 14.16
N LYS A 45 -8.68 -6.26 15.49
CA LYS A 45 -9.29 -5.18 16.25
C LYS A 45 -8.23 -4.16 16.64
N GLN A 46 -6.97 -4.56 16.46
CA GLN A 46 -5.86 -3.70 16.80
C GLN A 46 -5.40 -2.92 15.56
N VAL A 47 -6.33 -2.75 14.63
CA VAL A 47 -6.04 -2.03 13.39
C VAL A 47 -7.32 -1.39 12.88
N SER A 48 -7.16 -0.15 12.40
CA SER A 48 -8.29 0.59 11.87
C SER A 48 -8.07 0.90 10.38
N VAL A 49 -9.09 0.60 9.60
CA VAL A 49 -9.03 0.84 8.17
C VAL A 49 -10.23 1.69 7.74
N ALA A 50 -9.95 2.65 6.86
CA ALA A 50 -10.99 3.54 6.38
C ALA A 50 -10.95 3.55 4.84
N LEU A 51 -12.02 3.04 4.25
CA LEU A 51 -12.13 2.99 2.80
C LEU A 51 -13.30 3.87 2.35
N SER A 52 -12.99 4.83 1.49
CA SER A 52 -14.01 5.73 0.98
C SER A 52 -13.97 5.73 -0.54
N SER A 53 -12.84 6.19 -1.09
CA SER A 53 -12.67 6.24 -2.52
C SER A 53 -11.36 6.96 -2.86
N SER A 54 -11.21 8.15 -2.28
CA SER A 54 -10.00 8.93 -2.52
C SER A 54 -9.28 9.18 -1.19
N SER A 55 -9.46 8.25 -0.27
CA SER A 55 -8.82 8.35 1.03
C SER A 55 -8.63 6.96 1.63
N ILE A 56 -7.62 6.85 2.48
CA ILE A 56 -7.31 5.58 3.13
C ILE A 56 -6.75 5.85 4.52
N ARG A 57 -6.96 4.89 5.41
CA ARG A 57 -6.48 5.01 6.77
C ARG A 57 -5.93 3.67 7.26
N VAL A 58 -4.76 3.74 7.89
CA VAL A 58 -4.11 2.54 8.40
C VAL A 58 -3.51 2.85 9.78
N ALA A 59 -4.20 2.38 10.80
CA ALA A 59 -3.74 2.59 12.16
C ALA A 59 -3.67 1.24 12.89
N MET A 60 -2.96 1.24 14.01
CA MET A 60 -2.81 0.03 14.80
C MET A 60 -2.83 0.36 16.30
N LEU A 61 -3.56 -0.48 17.03
CA LEU A 61 -3.67 -0.28 18.47
C LEU A 61 -2.35 -0.69 19.14
N GLU A 62 -1.86 0.20 19.99
CA GLU A 62 -0.62 -0.03 20.69
C GLU A 62 -0.90 -0.64 22.08
N GLU A 63 -1.46 0.20 22.94
CA GLU A 63 -1.79 -0.24 24.29
C GLU A 63 -2.73 0.77 24.96
N ASN A 64 -2.21 1.96 25.19
CA ASN A 64 -2.99 3.02 25.81
C ASN A 64 -3.72 3.82 24.73
N GLY A 65 -3.33 3.57 23.50
CA GLY A 65 -3.93 4.26 22.37
C GLY A 65 -3.68 3.50 21.06
N GLU A 66 -3.28 4.25 20.04
CA GLU A 66 -3.01 3.66 18.74
C GLU A 66 -2.08 4.57 17.94
N ARG A 67 -1.74 4.11 16.74
CA ARG A 67 -0.86 4.86 15.87
C ARG A 67 -1.31 4.72 14.41
N VAL A 68 -1.21 5.81 13.68
CA VAL A 68 -1.60 5.82 12.28
C VAL A 68 -0.38 5.50 11.42
N LEU A 69 -0.31 4.24 11.01
CA LEU A 69 0.79 3.79 10.18
C LEU A 69 0.79 4.56 8.85
N MET A 70 -0.36 4.54 8.20
CA MET A 70 -0.53 5.23 6.93
C MET A 70 -1.90 5.88 6.83
N GLU A 71 -1.92 7.07 6.25
CA GLU A 71 -3.16 7.80 6.08
C GLU A 71 -2.95 9.03 5.19
N GLY A 72 -4.00 9.40 4.47
CA GLY A 72 -3.93 10.55 3.59
C GLY A 72 -4.89 10.39 2.42
N LYS A 73 -5.29 11.52 1.86
CA LYS A 73 -6.21 11.52 0.73
C LYS A 73 -5.49 10.96 -0.50
N LEU A 74 -6.08 9.91 -1.06
CA LEU A 74 -5.52 9.27 -2.24
C LEU A 74 -5.47 10.28 -3.39
N THR A 75 -4.74 9.92 -4.43
CA THR A 75 -4.62 10.77 -5.59
C THR A 75 -5.86 10.68 -6.46
N HIS A 76 -6.34 9.46 -6.62
CA HIS A 76 -7.52 9.22 -7.44
C HIS A 76 -8.51 8.35 -6.66
N LYS A 77 -9.72 8.24 -7.20
CA LYS A 77 -10.76 7.45 -6.56
C LYS A 77 -10.51 5.97 -6.83
N ILE A 78 -11.21 5.14 -6.09
CA ILE A 78 -11.07 3.70 -6.24
C ILE A 78 -12.44 3.04 -6.08
N ASN A 79 -12.43 1.71 -6.10
CA ASN A 79 -13.67 0.95 -5.96
C ASN A 79 -13.66 0.24 -4.61
N THR A 80 -13.95 1.01 -3.56
CA THR A 80 -13.98 0.47 -2.22
C THR A 80 -14.60 -0.93 -2.22
N GLU A 81 -15.62 -1.09 -3.04
CA GLU A 81 -16.30 -2.37 -3.16
C GLU A 81 -15.31 -3.47 -3.55
N SER A 82 -14.61 -3.21 -4.65
CA SER A 82 -13.63 -4.17 -5.15
C SER A 82 -12.40 -4.17 -4.26
N SER A 83 -12.26 -3.09 -3.49
CA SER A 83 -11.13 -2.96 -2.58
C SER A 83 -11.43 -3.69 -1.27
N LEU A 84 -10.40 -4.35 -0.75
CA LEU A 84 -10.54 -5.09 0.49
C LEU A 84 -9.43 -4.66 1.46
N TRP A 85 -9.46 -5.26 2.64
CA TRP A 85 -8.47 -4.94 3.66
C TRP A 85 -8.46 -6.08 4.68
N SER A 86 -7.27 -6.63 4.89
CA SER A 86 -7.12 -7.73 5.83
C SER A 86 -5.94 -7.44 6.77
N LEU A 87 -5.96 -8.12 7.91
CA LEU A 87 -4.90 -7.95 8.90
C LEU A 87 -4.15 -9.27 9.06
N GLU A 88 -2.85 -9.16 9.24
CA GLU A 88 -2.00 -10.33 9.40
C GLU A 88 -1.22 -10.23 10.71
N PRO A 89 -1.21 -11.37 11.46
CA PRO A 89 -0.50 -11.44 12.72
C PRO A 89 1.01 -11.51 12.52
N GLY A 90 1.71 -10.54 13.08
CA GLY A 90 3.15 -10.49 12.97
C GLY A 90 3.58 -10.53 11.50
N LYS A 91 2.92 -9.71 10.69
CA LYS A 91 3.22 -9.63 9.28
C LYS A 91 3.04 -8.19 8.79
N CYS A 92 1.94 -7.96 8.11
CA CYS A 92 1.64 -6.63 7.60
C CYS A 92 0.16 -6.58 7.23
N VAL A 93 -0.28 -5.39 6.84
CA VAL A 93 -1.67 -5.18 6.46
C VAL A 93 -1.79 -5.20 4.94
N LEU A 94 -2.71 -6.02 4.46
CA LEU A 94 -2.94 -6.14 3.04
C LEU A 94 -4.11 -5.25 2.63
N VAL A 95 -3.96 -4.58 1.50
CA VAL A 95 -4.99 -3.70 0.99
C VAL A 95 -4.98 -3.72 -0.53
N ASN A 96 -6.15 -3.99 -1.10
CA ASN A 96 -6.29 -4.04 -2.54
C ASN A 96 -7.12 -2.85 -3.03
N LEU A 97 -6.55 -2.10 -3.95
CA LEU A 97 -7.24 -0.94 -4.49
C LEU A 97 -7.56 -1.19 -5.96
N SER A 98 -8.85 -1.31 -6.23
CA SER A 98 -9.31 -1.55 -7.59
C SER A 98 -9.70 -0.23 -8.26
N LYS A 99 -8.81 0.26 -9.11
CA LYS A 99 -9.05 1.50 -9.81
C LYS A 99 -10.44 1.46 -10.45
N VAL A 100 -11.06 2.64 -10.50
CA VAL A 100 -12.39 2.75 -11.08
C VAL A 100 -12.26 3.05 -12.58
N GLY A 101 -11.35 2.33 -13.21
CA GLY A 101 -11.12 2.51 -14.64
C GLY A 101 -9.65 2.27 -15.00
N GLU A 102 -9.14 3.14 -15.86
CA GLU A 102 -7.76 3.03 -16.28
C GLU A 102 -7.03 4.37 -16.08
N TYR A 103 -6.39 4.49 -14.93
CA TYR A 103 -5.66 5.70 -14.61
C TYR A 103 -4.22 5.40 -14.20
N TRP A 104 -3.36 6.38 -14.36
CA TRP A 104 -1.96 6.23 -14.01
C TRP A 104 -1.74 6.85 -12.63
N TRP A 105 -1.62 5.98 -11.63
CA TRP A 105 -1.41 6.43 -10.27
C TRP A 105 0.07 6.73 -10.09
N ASN A 106 0.41 8.01 -10.20
CA ASN A 106 1.78 8.43 -10.05
C ASN A 106 2.21 8.28 -8.58
N ALA A 107 1.21 8.12 -7.73
CA ALA A 107 1.47 7.96 -6.31
C ALA A 107 0.18 7.52 -5.60
N ILE A 108 0.33 7.17 -4.33
CA ILE A 108 -0.81 6.73 -3.55
C ILE A 108 -1.53 7.96 -2.97
N LEU A 109 -0.79 8.71 -2.17
CA LEU A 109 -1.34 9.91 -1.55
C LEU A 109 -0.89 11.14 -2.33
N GLU A 110 -1.40 12.28 -1.93
CA GLU A 110 -1.06 13.54 -2.57
C GLU A 110 0.17 14.16 -1.91
N GLY A 111 0.52 13.61 -0.76
CA GLY A 111 1.67 14.10 -0.01
C GLY A 111 2.98 13.65 -0.66
N GLU A 112 2.92 12.51 -1.32
CA GLU A 112 4.08 11.96 -1.99
C GLU A 112 4.40 12.78 -3.25
N GLU A 113 5.21 12.17 -4.11
CA GLU A 113 5.59 12.83 -5.35
C GLU A 113 5.20 11.97 -6.55
N PRO A 114 5.01 12.65 -7.71
CA PRO A 114 4.63 11.97 -8.93
C PRO A 114 5.81 11.22 -9.53
N ILE A 115 5.72 9.91 -9.50
CA ILE A 115 6.78 9.07 -10.05
C ILE A 115 7.10 9.51 -11.48
N ASP A 116 8.09 8.86 -12.06
CA ASP A 116 8.50 9.18 -13.42
C ASP A 116 7.39 8.76 -14.39
N ILE A 117 6.29 9.50 -14.33
CA ILE A 117 5.16 9.22 -15.19
C ILE A 117 5.66 8.84 -16.59
N ASP A 118 4.90 7.97 -17.25
CA ASP A 118 5.26 7.53 -18.58
C ASP A 118 5.69 8.73 -19.42
N SER A 119 4.78 9.69 -19.53
CA SER A 119 5.04 10.89 -20.30
C SER A 119 5.24 12.08 -19.35
N GLY A 120 6.48 12.23 -18.89
CA GLY A 120 6.82 13.32 -17.98
C GLY A 120 8.31 13.34 -17.70
N PRO A 121 8.66 13.99 -16.56
CA PRO A 121 10.06 14.10 -16.15
C PRO A 121 10.57 12.76 -15.60
N SER A 122 11.88 12.72 -15.36
CA SER A 122 12.50 11.53 -14.83
C SER A 122 13.46 11.88 -13.70
N SER A 123 13.91 10.85 -13.00
CA SER A 123 14.82 11.05 -11.89
C SER A 123 16.10 11.74 -12.38
N GLY A 124 16.41 12.87 -11.75
CA GLY A 124 17.59 13.63 -12.10
C GLY A 124 17.26 15.10 -12.31
#